data_7OOO
# 
_entry.id   7OOO 
# 
_audit_conform.dict_name       mmcif_pdbx.dic 
_audit_conform.dict_version    5.385 
_audit_conform.dict_location   http://mmcif.pdb.org/dictionaries/ascii/mmcif_pdbx.dic 
# 
loop_
_database_2.database_id 
_database_2.database_code 
_database_2.pdbx_database_accession 
_database_2.pdbx_DOI 
PDB   7OOO         pdb_00007ooo 10.2210/pdb7ooo/pdb 
WWPDB D_1292116128 ?            ?                   
# 
loop_
_pdbx_audit_revision_history.ordinal 
_pdbx_audit_revision_history.data_content_type 
_pdbx_audit_revision_history.major_revision 
_pdbx_audit_revision_history.minor_revision 
_pdbx_audit_revision_history.revision_date 
1 'Structure model' 1 0 2022-08-03 
2 'Structure model' 2 0 2023-03-15 
3 'Structure model' 2 1 2024-02-07 
# 
_pdbx_audit_revision_details.ordinal             1 
_pdbx_audit_revision_details.revision_ordinal    1 
_pdbx_audit_revision_details.data_content_type   'Structure model' 
_pdbx_audit_revision_details.provider            repository 
_pdbx_audit_revision_details.type                'Initial release' 
_pdbx_audit_revision_details.description         ? 
_pdbx_audit_revision_details.details             ? 
# 
loop_
_pdbx_audit_revision_group.ordinal 
_pdbx_audit_revision_group.revision_ordinal 
_pdbx_audit_revision_group.data_content_type 
_pdbx_audit_revision_group.group 
1 2 'Structure model' 'Atomic model'            
2 2 'Structure model' 'Derived calculations'    
3 2 'Structure model' 'Non-polymer description' 
4 2 'Structure model' 'Polymer sequence'        
5 2 'Structure model' 'Structure summary'       
6 3 'Structure model' 'Data collection'         
7 3 'Structure model' 'Refinement description'  
# 
loop_
_pdbx_audit_revision_category.ordinal 
_pdbx_audit_revision_category.revision_ordinal 
_pdbx_audit_revision_category.data_content_type 
_pdbx_audit_revision_category.category 
1 2 'Structure model' atom_site                     
2 2 'Structure model' chem_comp                     
3 2 'Structure model' entity                        
4 2 'Structure model' entity_poly                   
5 2 'Structure model' struct_conn                   
6 3 'Structure model' chem_comp_atom                
7 3 'Structure model' chem_comp_bond                
8 3 'Structure model' pdbx_initial_refinement_model 
# 
loop_
_pdbx_audit_revision_item.ordinal 
_pdbx_audit_revision_item.revision_ordinal 
_pdbx_audit_revision_item.data_content_type 
_pdbx_audit_revision_item.item 
1 2 'Structure model' '_atom_site.auth_atom_id'                   
2 2 'Structure model' '_atom_site.label_atom_id'                  
3 2 'Structure model' '_chem_comp.formula'                        
4 2 'Structure model' '_chem_comp.formula_weight'                 
5 2 'Structure model' '_chem_comp.name'                           
6 2 'Structure model' '_entity.formula_weight'                    
7 2 'Structure model' '_entity.pdbx_description'                  
8 2 'Structure model' '_entity_poly.pdbx_seq_one_letter_code_can' 
9 2 'Structure model' '_struct_conn.pdbx_leaving_atom_flag'       
# 
_pdbx_database_status.status_code                     REL 
_pdbx_database_status.status_code_sf                  REL 
_pdbx_database_status.status_code_mr                  ? 
_pdbx_database_status.entry_id                        7OOO 
_pdbx_database_status.recvd_initial_deposition_date   2021-05-28 
_pdbx_database_status.SG_entry                        N 
_pdbx_database_status.deposit_site                    PDBE 
_pdbx_database_status.process_site                    PDBE 
_pdbx_database_status.status_code_cs                  ? 
_pdbx_database_status.status_code_nmr_data            ? 
_pdbx_database_status.methods_development_category    ? 
_pdbx_database_status.pdb_format_compatible           Y 
# 
loop_
_audit_author.name 
_audit_author.pdbx_ordinal 
_audit_author.identifier_ORCID 
'Thorpe, C.'       1 0000-0002-1980-678X 
'Hardwick, J.'     2 0000-0002-3117-1035 
'McDonough, M.A.'  3 0000-0003-4664-6942 
'Hall, J.P.'       4 0000-0003-3716-4378 
'Baker, Y.R.'      5 0000-0002-0266-771X 
'El-Sagheer, A.H.' 6 0000-0001-8706-1292 
'Brown, T.'        7 0000-0002-6538-3036 
# 
_citation.abstract                  ? 
_citation.abstract_id_CAS           ? 
_citation.book_id_ISBN              ? 
_citation.book_publisher            ? 
_citation.book_publisher_city       ? 
_citation.book_title                ? 
_citation.coordinate_linkage        ? 
_citation.country                   UK 
_citation.database_id_Medline       ? 
_citation.details                   ? 
_citation.id                        primary 
_citation.journal_abbrev            'Nat Commun' 
_citation.journal_id_ASTM           ? 
_citation.journal_id_CSD            ? 
_citation.journal_id_ISSN           2041-1723 
_citation.journal_full              ? 
_citation.journal_issue             ? 
_citation.journal_volume            13 
_citation.language                  ? 
_citation.page_first                4036 
_citation.page_last                 4036 
_citation.title                     
'An LNA-amide modification that enhances the cell uptake and activity of phosphorothioate exon-skipping oligonucleotides.' 
_citation.year                      2022 
_citation.database_id_CSD           ? 
_citation.pdbx_database_id_DOI      10.1038/s41467-022-31636-2 
_citation.pdbx_database_id_PubMed   35821218 
_citation.pdbx_database_id_patent   ? 
_citation.unpublished_flag          ? 
# 
loop_
_citation_author.citation_id 
_citation_author.name 
_citation_author.ordinal 
_citation_author.identifier_ORCID 
primary 'Baker, Y.R.'       1  0000-0002-0266-771X 
primary 'Thorpe, C.'        2  0000-0002-1980-678X 
primary 'Chen, J.'          3  ?                   
primary 'Poller, L.M.'      4  0000-0001-7385-0071 
primary 'Cox, L.'           5  0000-0001-9450-6819 
primary 'Kumar, P.'         6  ?                   
primary 'Lim, W.F.'         7  0000-0002-1238-3040 
primary 'Lie, L.'           8  ?                   
primary 'McClorey, G.'      9  ?                   
primary 'Epple, S.'         10 0000-0002-9078-3250 
primary 'Singleton, D.'     11 ?                   
primary 'McDonough, M.A.'   12 0000-0003-4664-6942 
primary 'Hardwick, J.S.'    13 0000-0002-3117-1035 
primary 'Christensen, K.E.' 14 0000-0003-1683-2066 
primary 'Wood, M.J.A.'      15 0000-0002-5436-6011 
primary 'Hall, J.P.'        16 0000-0003-3716-4378 
primary 'El-Sagheer, A.H.'  17 0000-0001-8706-1292 
primary 'Brown, T.'         18 0000-0002-6538-3036 
# 
loop_
_entity.id 
_entity.type 
_entity.src_method 
_entity.pdbx_description 
_entity.formula_weight 
_entity.pdbx_number_of_molecules 
_entity.pdbx_ec 
_entity.pdbx_mutation 
_entity.pdbx_fragment 
_entity.details 
1 polymer     syn 
;RNA (5'-R(*CP*AP*AP*AP*GP*AP*AP*AP*AP*G)-3')
;
3255.076 2 ? ? ? ? 
2 polymer     syn 
;DNA (5'-D(*CP*TP*(05A)P*TP*CP*TP*TP*TP*G)-3')
;
3009.055 2 ? ? ? ? 
3 non-polymer syn 'MAGNESIUM ION'                                 24.305   2 ? ? ? ? 
4 water       nat water                                           18.015   1 ? ? ? ? 
# 
loop_
_entity_poly.entity_id 
_entity_poly.type 
_entity_poly.nstd_linkage 
_entity_poly.nstd_monomer 
_entity_poly.pdbx_seq_one_letter_code 
_entity_poly.pdbx_seq_one_letter_code_can 
_entity_poly.pdbx_strand_id 
_entity_poly.pdbx_target_identifier 
1 polyribonucleotide      no no  CAAAGAAAAG                              CAAAGAAAAG A,D ? 
2 polydeoxyribonucleotide no yes '(DC)(DT)(05A)(DT)(DC)(DT)(DT)(DT)(DG)' CTXTCTTTG  B,E ? 
# 
loop_
_pdbx_entity_nonpoly.entity_id 
_pdbx_entity_nonpoly.name 
_pdbx_entity_nonpoly.comp_id 
3 'MAGNESIUM ION' MG  
4 water           HOH 
# 
loop_
_entity_poly_seq.entity_id 
_entity_poly_seq.num 
_entity_poly_seq.mon_id 
_entity_poly_seq.hetero 
1 1  C   n 
1 2  A   n 
1 3  A   n 
1 4  A   n 
1 5  G   n 
1 6  A   n 
1 7  A   n 
1 8  A   n 
1 9  A   n 
1 10 G   n 
2 1  DC  n 
2 2  DT  n 
2 3  05A n 
2 4  DT  n 
2 5  DC  n 
2 6  DT  n 
2 7  DT  n 
2 8  DT  n 
2 9  DG  n 
# 
loop_
_pdbx_entity_src_syn.entity_id 
_pdbx_entity_src_syn.pdbx_src_id 
_pdbx_entity_src_syn.pdbx_alt_source_flag 
_pdbx_entity_src_syn.pdbx_beg_seq_num 
_pdbx_entity_src_syn.pdbx_end_seq_num 
_pdbx_entity_src_syn.organism_scientific 
_pdbx_entity_src_syn.organism_common_name 
_pdbx_entity_src_syn.ncbi_taxonomy_id 
_pdbx_entity_src_syn.details 
1 1 sample 1 10 'synthetic construct' ? 32630 ? 
2 1 sample 1 9  'synthetic construct' ? 32630 ? 
# 
loop_
_chem_comp.id 
_chem_comp.type 
_chem_comp.mon_nstd_flag 
_chem_comp.name 
_chem_comp.pdbx_synonyms 
_chem_comp.formula 
_chem_comp.formula_weight 
05A 'DNA linking' n 
;[(1R,3R,4R,7S)-3-[5-methyl-2,4-bis(oxidanylidene)pyrimidin-1-yl]-7-[2-[[(1S,3R,4R,7S)-3-[5-methyl-2,4-bis(oxidanylidene)pyrimidin-1-yl]-7-oxidanyl-2,5-dioxabicyclo[2.2.1]heptan-1-yl]methylamino]-2-oxidanylidene-ethyl]-2,5-dioxabicyclo[2.2.1]heptan-1-yl]methyl dihydrogen phosphate
;
? 'C24 H30 N5 O14 P' 643.494 
A   'RNA linking' y "ADENOSINE-5'-MONOPHOSPHATE" ? 'C10 H14 N5 O7 P'  347.221 
C   'RNA linking' y "CYTIDINE-5'-MONOPHOSPHATE" ? 'C9 H14 N3 O8 P'   323.197 
DC  'DNA linking' y "2'-DEOXYCYTIDINE-5'-MONOPHOSPHATE" ? 'C9 H14 N3 O7 P'   307.197 
DG  'DNA linking' y "2'-DEOXYGUANOSINE-5'-MONOPHOSPHATE" ? 'C10 H14 N5 O7 P'  347.221 
DT  'DNA linking' y "THYMIDINE-5'-MONOPHOSPHATE" ? 'C10 H15 N2 O8 P'  322.208 
G   'RNA linking' y "GUANOSINE-5'-MONOPHOSPHATE" ? 'C10 H14 N5 O8 P'  363.221 
HOH non-polymer   . WATER ? 'H2 O'             18.015  
MG  non-polymer   . 'MAGNESIUM ION' ? 'Mg 2'             24.305  
# 
loop_
_pdbx_poly_seq_scheme.asym_id 
_pdbx_poly_seq_scheme.entity_id 
_pdbx_poly_seq_scheme.seq_id 
_pdbx_poly_seq_scheme.mon_id 
_pdbx_poly_seq_scheme.ndb_seq_num 
_pdbx_poly_seq_scheme.pdb_seq_num 
_pdbx_poly_seq_scheme.auth_seq_num 
_pdbx_poly_seq_scheme.pdb_mon_id 
_pdbx_poly_seq_scheme.auth_mon_id 
_pdbx_poly_seq_scheme.pdb_strand_id 
_pdbx_poly_seq_scheme.pdb_ins_code 
_pdbx_poly_seq_scheme.hetero 
A 1 1  C   1  1  1  C   C   A . n 
A 1 2  A   2  2  2  A   A   A . n 
A 1 3  A   3  3  3  A   A   A . n 
A 1 4  A   4  4  4  A   A   A . n 
A 1 5  G   5  5  5  G   G   A . n 
A 1 6  A   6  6  6  A   A   A . n 
A 1 7  A   7  7  7  A   A   A . n 
A 1 8  A   8  8  8  A   A   A . n 
A 1 9  A   9  9  9  A   A   A . n 
A 1 10 G   10 10 10 G   G   A . n 
B 2 1  DC  1  11 11 DC  DC  B . n 
B 2 2  DT  2  12 12 DT  DT  B . n 
B 2 3  05A 3  13 13 05A RWQ B . n 
B 2 4  DT  4  14 14 DT  DT  B . n 
B 2 5  DC  5  15 15 DC  DC  B . n 
B 2 6  DT  6  16 16 DT  DT  B . n 
B 2 7  DT  7  17 17 DT  DT  B . n 
B 2 8  DT  8  18 18 DT  DT  B . n 
B 2 9  DG  9  19 19 DG  DG  B . n 
C 1 1  C   1  1  1  C   C   D . n 
C 1 2  A   2  2  2  A   A   D . n 
C 1 3  A   3  3  3  A   A   D . n 
C 1 4  A   4  4  4  A   A   D . n 
C 1 5  G   5  5  5  G   G   D . n 
C 1 6  A   6  6  6  A   A   D . n 
C 1 7  A   7  7  7  A   A   D . n 
C 1 8  A   8  8  8  A   A   D . n 
C 1 9  A   9  9  9  A   A   D . n 
C 1 10 G   10 10 10 G   G   D . n 
D 2 1  DC  1  11 11 DC  DC  E . n 
D 2 2  DT  2  12 12 DT  DT  E . n 
D 2 3  05A 3  13 13 05A RWQ E . n 
D 2 4  DT  4  14 14 DT  DT  E . n 
D 2 5  DC  5  15 15 DC  DC  E . n 
D 2 6  DT  6  16 16 DT  DT  E . n 
D 2 7  DT  7  17 17 DT  DT  E . n 
D 2 8  DT  8  18 18 DT  DT  E . n 
D 2 9  DG  9  19 19 DG  DG  E . n 
# 
loop_
_pdbx_nonpoly_scheme.asym_id 
_pdbx_nonpoly_scheme.entity_id 
_pdbx_nonpoly_scheme.mon_id 
_pdbx_nonpoly_scheme.ndb_seq_num 
_pdbx_nonpoly_scheme.pdb_seq_num 
_pdbx_nonpoly_scheme.auth_seq_num 
_pdbx_nonpoly_scheme.pdb_mon_id 
_pdbx_nonpoly_scheme.auth_mon_id 
_pdbx_nonpoly_scheme.pdb_strand_id 
_pdbx_nonpoly_scheme.pdb_ins_code 
E 3 MG  1 101 1 MG  MG  B . 
F 3 MG  1 101 2 MG  MG  D . 
G 4 HOH 1 101 1 HOH HOH E . 
# 
loop_
_software.citation_id 
_software.classification 
_software.compiler_name 
_software.compiler_version 
_software.contact_author 
_software.contact_author_email 
_software.date 
_software.description 
_software.dependencies 
_software.hardware 
_software.language 
_software.location 
_software.mods 
_software.name 
_software.os 
_software.os_version 
_software.type 
_software.version 
_software.pdbx_ordinal 
? refinement       ? ? ? ? ? ? ? ? ? ? ? PHENIX  ? ? ? '(1.19.2_4158: ???)' 1 
? 'data reduction' ? ? ? ? ? ? ? ? ? ? ? XDS     ? ? ? .                    2 
? 'data scaling'   ? ? ? ? ? ? ? ? ? ? ? Aimless ? ? ? .                    3 
? phasing          ? ? ? ? ? ? ? ? ? ? ? PHASER  ? ? ? .                    4 
# 
_cell.angle_alpha                  90.00 
_cell.angle_alpha_esd              ? 
_cell.angle_beta                   90.00 
_cell.angle_beta_esd               ? 
_cell.angle_gamma                  120.00 
_cell.angle_gamma_esd              ? 
_cell.entry_id                     7OOO 
_cell.details                      ? 
_cell.formula_units_Z              ? 
_cell.length_a                     49.150 
_cell.length_a_esd                 ? 
_cell.length_b                     49.150 
_cell.length_b_esd                 ? 
_cell.length_c                     90.960 
_cell.length_c_esd                 ? 
_cell.volume                       ? 
_cell.volume_esd                   ? 
_cell.Z_PDB                        12 
_cell.reciprocal_angle_alpha       ? 
_cell.reciprocal_angle_beta        ? 
_cell.reciprocal_angle_gamma       ? 
_cell.reciprocal_angle_alpha_esd   ? 
_cell.reciprocal_angle_beta_esd    ? 
_cell.reciprocal_angle_gamma_esd   ? 
_cell.reciprocal_length_a          ? 
_cell.reciprocal_length_b          ? 
_cell.reciprocal_length_c          ? 
_cell.reciprocal_length_a_esd      ? 
_cell.reciprocal_length_b_esd      ? 
_cell.reciprocal_length_c_esd      ? 
_cell.pdbx_unique_axis             ? 
# 
_symmetry.entry_id                         7OOO 
_symmetry.cell_setting                     ? 
_symmetry.Int_Tables_number                154 
_symmetry.space_group_name_Hall            ? 
_symmetry.space_group_name_H-M             'P 32 2 1' 
_symmetry.pdbx_full_space_group_name_H-M   ? 
# 
_exptl.absorpt_coefficient_mu     ? 
_exptl.absorpt_correction_T_max   ? 
_exptl.absorpt_correction_T_min   ? 
_exptl.absorpt_correction_type    ? 
_exptl.absorpt_process_details    ? 
_exptl.entry_id                   7OOO 
_exptl.crystals_number            1 
_exptl.details                    ? 
_exptl.method                     'X-RAY DIFFRACTION' 
_exptl.method_details             ? 
# 
_exptl_crystal.colour                      ? 
_exptl_crystal.density_diffrn              ? 
_exptl_crystal.density_Matthews            2.54 
_exptl_crystal.density_method              ? 
_exptl_crystal.density_percent_sol         51.54 
_exptl_crystal.description                 ? 
_exptl_crystal.F_000                       ? 
_exptl_crystal.id                          1 
_exptl_crystal.preparation                 ? 
_exptl_crystal.size_max                    ? 
_exptl_crystal.size_mid                    ? 
_exptl_crystal.size_min                    ? 
_exptl_crystal.size_rad                    ? 
_exptl_crystal.colour_lustre               ? 
_exptl_crystal.colour_modifier             ? 
_exptl_crystal.colour_primary              ? 
_exptl_crystal.density_meas                ? 
_exptl_crystal.density_meas_esd            ? 
_exptl_crystal.density_meas_gt             ? 
_exptl_crystal.density_meas_lt             ? 
_exptl_crystal.density_meas_temp           ? 
_exptl_crystal.density_meas_temp_esd       ? 
_exptl_crystal.density_meas_temp_gt        ? 
_exptl_crystal.density_meas_temp_lt        ? 
_exptl_crystal.pdbx_crystal_image_url      ? 
_exptl_crystal.pdbx_crystal_image_format   ? 
_exptl_crystal.pdbx_mosaicity              ? 
_exptl_crystal.pdbx_mosaicity_esd          ? 
# 
_exptl_crystal_grow.apparatus       ? 
_exptl_crystal_grow.atmosphere      ? 
_exptl_crystal_grow.crystal_id      1 
_exptl_crystal_grow.details         ? 
_exptl_crystal_grow.method          'VAPOR DIFFUSION, SITTING DROP' 
_exptl_crystal_grow.method_ref      ? 
_exptl_crystal_grow.pH              6.0 
_exptl_crystal_grow.pressure        ? 
_exptl_crystal_grow.pressure_esd    ? 
_exptl_crystal_grow.seeding         ? 
_exptl_crystal_grow.seeding_ref     ? 
_exptl_crystal_grow.temp            298 
_exptl_crystal_grow.temp_details    ? 
_exptl_crystal_grow.temp_esd        ? 
_exptl_crystal_grow.time            ? 
_exptl_crystal_grow.pdbx_details    
;Drop solution  0.5 mM duplex, 40 mM Sodium chloride, 6.0 mM Potassium chloride, 20 mM Sodium cacodylate trihydrate pH 6.0, 15% (v/v) MPD, 6.0 mM Spermine tetrahydrochloride; Well solution  Component concentrations are double the concentration of the drop solution and do not contain the oligonucleotide duplex
;
_exptl_crystal_grow.pdbx_pH_range   ? 
# 
_diffrn.ambient_environment              ? 
_diffrn.ambient_temp                     100 
_diffrn.ambient_temp_details             ? 
_diffrn.ambient_temp_esd                 ? 
_diffrn.crystal_id                       1 
_diffrn.crystal_support                  ? 
_diffrn.crystal_treatment                ? 
_diffrn.details                          ? 
_diffrn.id                               1 
_diffrn.ambient_pressure                 ? 
_diffrn.ambient_pressure_esd             ? 
_diffrn.ambient_pressure_gt              ? 
_diffrn.ambient_pressure_lt              ? 
_diffrn.ambient_temp_gt                  ? 
_diffrn.ambient_temp_lt                  ? 
_diffrn.pdbx_serial_crystal_experiment   N 
# 
_diffrn_detector.details                      ? 
_diffrn_detector.detector                     PIXEL 
_diffrn_detector.diffrn_id                    1 
_diffrn_detector.type                         'DECTRIS EIGER2 XE 16M' 
_diffrn_detector.area_resol_mean              ? 
_diffrn_detector.dtime                        ? 
_diffrn_detector.pdbx_frames_total            ? 
_diffrn_detector.pdbx_collection_time_total   ? 
_diffrn_detector.pdbx_collection_date         2020-02-10 
_diffrn_detector.pdbx_frequency               ? 
# 
_diffrn_radiation.collimation                      ? 
_diffrn_radiation.diffrn_id                        1 
_diffrn_radiation.filter_edge                      ? 
_diffrn_radiation.inhomogeneity                    ? 
_diffrn_radiation.monochromator                    ? 
_diffrn_radiation.polarisn_norm                    ? 
_diffrn_radiation.polarisn_ratio                   ? 
_diffrn_radiation.probe                            ? 
_diffrn_radiation.type                             ? 
_diffrn_radiation.xray_symbol                      ? 
_diffrn_radiation.wavelength_id                    1 
_diffrn_radiation.pdbx_monochromatic_or_laue_m_l   M 
_diffrn_radiation.pdbx_wavelength_list             ? 
_diffrn_radiation.pdbx_wavelength                  ? 
_diffrn_radiation.pdbx_diffrn_protocol             'SINGLE WAVELENGTH' 
_diffrn_radiation.pdbx_analyzer                    ? 
_diffrn_radiation.pdbx_scattering_type             x-ray 
# 
_diffrn_radiation_wavelength.id           1 
_diffrn_radiation_wavelength.wavelength   0.97950 
_diffrn_radiation_wavelength.wt           1.0 
# 
_diffrn_source.current                     ? 
_diffrn_source.details                     ? 
_diffrn_source.diffrn_id                   1 
_diffrn_source.power                       ? 
_diffrn_source.size                        ? 
_diffrn_source.source                      SYNCHROTRON 
_diffrn_source.target                      ? 
_diffrn_source.type                        'DIAMOND BEAMLINE I04' 
_diffrn_source.voltage                     ? 
_diffrn_source.take-off_angle              ? 
_diffrn_source.pdbx_wavelength_list        0.97950 
_diffrn_source.pdbx_wavelength             ? 
_diffrn_source.pdbx_synchrotron_beamline   I04 
_diffrn_source.pdbx_synchrotron_site       Diamond 
# 
_reflns.B_iso_Wilson_estimate                          ? 
_reflns.entry_id                                       7OOO 
_reflns.data_reduction_details                         ? 
_reflns.data_reduction_method                          ? 
_reflns.d_resolution_high                              2.56 
_reflns.d_resolution_low                               31.08 
_reflns.details                                        ? 
_reflns.limit_h_max                                    ? 
_reflns.limit_h_min                                    ? 
_reflns.limit_k_max                                    ? 
_reflns.limit_k_min                                    ? 
_reflns.limit_l_max                                    ? 
_reflns.limit_l_min                                    ? 
_reflns.number_all                                     ? 
_reflns.number_obs                                     4398 
_reflns.observed_criterion                             ? 
_reflns.observed_criterion_F_max                       ? 
_reflns.observed_criterion_F_min                       ? 
_reflns.observed_criterion_I_max                       ? 
_reflns.observed_criterion_I_min                       ? 
_reflns.observed_criterion_sigma_F                     ? 
_reflns.observed_criterion_sigma_I                     ? 
_reflns.percent_possible_obs                           99.4 
_reflns.R_free_details                                 ? 
_reflns.Rmerge_F_all                                   ? 
_reflns.Rmerge_F_obs                                   ? 
_reflns.Friedel_coverage                               ? 
_reflns.number_gt                                      ? 
_reflns.threshold_expression                           ? 
_reflns.pdbx_redundancy                                18.7 
_reflns.pdbx_Rmerge_I_obs                              ? 
_reflns.pdbx_Rmerge_I_all                              ? 
_reflns.pdbx_Rsym_value                                ? 
_reflns.pdbx_netI_over_av_sigmaI                       ? 
_reflns.pdbx_netI_over_sigmaI                          19.8 
_reflns.pdbx_res_netI_over_av_sigmaI_2                 ? 
_reflns.pdbx_res_netI_over_sigmaI_2                    ? 
_reflns.pdbx_chi_squared                               ? 
_reflns.pdbx_scaling_rejects                           ? 
_reflns.pdbx_d_res_high_opt                            ? 
_reflns.pdbx_d_res_low_opt                             ? 
_reflns.pdbx_d_res_opt_method                          ? 
_reflns.phase_calculation_details                      ? 
_reflns.pdbx_Rrim_I_all                                ? 
_reflns.pdbx_Rpim_I_all                                ? 
_reflns.pdbx_d_opt                                     ? 
_reflns.pdbx_number_measured_all                       ? 
_reflns.pdbx_diffrn_id                                 1 
_reflns.pdbx_ordinal                                   1 
_reflns.pdbx_CC_half                                   0.999 
_reflns.pdbx_CC_star                                   ? 
_reflns.pdbx_R_split                                   ? 
_reflns.pdbx_aniso_diffraction_limit_axis_1_ortho[1]   ? 
_reflns.pdbx_aniso_diffraction_limit_axis_1_ortho[2]   ? 
_reflns.pdbx_aniso_diffraction_limit_axis_1_ortho[3]   ? 
_reflns.pdbx_aniso_diffraction_limit_axis_2_ortho[1]   ? 
_reflns.pdbx_aniso_diffraction_limit_axis_2_ortho[2]   ? 
_reflns.pdbx_aniso_diffraction_limit_axis_2_ortho[3]   ? 
_reflns.pdbx_aniso_diffraction_limit_axis_3_ortho[1]   ? 
_reflns.pdbx_aniso_diffraction_limit_axis_3_ortho[2]   ? 
_reflns.pdbx_aniso_diffraction_limit_axis_3_ortho[3]   ? 
_reflns.pdbx_aniso_diffraction_limit_1                 ? 
_reflns.pdbx_aniso_diffraction_limit_2                 ? 
_reflns.pdbx_aniso_diffraction_limit_3                 ? 
_reflns.pdbx_aniso_B_tensor_eigenvector_1_ortho[1]     ? 
_reflns.pdbx_aniso_B_tensor_eigenvector_1_ortho[2]     ? 
_reflns.pdbx_aniso_B_tensor_eigenvector_1_ortho[3]     ? 
_reflns.pdbx_aniso_B_tensor_eigenvector_2_ortho[1]     ? 
_reflns.pdbx_aniso_B_tensor_eigenvector_2_ortho[2]     ? 
_reflns.pdbx_aniso_B_tensor_eigenvector_2_ortho[3]     ? 
_reflns.pdbx_aniso_B_tensor_eigenvector_3_ortho[1]     ? 
_reflns.pdbx_aniso_B_tensor_eigenvector_3_ortho[2]     ? 
_reflns.pdbx_aniso_B_tensor_eigenvector_3_ortho[3]     ? 
_reflns.pdbx_aniso_B_tensor_eigenvalue_1               ? 
_reflns.pdbx_aniso_B_tensor_eigenvalue_2               ? 
_reflns.pdbx_aniso_B_tensor_eigenvalue_3               ? 
_reflns.pdbx_orthogonalization_convention              ? 
_reflns.pdbx_percent_possible_ellipsoidal              ? 
_reflns.pdbx_percent_possible_spherical                ? 
_reflns.pdbx_percent_possible_ellipsoidal_anomalous    ? 
_reflns.pdbx_percent_possible_spherical_anomalous      ? 
_reflns.pdbx_redundancy_anomalous                      ? 
_reflns.pdbx_CC_half_anomalous                         ? 
_reflns.pdbx_absDiff_over_sigma_anomalous              ? 
_reflns.pdbx_percent_possible_anomalous                ? 
_reflns.pdbx_observed_signal_threshold                 ? 
_reflns.pdbx_signal_type                               ? 
_reflns.pdbx_signal_details                            ? 
_reflns.pdbx_signal_software_id                        ? 
# 
_reflns_shell.d_res_high                                    2.56 
_reflns_shell.d_res_low                                     2.63 
_reflns_shell.meanI_over_sigI_all                           ? 
_reflns_shell.meanI_over_sigI_obs                           ? 
_reflns_shell.number_measured_all                           ? 
_reflns_shell.number_measured_obs                           ? 
_reflns_shell.number_possible                               ? 
_reflns_shell.number_unique_all                             ? 
_reflns_shell.number_unique_obs                             309 
_reflns_shell.percent_possible_all                          ? 
_reflns_shell.percent_possible_obs                          ? 
_reflns_shell.Rmerge_F_all                                  ? 
_reflns_shell.Rmerge_F_obs                                  ? 
_reflns_shell.Rmerge_I_all                                  ? 
_reflns_shell.Rmerge_I_obs                                  ? 
_reflns_shell.meanI_over_sigI_gt                            ? 
_reflns_shell.meanI_over_uI_all                             ? 
_reflns_shell.meanI_over_uI_gt                              ? 
_reflns_shell.number_measured_gt                            ? 
_reflns_shell.number_unique_gt                              ? 
_reflns_shell.percent_possible_gt                           ? 
_reflns_shell.Rmerge_F_gt                                   ? 
_reflns_shell.Rmerge_I_gt                                   ? 
_reflns_shell.pdbx_redundancy                               ? 
_reflns_shell.pdbx_Rsym_value                               ? 
_reflns_shell.pdbx_chi_squared                              ? 
_reflns_shell.pdbx_netI_over_sigmaI_all                     ? 
_reflns_shell.pdbx_netI_over_sigmaI_obs                     ? 
_reflns_shell.pdbx_Rrim_I_all                               ? 
_reflns_shell.pdbx_Rpim_I_all                               ? 
_reflns_shell.pdbx_rejects                                  ? 
_reflns_shell.pdbx_ordinal                                  1 
_reflns_shell.pdbx_diffrn_id                                1 
_reflns_shell.pdbx_CC_half                                  0.329 
_reflns_shell.pdbx_CC_star                                  ? 
_reflns_shell.pdbx_R_split                                  ? 
_reflns_shell.pdbx_percent_possible_ellipsoidal             ? 
_reflns_shell.pdbx_percent_possible_spherical               ? 
_reflns_shell.pdbx_percent_possible_ellipsoidal_anomalous   ? 
_reflns_shell.pdbx_percent_possible_spherical_anomalous     ? 
_reflns_shell.pdbx_redundancy_anomalous                     ? 
_reflns_shell.pdbx_CC_half_anomalous                        ? 
_reflns_shell.pdbx_absDiff_over_sigma_anomalous             ? 
_reflns_shell.pdbx_percent_possible_anomalous               ? 
# 
_refine.aniso_B[1][1]                            ? 
_refine.aniso_B[1][2]                            ? 
_refine.aniso_B[1][3]                            ? 
_refine.aniso_B[2][2]                            ? 
_refine.aniso_B[2][3]                            ? 
_refine.aniso_B[3][3]                            ? 
_refine.B_iso_max                                ? 
_refine.B_iso_mean                               ? 
_refine.B_iso_min                                ? 
_refine.correlation_coeff_Fo_to_Fc               ? 
_refine.correlation_coeff_Fo_to_Fc_free          ? 
_refine.details                                  ? 
_refine.diff_density_max                         ? 
_refine.diff_density_max_esd                     ? 
_refine.diff_density_min                         ? 
_refine.diff_density_min_esd                     ? 
_refine.diff_density_rms                         ? 
_refine.diff_density_rms_esd                     ? 
_refine.entry_id                                 7OOO 
_refine.pdbx_refine_id                           'X-RAY DIFFRACTION' 
_refine.ls_abs_structure_details                 ? 
_refine.ls_abs_structure_Flack                   ? 
_refine.ls_abs_structure_Flack_esd               ? 
_refine.ls_abs_structure_Rogers                  ? 
_refine.ls_abs_structure_Rogers_esd              ? 
_refine.ls_d_res_high                            2.57 
_refine.ls_d_res_low                             31.08 
_refine.ls_extinction_coef                       ? 
_refine.ls_extinction_coef_esd                   ? 
_refine.ls_extinction_expression                 ? 
_refine.ls_extinction_method                     ? 
_refine.ls_goodness_of_fit_all                   ? 
_refine.ls_goodness_of_fit_all_esd               ? 
_refine.ls_goodness_of_fit_obs                   ? 
_refine.ls_goodness_of_fit_obs_esd               ? 
_refine.ls_hydrogen_treatment                    ? 
_refine.ls_matrix_type                           ? 
_refine.ls_number_constraints                    ? 
_refine.ls_number_parameters                     ? 
_refine.ls_number_reflns_all                     ? 
_refine.ls_number_reflns_obs                     4349 
_refine.ls_number_reflns_R_free                  208 
_refine.ls_number_reflns_R_work                  ? 
_refine.ls_number_restraints                     ? 
_refine.ls_percent_reflns_obs                    98.95 
_refine.ls_percent_reflns_R_free                 4.78 
_refine.ls_R_factor_all                          ? 
_refine.ls_R_factor_obs                          0.2333 
_refine.ls_R_factor_R_free                       0.2513 
_refine.ls_R_factor_R_free_error                 ? 
_refine.ls_R_factor_R_free_error_details         ? 
_refine.ls_R_factor_R_work                       0.2326 
_refine.ls_R_Fsqd_factor_obs                     ? 
_refine.ls_R_I_factor_obs                        ? 
_refine.ls_redundancy_reflns_all                 ? 
_refine.ls_redundancy_reflns_obs                 ? 
_refine.ls_restrained_S_all                      ? 
_refine.ls_restrained_S_obs                      ? 
_refine.ls_shift_over_esd_max                    ? 
_refine.ls_shift_over_esd_mean                   ? 
_refine.ls_structure_factor_coef                 ? 
_refine.ls_weighting_details                     ? 
_refine.ls_weighting_scheme                      ? 
_refine.ls_wR_factor_all                         ? 
_refine.ls_wR_factor_obs                         ? 
_refine.ls_wR_factor_R_free                      ? 
_refine.ls_wR_factor_R_work                      ? 
_refine.occupancy_max                            ? 
_refine.occupancy_min                            ? 
_refine.solvent_model_details                    'FLAT BULK SOLVENT MODEL' 
_refine.solvent_model_param_bsol                 ? 
_refine.solvent_model_param_ksol                 ? 
_refine.pdbx_R_complete                          ? 
_refine.ls_R_factor_gt                           ? 
_refine.ls_goodness_of_fit_gt                    ? 
_refine.ls_goodness_of_fit_ref                   ? 
_refine.ls_shift_over_su_max                     ? 
_refine.ls_shift_over_su_max_lt                  ? 
_refine.ls_shift_over_su_mean                    ? 
_refine.ls_shift_over_su_mean_lt                 ? 
_refine.pdbx_ls_sigma_I                          ? 
_refine.pdbx_ls_sigma_F                          1.34 
_refine.pdbx_ls_sigma_Fsqd                       ? 
_refine.pdbx_data_cutoff_high_absF               ? 
_refine.pdbx_data_cutoff_high_rms_absF           ? 
_refine.pdbx_data_cutoff_low_absF                ? 
_refine.pdbx_isotropic_thermal_model             ? 
_refine.pdbx_ls_cross_valid_method               'FREE R-VALUE' 
_refine.pdbx_method_to_determine_struct          'MOLECULAR REPLACEMENT' 
_refine.pdbx_starting_model                      7NRP 
_refine.pdbx_stereochemistry_target_values       ML 
_refine.pdbx_R_Free_selection_details            ? 
_refine.pdbx_stereochem_target_val_spec_case     ? 
_refine.pdbx_overall_ESU_R                       ? 
_refine.pdbx_overall_ESU_R_Free                  ? 
_refine.pdbx_solvent_vdw_probe_radii             1.11 
_refine.pdbx_solvent_ion_probe_radii             ? 
_refine.pdbx_solvent_shrinkage_radii             0.90 
_refine.pdbx_real_space_R                        ? 
_refine.pdbx_density_correlation                 ? 
_refine.pdbx_pd_number_of_powder_patterns        ? 
_refine.pdbx_pd_number_of_points                 ? 
_refine.pdbx_pd_meas_number_of_points            ? 
_refine.pdbx_pd_proc_ls_prof_R_factor            ? 
_refine.pdbx_pd_proc_ls_prof_wR_factor           ? 
_refine.pdbx_pd_Marquardt_correlation_coeff      ? 
_refine.pdbx_pd_Fsqrd_R_factor                   ? 
_refine.pdbx_pd_ls_matrix_band_width             ? 
_refine.pdbx_overall_phase_error                 31.21 
_refine.pdbx_overall_SU_R_free_Cruickshank_DPI   ? 
_refine.pdbx_overall_SU_R_free_Blow_DPI          ? 
_refine.pdbx_overall_SU_R_Blow_DPI               ? 
_refine.pdbx_TLS_residual_ADP_flag               ? 
_refine.pdbx_diffrn_id                           1 
_refine.overall_SU_B                             ? 
_refine.overall_SU_ML                            0.00 
_refine.overall_SU_R_Cruickshank_DPI             ? 
_refine.overall_SU_R_free                        ? 
_refine.overall_FOM_free_R_set                   ? 
_refine.overall_FOM_work_R_set                   ? 
_refine.pdbx_average_fsc_overall                 ? 
_refine.pdbx_average_fsc_work                    ? 
_refine.pdbx_average_fsc_free                    ? 
# 
_refine_hist.pdbx_refine_id                   'X-RAY DIFFRACTION' 
_refine_hist.cycle_id                         LAST 
_refine_hist.details                          ? 
_refine_hist.d_res_high                       2.57 
_refine_hist.d_res_low                        31.08 
_refine_hist.number_atoms_solvent             1 
_refine_hist.number_atoms_total               837 
_refine_hist.number_reflns_all                ? 
_refine_hist.number_reflns_obs                ? 
_refine_hist.number_reflns_R_free             ? 
_refine_hist.number_reflns_R_work             ? 
_refine_hist.R_factor_all                     ? 
_refine_hist.R_factor_obs                     ? 
_refine_hist.R_factor_R_free                  ? 
_refine_hist.R_factor_R_work                  ? 
_refine_hist.pdbx_number_residues_total       ? 
_refine_hist.pdbx_B_iso_mean_ligand           ? 
_refine_hist.pdbx_B_iso_mean_solvent          ? 
_refine_hist.pdbx_number_atoms_protein        0 
_refine_hist.pdbx_number_atoms_nucleic_acid   834 
_refine_hist.pdbx_number_atoms_ligand         2 
_refine_hist.pdbx_number_atoms_lipid          ? 
_refine_hist.pdbx_number_atoms_carb           ? 
_refine_hist.pdbx_pseudo_atom_details         ? 
# 
loop_
_refine_ls_restr.pdbx_refine_id 
_refine_ls_restr.criterion 
_refine_ls_restr.dev_ideal 
_refine_ls_restr.dev_ideal_target 
_refine_ls_restr.number 
_refine_ls_restr.rejects 
_refine_ls_restr.type 
_refine_ls_restr.weight 
_refine_ls_restr.pdbx_restraint_function 
'X-RAY DIFFRACTION' ? 0.007  ? 932  ? f_bond_d           ? ? 
'X-RAY DIFFRACTION' ? 1.889  ? 1442 ? f_angle_d          ? ? 
'X-RAY DIFFRACTION' ? 14.536 ? 434  ? f_dihedral_angle_d ? ? 
'X-RAY DIFFRACTION' ? 0.095  ? 176  ? f_chiral_restr     ? ? 
'X-RAY DIFFRACTION' ? 0.005  ? 42   ? f_plane_restr      ? ? 
# 
_refine_ls_shell.pdbx_refine_id                   'X-RAY DIFFRACTION' 
_refine_ls_shell.d_res_high                       2.57 
_refine_ls_shell.d_res_low                        31.08 
_refine_ls_shell.number_reflns_all                ? 
_refine_ls_shell.number_reflns_obs                ? 
_refine_ls_shell.number_reflns_R_free             208 
_refine_ls_shell.number_reflns_R_work             4141 
_refine_ls_shell.percent_reflns_obs               99.00 
_refine_ls_shell.percent_reflns_R_free            ? 
_refine_ls_shell.R_factor_all                     ? 
_refine_ls_shell.R_factor_obs                     ? 
_refine_ls_shell.R_factor_R_free                  0.2513 
_refine_ls_shell.R_factor_R_free_error            ? 
_refine_ls_shell.R_factor_R_work                  0.2326 
_refine_ls_shell.redundancy_reflns_all            ? 
_refine_ls_shell.redundancy_reflns_obs            ? 
_refine_ls_shell.wR_factor_all                    ? 
_refine_ls_shell.wR_factor_obs                    ? 
_refine_ls_shell.wR_factor_R_free                 ? 
_refine_ls_shell.wR_factor_R_work                 ? 
_refine_ls_shell.pdbx_R_complete                  ? 
_refine_ls_shell.pdbx_total_number_of_bins_used   ? 
_refine_ls_shell.pdbx_phase_error                 ? 
_refine_ls_shell.pdbx_fsc_work                    ? 
_refine_ls_shell.pdbx_fsc_free                    ? 
# 
_struct.entry_id                     7OOO 
_struct.title                        
'The crystal structure of a DNA:RNA hybrid duplex sequence CTTTTCTTTG containing an LNA-Amide-LNA modification' 
_struct.pdbx_model_details           ? 
_struct.pdbx_formula_weight          ? 
_struct.pdbx_formula_weight_method   ? 
_struct.pdbx_model_type_details      ? 
_struct.pdbx_CASP_flag               N 
# 
_struct_keywords.entry_id        7OOO 
_struct_keywords.text            'Amide-LNA, duplex, DNA:RNA, DNA:RNA HYBRID, DNA-RNA HYBRID' 
_struct_keywords.pdbx_keywords   'DNA-RNA HYBRID' 
# 
loop_
_struct_asym.id 
_struct_asym.pdbx_blank_PDB_chainid_flag 
_struct_asym.pdbx_modified 
_struct_asym.entity_id 
_struct_asym.details 
A N N 1 ? 
B N N 2 ? 
C N N 1 ? 
D N N 2 ? 
E N N 3 ? 
F N N 3 ? 
G N N 4 ? 
# 
loop_
_struct_ref.id 
_struct_ref.db_name 
_struct_ref.db_code 
_struct_ref.pdbx_db_accession 
_struct_ref.pdbx_db_isoform 
_struct_ref.entity_id 
_struct_ref.pdbx_seq_one_letter_code 
_struct_ref.pdbx_align_begin 
1 PDB 7OOO 7OOO ? 1 ? 1 
2 PDB 7OOO 7OOO ? 2 ? 1 
# 
loop_
_struct_ref_seq.align_id 
_struct_ref_seq.ref_id 
_struct_ref_seq.pdbx_PDB_id_code 
_struct_ref_seq.pdbx_strand_id 
_struct_ref_seq.seq_align_beg 
_struct_ref_seq.pdbx_seq_align_beg_ins_code 
_struct_ref_seq.seq_align_end 
_struct_ref_seq.pdbx_seq_align_end_ins_code 
_struct_ref_seq.pdbx_db_accession 
_struct_ref_seq.db_align_beg 
_struct_ref_seq.pdbx_db_align_beg_ins_code 
_struct_ref_seq.db_align_end 
_struct_ref_seq.pdbx_db_align_end_ins_code 
_struct_ref_seq.pdbx_auth_seq_align_beg 
_struct_ref_seq.pdbx_auth_seq_align_end 
1 1 7OOO A 1 ? 10 ? 7OOO 1  ? 10 ? 1  10 
2 2 7OOO B 1 ? 9  ? 7OOO 11 ? 19 ? 11 19 
3 1 7OOO D 1 ? 10 ? 7OOO 1  ? 10 ? 1  10 
4 2 7OOO E 1 ? 9  ? 7OOO 11 ? 19 ? 11 19 
# 
loop_
_pdbx_struct_assembly.id 
_pdbx_struct_assembly.details 
_pdbx_struct_assembly.method_details 
_pdbx_struct_assembly.oligomeric_details 
_pdbx_struct_assembly.oligomeric_count 
1 author_defined_assembly ? dimeric 2 
2 author_defined_assembly ? dimeric 2 
# 
loop_
_pdbx_struct_assembly_gen.assembly_id 
_pdbx_struct_assembly_gen.oper_expression 
_pdbx_struct_assembly_gen.asym_id_list 
1 1 A,B,E   
2 1 C,D,F,G 
# 
_pdbx_struct_assembly_auth_evidence.id                     1 
_pdbx_struct_assembly_auth_evidence.assembly_id            1 
_pdbx_struct_assembly_auth_evidence.experimental_support   'light scattering' 
_pdbx_struct_assembly_auth_evidence.details                'UV thermal melting' 
# 
_pdbx_struct_oper_list.id                   1 
_pdbx_struct_oper_list.type                 'identity operation' 
_pdbx_struct_oper_list.name                 1_555 
_pdbx_struct_oper_list.symmetry_operation   x,y,z 
_pdbx_struct_oper_list.matrix[1][1]         1.0000000000 
_pdbx_struct_oper_list.matrix[1][2]         0.0000000000 
_pdbx_struct_oper_list.matrix[1][3]         0.0000000000 
_pdbx_struct_oper_list.vector[1]            0.0000000000 
_pdbx_struct_oper_list.matrix[2][1]         0.0000000000 
_pdbx_struct_oper_list.matrix[2][2]         1.0000000000 
_pdbx_struct_oper_list.matrix[2][3]         0.0000000000 
_pdbx_struct_oper_list.vector[2]            0.0000000000 
_pdbx_struct_oper_list.matrix[3][1]         0.0000000000 
_pdbx_struct_oper_list.matrix[3][2]         0.0000000000 
_pdbx_struct_oper_list.matrix[3][3]         1.0000000000 
_pdbx_struct_oper_list.vector[3]            0.0000000000 
# 
loop_
_struct_conn.id 
_struct_conn.conn_type_id 
_struct_conn.pdbx_leaving_atom_flag 
_struct_conn.pdbx_PDB_id 
_struct_conn.ptnr1_label_asym_id 
_struct_conn.ptnr1_label_comp_id 
_struct_conn.ptnr1_label_seq_id 
_struct_conn.ptnr1_label_atom_id 
_struct_conn.pdbx_ptnr1_label_alt_id 
_struct_conn.pdbx_ptnr1_PDB_ins_code 
_struct_conn.pdbx_ptnr1_standard_comp_id 
_struct_conn.ptnr1_symmetry 
_struct_conn.ptnr2_label_asym_id 
_struct_conn.ptnr2_label_comp_id 
_struct_conn.ptnr2_label_seq_id 
_struct_conn.ptnr2_label_atom_id 
_struct_conn.pdbx_ptnr2_label_alt_id 
_struct_conn.pdbx_ptnr2_PDB_ins_code 
_struct_conn.ptnr1_auth_asym_id 
_struct_conn.ptnr1_auth_comp_id 
_struct_conn.ptnr1_auth_seq_id 
_struct_conn.ptnr2_auth_asym_id 
_struct_conn.ptnr2_auth_comp_id 
_struct_conn.ptnr2_auth_seq_id 
_struct_conn.ptnr2_symmetry 
_struct_conn.pdbx_ptnr3_label_atom_id 
_struct_conn.pdbx_ptnr3_label_seq_id 
_struct_conn.pdbx_ptnr3_label_comp_id 
_struct_conn.pdbx_ptnr3_label_asym_id 
_struct_conn.pdbx_ptnr3_label_alt_id 
_struct_conn.pdbx_ptnr3_PDB_ins_code 
_struct_conn.details 
_struct_conn.pdbx_dist_value 
_struct_conn.pdbx_value_order 
_struct_conn.pdbx_role 
covale1  covale both ? B DT  2  "O3'" ? ? ? 1_555 B 05A 3  P  ? ? B DT  12 B 05A 13  1_555 ? ? ? ? ? ? ?             1.587 ? ? 
covale2  covale both ? B 05A 3  "O3'" ? ? ? 1_555 B DT  4  P  ? ? B 05A 13 B DT  14  1_555 ? ? ? ? ? ? ?             1.623 ? ? 
covale3  covale both ? D DT  2  "O3'" ? ? ? 1_555 D 05A 3  P  ? ? E DT  12 E 05A 13  1_555 ? ? ? ? ? ? ?             1.623 ? ? 
covale4  covale both ? D 05A 3  "O3'" ? ? ? 1_555 D DT  4  P  ? ? E 05A 13 E DT  14  1_555 ? ? ? ? ? ? ?             1.628 ? ? 
metalc1  metalc ?    ? B 05A 3  O31   ? ? ? 1_555 E MG  .  MG ? ? B 05A 13 B MG  101 1_555 ? ? ? ? ? ? ?             2.298 ? ? 
metalc2  metalc ?    ? B 05A 3  O31   ? ? ? 1_555 E MG  .  MG ? ? B 05A 13 B MG  101 6_554 ? ? ? ? ? ? ?             2.748 ? ? 
hydrog1  hydrog ?    ? A C   1  N3    ? ? ? 1_555 B DG  9  N1 ? ? A C   1  B DG  19  1_555 ? ? ? ? ? ? WATSON-CRICK  ?     ? ? 
hydrog2  hydrog ?    ? A C   1  N4    ? ? ? 1_555 B DG  9  O6 ? ? A C   1  B DG  19  1_555 ? ? ? ? ? ? WATSON-CRICK  ?     ? ? 
hydrog3  hydrog ?    ? A C   1  O2    ? ? ? 1_555 B DG  9  N2 ? ? A C   1  B DG  19  1_555 ? ? ? ? ? ? WATSON-CRICK  ?     ? ? 
hydrog4  hydrog ?    ? A A   2  N1    ? ? ? 1_555 B DT  8  N3 ? ? A A   2  B DT  18  1_555 ? ? ? ? ? ? WATSON-CRICK  ?     ? ? 
hydrog5  hydrog ?    ? A A   2  N6    ? ? ? 1_555 B DT  8  O4 ? ? A A   2  B DT  18  1_555 ? ? ? ? ? ? WATSON-CRICK  ?     ? ? 
hydrog6  hydrog ?    ? A A   3  N1    ? ? ? 1_555 B DT  7  N3 ? ? A A   3  B DT  17  1_555 ? ? ? ? ? ? WATSON-CRICK  ?     ? ? 
hydrog7  hydrog ?    ? A A   3  N6    ? ? ? 1_555 B DT  7  O4 ? ? A A   3  B DT  17  1_555 ? ? ? ? ? ? WATSON-CRICK  ?     ? ? 
hydrog8  hydrog ?    ? A A   4  N1    ? ? ? 1_555 B DT  6  N3 ? ? A A   4  B DT  16  1_555 ? ? ? ? ? ? WATSON-CRICK  ?     ? ? 
hydrog9  hydrog ?    ? A A   4  N6    ? ? ? 1_555 B DT  6  O4 ? ? A A   4  B DT  16  1_555 ? ? ? ? ? ? WATSON-CRICK  ?     ? ? 
hydrog10 hydrog ?    ? A G   5  N1    ? ? ? 1_555 B DC  5  N3 ? ? A G   5  B DC  15  1_555 ? ? ? ? ? ? WATSON-CRICK  ?     ? ? 
hydrog11 hydrog ?    ? A G   5  N2    ? ? ? 1_555 B DC  5  O2 ? ? A G   5  B DC  15  1_555 ? ? ? ? ? ? WATSON-CRICK  ?     ? ? 
hydrog12 hydrog ?    ? A G   5  O6    ? ? ? 1_555 B DC  5  N4 ? ? A G   5  B DC  15  1_555 ? ? ? ? ? ? WATSON-CRICK  ?     ? ? 
hydrog13 hydrog ?    ? A G   5  N3    ? ? ? 1_555 C G   10 N2 ? ? A G   5  D G   10  1_555 ? ? ? ? ? ? 'G-G MISPAIR' ?     ? ? 
hydrog14 hydrog ?    ? A G   5  N2    ? ? ? 1_555 D DC  1  O2 ? ? A G   5  E DC  11  1_555 ? ? ? ? ? ? 'G-DC PAIR'   ?     ? ? 
hydrog15 hydrog ?    ? A A   6  N1    ? ? ? 1_555 B DT  4  N3 ? ? A A   6  B DT  14  1_555 ? ? ? ? ? ? WATSON-CRICK  ?     ? ? 
hydrog16 hydrog ?    ? A A   6  N6    ? ? ? 1_555 B DT  4  O4 ? ? A A   6  B DT  14  1_555 ? ? ? ? ? ? WATSON-CRICK  ?     ? ? 
hydrog17 hydrog ?    ? A A   9  N1    ? ? ? 1_555 B DT  2  N3 ? ? A A   9  B DT  12  1_555 ? ? ? ? ? ? WATSON-CRICK  ?     ? ? 
hydrog18 hydrog ?    ? A A   9  N6    ? ? ? 1_555 B DT  2  O4 ? ? A A   9  B DT  12  1_555 ? ? ? ? ? ? WATSON-CRICK  ?     ? ? 
hydrog19 hydrog ?    ? A G   10 N1    ? ? ? 1_555 B DC  1  N3 ? ? A G   10 B DC  11  1_555 ? ? ? ? ? ? WATSON-CRICK  ?     ? ? 
hydrog20 hydrog ?    ? A G   10 N2    ? ? ? 1_555 B DC  1  O2 ? ? A G   10 B DC  11  1_555 ? ? ? ? ? ? WATSON-CRICK  ?     ? ? 
hydrog21 hydrog ?    ? A G   10 O6    ? ? ? 1_555 B DC  1  N4 ? ? A G   10 B DC  11  1_555 ? ? ? ? ? ? WATSON-CRICK  ?     ? ? 
hydrog22 hydrog ?    ? C C   1  N3    ? ? ? 1_555 D DG  9  N1 ? ? D C   1  E DG  19  1_555 ? ? ? ? ? ? WATSON-CRICK  ?     ? ? 
hydrog23 hydrog ?    ? C C   1  N4    ? ? ? 1_555 D DG  9  O6 ? ? D C   1  E DG  19  1_555 ? ? ? ? ? ? WATSON-CRICK  ?     ? ? 
hydrog24 hydrog ?    ? C C   1  O2    ? ? ? 1_555 D DG  9  N2 ? ? D C   1  E DG  19  1_555 ? ? ? ? ? ? WATSON-CRICK  ?     ? ? 
hydrog25 hydrog ?    ? C A   2  N1    ? ? ? 1_555 D DT  8  N3 ? ? D A   2  E DT  18  1_555 ? ? ? ? ? ? WATSON-CRICK  ?     ? ? 
hydrog26 hydrog ?    ? C A   2  N6    ? ? ? 1_555 D DT  8  O4 ? ? D A   2  E DT  18  1_555 ? ? ? ? ? ? WATSON-CRICK  ?     ? ? 
hydrog27 hydrog ?    ? C A   3  N1    ? ? ? 1_555 D DT  7  N3 ? ? D A   3  E DT  17  1_555 ? ? ? ? ? ? WATSON-CRICK  ?     ? ? 
hydrog28 hydrog ?    ? C A   3  N6    ? ? ? 1_555 D DT  7  O4 ? ? D A   3  E DT  17  1_555 ? ? ? ? ? ? WATSON-CRICK  ?     ? ? 
hydrog29 hydrog ?    ? C A   4  N1    ? ? ? 1_555 D DT  6  N3 ? ? D A   4  E DT  16  1_555 ? ? ? ? ? ? WATSON-CRICK  ?     ? ? 
hydrog30 hydrog ?    ? C A   4  N6    ? ? ? 1_555 D DT  6  O4 ? ? D A   4  E DT  16  1_555 ? ? ? ? ? ? WATSON-CRICK  ?     ? ? 
hydrog31 hydrog ?    ? C G   5  N1    ? ? ? 1_555 D DC  5  N3 ? ? D G   5  E DC  15  1_555 ? ? ? ? ? ? WATSON-CRICK  ?     ? ? 
hydrog32 hydrog ?    ? C G   5  N2    ? ? ? 1_555 D DC  5  O2 ? ? D G   5  E DC  15  1_555 ? ? ? ? ? ? WATSON-CRICK  ?     ? ? 
hydrog33 hydrog ?    ? C G   5  O6    ? ? ? 1_555 D DC  5  N4 ? ? D G   5  E DC  15  1_555 ? ? ? ? ? ? WATSON-CRICK  ?     ? ? 
hydrog34 hydrog ?    ? C A   6  N1    ? ? ? 1_555 D DT  4  N3 ? ? D A   6  E DT  14  1_555 ? ? ? ? ? ? WATSON-CRICK  ?     ? ? 
hydrog35 hydrog ?    ? C A   6  N6    ? ? ? 1_555 D DT  4  O4 ? ? D A   6  E DT  14  1_555 ? ? ? ? ? ? WATSON-CRICK  ?     ? ? 
hydrog36 hydrog ?    ? C A   9  N1    ? ? ? 1_555 D DT  2  N3 ? ? D A   9  E DT  12  1_555 ? ? ? ? ? ? WATSON-CRICK  ?     ? ? 
hydrog37 hydrog ?    ? C A   9  N6    ? ? ? 1_555 D DT  2  O4 ? ? D A   9  E DT  12  1_555 ? ? ? ? ? ? WATSON-CRICK  ?     ? ? 
hydrog38 hydrog ?    ? C G   10 N1    ? ? ? 1_555 D DC  1  N3 ? ? D G   10 E DC  11  1_555 ? ? ? ? ? ? WATSON-CRICK  ?     ? ? 
hydrog39 hydrog ?    ? C G   10 N2    ? ? ? 1_555 D DC  1  O2 ? ? D G   10 E DC  11  1_555 ? ? ? ? ? ? WATSON-CRICK  ?     ? ? 
hydrog40 hydrog ?    ? C G   10 O6    ? ? ? 1_555 D DC  1  N4 ? ? D G   10 E DC  11  1_555 ? ? ? ? ? ? WATSON-CRICK  ?     ? ? 
# 
loop_
_struct_conn_type.id 
_struct_conn_type.criteria 
_struct_conn_type.reference 
covale ? ? 
metalc ? ? 
hydrog ? ? 
# 
_pdbx_struct_conn_angle.id                    1 
_pdbx_struct_conn_angle.ptnr1_label_atom_id   O31 
_pdbx_struct_conn_angle.ptnr1_label_alt_id    ? 
_pdbx_struct_conn_angle.ptnr1_label_asym_id   B 
_pdbx_struct_conn_angle.ptnr1_label_comp_id   05A 
_pdbx_struct_conn_angle.ptnr1_label_seq_id    3 
_pdbx_struct_conn_angle.ptnr1_auth_atom_id    ? 
_pdbx_struct_conn_angle.ptnr1_auth_asym_id    B 
_pdbx_struct_conn_angle.ptnr1_auth_comp_id    05A 
_pdbx_struct_conn_angle.ptnr1_auth_seq_id     13 
_pdbx_struct_conn_angle.ptnr1_PDB_ins_code    ? 
_pdbx_struct_conn_angle.ptnr1_symmetry        1_555 
_pdbx_struct_conn_angle.ptnr2_label_atom_id   MG 
_pdbx_struct_conn_angle.ptnr2_label_alt_id    ? 
_pdbx_struct_conn_angle.ptnr2_label_asym_id   E 
_pdbx_struct_conn_angle.ptnr2_label_comp_id   MG 
_pdbx_struct_conn_angle.ptnr2_label_seq_id    . 
_pdbx_struct_conn_angle.ptnr2_auth_atom_id    ? 
_pdbx_struct_conn_angle.ptnr2_auth_asym_id    B 
_pdbx_struct_conn_angle.ptnr2_auth_comp_id    MG 
_pdbx_struct_conn_angle.ptnr2_auth_seq_id     101 
_pdbx_struct_conn_angle.ptnr2_PDB_ins_code    ? 
_pdbx_struct_conn_angle.ptnr2_symmetry        1_555 
_pdbx_struct_conn_angle.ptnr3_label_atom_id   O31 
_pdbx_struct_conn_angle.ptnr3_label_alt_id    ? 
_pdbx_struct_conn_angle.ptnr3_label_asym_id   B 
_pdbx_struct_conn_angle.ptnr3_label_comp_id   05A 
_pdbx_struct_conn_angle.ptnr3_label_seq_id    3 
_pdbx_struct_conn_angle.ptnr3_auth_atom_id    ? 
_pdbx_struct_conn_angle.ptnr3_auth_asym_id    B 
_pdbx_struct_conn_angle.ptnr3_auth_comp_id    05A 
_pdbx_struct_conn_angle.ptnr3_auth_seq_id     13 
_pdbx_struct_conn_angle.ptnr3_PDB_ins_code    ? 
_pdbx_struct_conn_angle.ptnr3_symmetry        1_555 
_pdbx_struct_conn_angle.value                 0.0 
_pdbx_struct_conn_angle.value_esd             ? 
# 
_pdbx_struct_special_symmetry.id              1 
_pdbx_struct_special_symmetry.PDB_model_num   1 
_pdbx_struct_special_symmetry.auth_asym_id    B 
_pdbx_struct_special_symmetry.auth_comp_id    MG 
_pdbx_struct_special_symmetry.auth_seq_id     101 
_pdbx_struct_special_symmetry.PDB_ins_code    ? 
_pdbx_struct_special_symmetry.label_asym_id   E 
_pdbx_struct_special_symmetry.label_comp_id   MG 
_pdbx_struct_special_symmetry.label_seq_id    . 
# 
_pdbx_entry_details.entry_id                 7OOO 
_pdbx_entry_details.nonpolymer_details       ? 
_pdbx_entry_details.sequence_details         ? 
_pdbx_entry_details.compound_details         ? 
_pdbx_entry_details.source_details           ? 
_pdbx_entry_details.has_ligand_of_interest   Y 
# 
loop_
_chem_comp_atom.comp_id 
_chem_comp_atom.atom_id 
_chem_comp_atom.type_symbol 
_chem_comp_atom.pdbx_aromatic_flag 
_chem_comp_atom.pdbx_stereo_config 
_chem_comp_atom.pdbx_ordinal 
05A C4     C  N N 1   
05A "C1'"  C  N R 2   
05A C7     C  N N 3   
05A C2     C  N N 4   
05A "C2'"  C  N R 5   
05A C21    C  N N 6   
05A C11    C  N N 7   
05A "C3'"  C  N S 8   
05A C41    C  N N 9   
05A "C4'"  C  N S 10  
05A C8     C  N N 11  
05A C51    C  N N 12  
05A "C5'"  C  N N 13  
05A C5     C  N N 14  
05A C6     C  N N 15  
05A C61    C  N N 16  
05A C5A    C  N N 17  
05A C5M    C  N N 18  
05A C1     C  N N 19  
05A N1     N  N N 20  
05A N11    N  N N 21  
05A "N5'"  N  N N 22  
05A N3     N  N N 23  
05A N31    N  N N 24  
05A O2     O  N N 25  
05A O21    O  N N 26  
05A "O2'"  O  N N 27  
05A "O3'"  O  N N 28  
05A O31    O  N N 29  
05A O41    O  N N 30  
05A "O4'"  O  N N 31  
05A O4     O  N N 32  
05A O1     O  N N 33  
05A "O5'"  O  N N 34  
05A OP1    O  N N 35  
05A OP2    O  N N 36  
05A P      P  N N 37  
05A "C1'1" C  N R 38  
05A "C2'1" C  N R 39  
05A "C3'1" C  N S 40  
05A "C4'1" C  N R 41  
05A "C5'1" C  N N 42  
05A "O4'1" O  N N 43  
05A HC31   H  N N 44  
05A HC32   H  N N 45  
05A "H1'"  H  N N 46  
05A H71    H  N N 47  
05A H72    H  N N 48  
05A "H2'1" H  N N 49  
05A H2     H  N N 50  
05A H3     H  N N 51  
05A "H3'"  H  N N 52  
05A "H5'1" H  N N 53  
05A "H5'2" H  N N 54  
05A H6     H  N N 55  
05A H61    H  N N 56  
05A H5A1   H  N N 57  
05A H5A2   H  N N 58  
05A H5A3   H  N N 59  
05A H51    H  N N 60  
05A H52    H  N N 61  
05A H53    H  N N 62  
05A "HN5'" H  N N 63  
05A HN3    H  N N 64  
05A H31    H  N N 65  
05A "HO3'" H  N N 66  
05A HOP2   H  N N 67  
05A H1     H  N N 68  
05A HC21   H  N N 69  
05A "H3'1" H  N N 70  
05A HC51   H  N N 71  
05A HC52   H  N N 72  
05A OP3    O  N N 73  
05A HOP3   H  N N 74  
A   OP3    O  N N 75  
A   P      P  N N 76  
A   OP1    O  N N 77  
A   OP2    O  N N 78  
A   "O5'"  O  N N 79  
A   "C5'"  C  N N 80  
A   "C4'"  C  N R 81  
A   "O4'"  O  N N 82  
A   "C3'"  C  N S 83  
A   "O3'"  O  N N 84  
A   "C2'"  C  N R 85  
A   "O2'"  O  N N 86  
A   "C1'"  C  N R 87  
A   N9     N  Y N 88  
A   C8     C  Y N 89  
A   N7     N  Y N 90  
A   C5     C  Y N 91  
A   C6     C  Y N 92  
A   N6     N  N N 93  
A   N1     N  Y N 94  
A   C2     C  Y N 95  
A   N3     N  Y N 96  
A   C4     C  Y N 97  
A   HOP3   H  N N 98  
A   HOP2   H  N N 99  
A   "H5'"  H  N N 100 
A   "H5''" H  N N 101 
A   "H4'"  H  N N 102 
A   "H3'"  H  N N 103 
A   "HO3'" H  N N 104 
A   "H2'"  H  N N 105 
A   "HO2'" H  N N 106 
A   "H1'"  H  N N 107 
A   H8     H  N N 108 
A   H61    H  N N 109 
A   H62    H  N N 110 
A   H2     H  N N 111 
C   OP3    O  N N 112 
C   P      P  N N 113 
C   OP1    O  N N 114 
C   OP2    O  N N 115 
C   "O5'"  O  N N 116 
C   "C5'"  C  N N 117 
C   "C4'"  C  N R 118 
C   "O4'"  O  N N 119 
C   "C3'"  C  N S 120 
C   "O3'"  O  N N 121 
C   "C2'"  C  N R 122 
C   "O2'"  O  N N 123 
C   "C1'"  C  N R 124 
C   N1     N  N N 125 
C   C2     C  N N 126 
C   O2     O  N N 127 
C   N3     N  N N 128 
C   C4     C  N N 129 
C   N4     N  N N 130 
C   C5     C  N N 131 
C   C6     C  N N 132 
C   HOP3   H  N N 133 
C   HOP2   H  N N 134 
C   "H5'"  H  N N 135 
C   "H5''" H  N N 136 
C   "H4'"  H  N N 137 
C   "H3'"  H  N N 138 
C   "HO3'" H  N N 139 
C   "H2'"  H  N N 140 
C   "HO2'" H  N N 141 
C   "H1'"  H  N N 142 
C   H41    H  N N 143 
C   H42    H  N N 144 
C   H5     H  N N 145 
C   H6     H  N N 146 
DC  OP3    O  N N 147 
DC  P      P  N N 148 
DC  OP1    O  N N 149 
DC  OP2    O  N N 150 
DC  "O5'"  O  N N 151 
DC  "C5'"  C  N N 152 
DC  "C4'"  C  N R 153 
DC  "O4'"  O  N N 154 
DC  "C3'"  C  N S 155 
DC  "O3'"  O  N N 156 
DC  "C2'"  C  N N 157 
DC  "C1'"  C  N R 158 
DC  N1     N  N N 159 
DC  C2     C  N N 160 
DC  O2     O  N N 161 
DC  N3     N  N N 162 
DC  C4     C  N N 163 
DC  N4     N  N N 164 
DC  C5     C  N N 165 
DC  C6     C  N N 166 
DC  HOP3   H  N N 167 
DC  HOP2   H  N N 168 
DC  "H5'"  H  N N 169 
DC  "H5''" H  N N 170 
DC  "H4'"  H  N N 171 
DC  "H3'"  H  N N 172 
DC  "HO3'" H  N N 173 
DC  "H2'"  H  N N 174 
DC  "H2''" H  N N 175 
DC  "H1'"  H  N N 176 
DC  H41    H  N N 177 
DC  H42    H  N N 178 
DC  H5     H  N N 179 
DC  H6     H  N N 180 
DG  OP3    O  N N 181 
DG  P      P  N N 182 
DG  OP1    O  N N 183 
DG  OP2    O  N N 184 
DG  "O5'"  O  N N 185 
DG  "C5'"  C  N N 186 
DG  "C4'"  C  N R 187 
DG  "O4'"  O  N N 188 
DG  "C3'"  C  N S 189 
DG  "O3'"  O  N N 190 
DG  "C2'"  C  N N 191 
DG  "C1'"  C  N R 192 
DG  N9     N  Y N 193 
DG  C8     C  Y N 194 
DG  N7     N  Y N 195 
DG  C5     C  Y N 196 
DG  C6     C  N N 197 
DG  O6     O  N N 198 
DG  N1     N  N N 199 
DG  C2     C  N N 200 
DG  N2     N  N N 201 
DG  N3     N  N N 202 
DG  C4     C  Y N 203 
DG  HOP3   H  N N 204 
DG  HOP2   H  N N 205 
DG  "H5'"  H  N N 206 
DG  "H5''" H  N N 207 
DG  "H4'"  H  N N 208 
DG  "H3'"  H  N N 209 
DG  "HO3'" H  N N 210 
DG  "H2'"  H  N N 211 
DG  "H2''" H  N N 212 
DG  "H1'"  H  N N 213 
DG  H8     H  N N 214 
DG  H1     H  N N 215 
DG  H21    H  N N 216 
DG  H22    H  N N 217 
DT  OP3    O  N N 218 
DT  P      P  N N 219 
DT  OP1    O  N N 220 
DT  OP2    O  N N 221 
DT  "O5'"  O  N N 222 
DT  "C5'"  C  N N 223 
DT  "C4'"  C  N R 224 
DT  "O4'"  O  N N 225 
DT  "C3'"  C  N S 226 
DT  "O3'"  O  N N 227 
DT  "C2'"  C  N N 228 
DT  "C1'"  C  N R 229 
DT  N1     N  N N 230 
DT  C2     C  N N 231 
DT  O2     O  N N 232 
DT  N3     N  N N 233 
DT  C4     C  N N 234 
DT  O4     O  N N 235 
DT  C5     C  N N 236 
DT  C7     C  N N 237 
DT  C6     C  N N 238 
DT  HOP3   H  N N 239 
DT  HOP2   H  N N 240 
DT  "H5'"  H  N N 241 
DT  "H5''" H  N N 242 
DT  "H4'"  H  N N 243 
DT  "H3'"  H  N N 244 
DT  "HO3'" H  N N 245 
DT  "H2'"  H  N N 246 
DT  "H2''" H  N N 247 
DT  "H1'"  H  N N 248 
DT  H3     H  N N 249 
DT  H71    H  N N 250 
DT  H72    H  N N 251 
DT  H73    H  N N 252 
DT  H6     H  N N 253 
G   OP3    O  N N 254 
G   P      P  N N 255 
G   OP1    O  N N 256 
G   OP2    O  N N 257 
G   "O5'"  O  N N 258 
G   "C5'"  C  N N 259 
G   "C4'"  C  N R 260 
G   "O4'"  O  N N 261 
G   "C3'"  C  N S 262 
G   "O3'"  O  N N 263 
G   "C2'"  C  N R 264 
G   "O2'"  O  N N 265 
G   "C1'"  C  N R 266 
G   N9     N  Y N 267 
G   C8     C  Y N 268 
G   N7     N  Y N 269 
G   C5     C  Y N 270 
G   C6     C  N N 271 
G   O6     O  N N 272 
G   N1     N  N N 273 
G   C2     C  N N 274 
G   N2     N  N N 275 
G   N3     N  N N 276 
G   C4     C  Y N 277 
G   HOP3   H  N N 278 
G   HOP2   H  N N 279 
G   "H5'"  H  N N 280 
G   "H5''" H  N N 281 
G   "H4'"  H  N N 282 
G   "H3'"  H  N N 283 
G   "HO3'" H  N N 284 
G   "H2'"  H  N N 285 
G   "HO2'" H  N N 286 
G   "H1'"  H  N N 287 
G   H8     H  N N 288 
G   H1     H  N N 289 
G   H21    H  N N 290 
G   H22    H  N N 291 
HOH O      O  N N 292 
HOH H1     H  N N 293 
HOH H2     H  N N 294 
MG  MG     MG N N 295 
# 
loop_
_chem_comp_bond.comp_id 
_chem_comp_bond.atom_id_1 
_chem_comp_bond.atom_id_2 
_chem_comp_bond.value_order 
_chem_comp_bond.pdbx_aromatic_flag 
_chem_comp_bond.pdbx_stereo_config 
_chem_comp_bond.pdbx_ordinal 
05A O41    C41    doub N N 1   
05A C41    N31    sing N N 2   
05A C41    C51    sing N N 3   
05A C5A    C51    sing N N 4   
05A N31    C21    sing N N 5   
05A C51    C61    doub N N 6   
05A C21    O21    doub N N 7   
05A C21    N11    sing N N 8   
05A O4     C8     doub N N 9   
05A C61    N11    sing N N 10  
05A N11    "C1'1" sing N N 11  
05A N3     C8     sing N N 12  
05A N3     C2     sing N N 13  
05A C8     C5     sing N N 14  
05A O2     C2     doub N N 15  
05A "C1'1" "O4'1" sing N N 16  
05A "C1'1" "C2'1" sing N N 17  
05A C2     N1     sing N N 18  
05A "O4'1" "C4'1" sing N N 19  
05A C5     C5M    sing N N 20  
05A C5     C6     doub N N 21  
05A OP2    P      sing N N 22  
05A N1     C6     sing N N 23  
05A N1     "C1'"  sing N N 24  
05A P      "O5'"  sing N N 25  
05A P      OP1    doub N N 26  
05A "O5'"  "C5'1" sing N N 27  
05A "C2'1" "O2'"  sing N N 28  
05A "C2'1" "C3'1" sing N N 29  
05A "C4'1" C4     sing N N 30  
05A "C4'1" "C5'1" sing N N 31  
05A "C4'1" "C3'1" sing N N 32  
05A "C1'"  "O4'"  sing N N 33  
05A "C1'"  "C2'"  sing N N 34  
05A "O2'"  C4     sing N N 35  
05A "C3'1" C11    sing N N 36  
05A "O4'"  "C4'"  sing N N 37  
05A "C2'"  O31    sing N N 38  
05A "C2'"  "C3'"  sing N N 39  
05A O31    C7     sing N N 40  
05A C11    C1     sing N N 41  
05A O1     C1     doub N N 42  
05A "C4'"  "C3'"  sing N N 43  
05A "C4'"  C7     sing N N 44  
05A "C4'"  "C5'"  sing N N 45  
05A "C3'"  "O3'"  sing N N 46  
05A C1     "N5'"  sing N N 47  
05A "N5'"  "C5'"  sing N N 48  
05A C4     HC31   sing N N 49  
05A C4     HC32   sing N N 50  
05A "C1'"  "H1'"  sing N N 51  
05A C7     H71    sing N N 52  
05A C7     H72    sing N N 53  
05A "C2'"  "H2'1" sing N N 54  
05A C11    H2     sing N N 55  
05A C11    H3     sing N N 56  
05A "C3'"  "H3'"  sing N N 57  
05A "C5'"  "H5'1" sing N N 58  
05A "C5'"  "H5'2" sing N N 59  
05A C6     H6     sing N N 60  
05A C61    H61    sing N N 61  
05A C5A    H5A1   sing N N 62  
05A C5A    H5A2   sing N N 63  
05A C5A    H5A3   sing N N 64  
05A C5M    H51    sing N N 65  
05A C5M    H52    sing N N 66  
05A C5M    H53    sing N N 67  
05A "N5'"  "HN5'" sing N N 68  
05A N3     HN3    sing N N 69  
05A N31    H31    sing N N 70  
05A "O3'"  "HO3'" sing N N 71  
05A OP2    HOP2   sing N N 72  
05A "C1'1" H1     sing N N 73  
05A "C2'1" HC21   sing N N 74  
05A "C3'1" "H3'1" sing N N 75  
05A "C5'1" HC51   sing N N 76  
05A "C5'1" HC52   sing N N 77  
05A P      OP3    sing N N 78  
05A OP3    HOP3   sing N N 79  
A   OP3    P      sing N N 80  
A   OP3    HOP3   sing N N 81  
A   P      OP1    doub N N 82  
A   P      OP2    sing N N 83  
A   P      "O5'"  sing N N 84  
A   OP2    HOP2   sing N N 85  
A   "O5'"  "C5'"  sing N N 86  
A   "C5'"  "C4'"  sing N N 87  
A   "C5'"  "H5'"  sing N N 88  
A   "C5'"  "H5''" sing N N 89  
A   "C4'"  "O4'"  sing N N 90  
A   "C4'"  "C3'"  sing N N 91  
A   "C4'"  "H4'"  sing N N 92  
A   "O4'"  "C1'"  sing N N 93  
A   "C3'"  "O3'"  sing N N 94  
A   "C3'"  "C2'"  sing N N 95  
A   "C3'"  "H3'"  sing N N 96  
A   "O3'"  "HO3'" sing N N 97  
A   "C2'"  "O2'"  sing N N 98  
A   "C2'"  "C1'"  sing N N 99  
A   "C2'"  "H2'"  sing N N 100 
A   "O2'"  "HO2'" sing N N 101 
A   "C1'"  N9     sing N N 102 
A   "C1'"  "H1'"  sing N N 103 
A   N9     C8     sing Y N 104 
A   N9     C4     sing Y N 105 
A   C8     N7     doub Y N 106 
A   C8     H8     sing N N 107 
A   N7     C5     sing Y N 108 
A   C5     C6     sing Y N 109 
A   C5     C4     doub Y N 110 
A   C6     N6     sing N N 111 
A   C6     N1     doub Y N 112 
A   N6     H61    sing N N 113 
A   N6     H62    sing N N 114 
A   N1     C2     sing Y N 115 
A   C2     N3     doub Y N 116 
A   C2     H2     sing N N 117 
A   N3     C4     sing Y N 118 
C   OP3    P      sing N N 119 
C   OP3    HOP3   sing N N 120 
C   P      OP1    doub N N 121 
C   P      OP2    sing N N 122 
C   P      "O5'"  sing N N 123 
C   OP2    HOP2   sing N N 124 
C   "O5'"  "C5'"  sing N N 125 
C   "C5'"  "C4'"  sing N N 126 
C   "C5'"  "H5'"  sing N N 127 
C   "C5'"  "H5''" sing N N 128 
C   "C4'"  "O4'"  sing N N 129 
C   "C4'"  "C3'"  sing N N 130 
C   "C4'"  "H4'"  sing N N 131 
C   "O4'"  "C1'"  sing N N 132 
C   "C3'"  "O3'"  sing N N 133 
C   "C3'"  "C2'"  sing N N 134 
C   "C3'"  "H3'"  sing N N 135 
C   "O3'"  "HO3'" sing N N 136 
C   "C2'"  "O2'"  sing N N 137 
C   "C2'"  "C1'"  sing N N 138 
C   "C2'"  "H2'"  sing N N 139 
C   "O2'"  "HO2'" sing N N 140 
C   "C1'"  N1     sing N N 141 
C   "C1'"  "H1'"  sing N N 142 
C   N1     C2     sing N N 143 
C   N1     C6     sing N N 144 
C   C2     O2     doub N N 145 
C   C2     N3     sing N N 146 
C   N3     C4     doub N N 147 
C   C4     N4     sing N N 148 
C   C4     C5     sing N N 149 
C   N4     H41    sing N N 150 
C   N4     H42    sing N N 151 
C   C5     C6     doub N N 152 
C   C5     H5     sing N N 153 
C   C6     H6     sing N N 154 
DC  OP3    P      sing N N 155 
DC  OP3    HOP3   sing N N 156 
DC  P      OP1    doub N N 157 
DC  P      OP2    sing N N 158 
DC  P      "O5'"  sing N N 159 
DC  OP2    HOP2   sing N N 160 
DC  "O5'"  "C5'"  sing N N 161 
DC  "C5'"  "C4'"  sing N N 162 
DC  "C5'"  "H5'"  sing N N 163 
DC  "C5'"  "H5''" sing N N 164 
DC  "C4'"  "O4'"  sing N N 165 
DC  "C4'"  "C3'"  sing N N 166 
DC  "C4'"  "H4'"  sing N N 167 
DC  "O4'"  "C1'"  sing N N 168 
DC  "C3'"  "O3'"  sing N N 169 
DC  "C3'"  "C2'"  sing N N 170 
DC  "C3'"  "H3'"  sing N N 171 
DC  "O3'"  "HO3'" sing N N 172 
DC  "C2'"  "C1'"  sing N N 173 
DC  "C2'"  "H2'"  sing N N 174 
DC  "C2'"  "H2''" sing N N 175 
DC  "C1'"  N1     sing N N 176 
DC  "C1'"  "H1'"  sing N N 177 
DC  N1     C2     sing N N 178 
DC  N1     C6     sing N N 179 
DC  C2     O2     doub N N 180 
DC  C2     N3     sing N N 181 
DC  N3     C4     doub N N 182 
DC  C4     N4     sing N N 183 
DC  C4     C5     sing N N 184 
DC  N4     H41    sing N N 185 
DC  N4     H42    sing N N 186 
DC  C5     C6     doub N N 187 
DC  C5     H5     sing N N 188 
DC  C6     H6     sing N N 189 
DG  OP3    P      sing N N 190 
DG  OP3    HOP3   sing N N 191 
DG  P      OP1    doub N N 192 
DG  P      OP2    sing N N 193 
DG  P      "O5'"  sing N N 194 
DG  OP2    HOP2   sing N N 195 
DG  "O5'"  "C5'"  sing N N 196 
DG  "C5'"  "C4'"  sing N N 197 
DG  "C5'"  "H5'"  sing N N 198 
DG  "C5'"  "H5''" sing N N 199 
DG  "C4'"  "O4'"  sing N N 200 
DG  "C4'"  "C3'"  sing N N 201 
DG  "C4'"  "H4'"  sing N N 202 
DG  "O4'"  "C1'"  sing N N 203 
DG  "C3'"  "O3'"  sing N N 204 
DG  "C3'"  "C2'"  sing N N 205 
DG  "C3'"  "H3'"  sing N N 206 
DG  "O3'"  "HO3'" sing N N 207 
DG  "C2'"  "C1'"  sing N N 208 
DG  "C2'"  "H2'"  sing N N 209 
DG  "C2'"  "H2''" sing N N 210 
DG  "C1'"  N9     sing N N 211 
DG  "C1'"  "H1'"  sing N N 212 
DG  N9     C8     sing Y N 213 
DG  N9     C4     sing Y N 214 
DG  C8     N7     doub Y N 215 
DG  C8     H8     sing N N 216 
DG  N7     C5     sing Y N 217 
DG  C5     C6     sing N N 218 
DG  C5     C4     doub Y N 219 
DG  C6     O6     doub N N 220 
DG  C6     N1     sing N N 221 
DG  N1     C2     sing N N 222 
DG  N1     H1     sing N N 223 
DG  C2     N2     sing N N 224 
DG  C2     N3     doub N N 225 
DG  N2     H21    sing N N 226 
DG  N2     H22    sing N N 227 
DG  N3     C4     sing N N 228 
DT  OP3    P      sing N N 229 
DT  OP3    HOP3   sing N N 230 
DT  P      OP1    doub N N 231 
DT  P      OP2    sing N N 232 
DT  P      "O5'"  sing N N 233 
DT  OP2    HOP2   sing N N 234 
DT  "O5'"  "C5'"  sing N N 235 
DT  "C5'"  "C4'"  sing N N 236 
DT  "C5'"  "H5'"  sing N N 237 
DT  "C5'"  "H5''" sing N N 238 
DT  "C4'"  "O4'"  sing N N 239 
DT  "C4'"  "C3'"  sing N N 240 
DT  "C4'"  "H4'"  sing N N 241 
DT  "O4'"  "C1'"  sing N N 242 
DT  "C3'"  "O3'"  sing N N 243 
DT  "C3'"  "C2'"  sing N N 244 
DT  "C3'"  "H3'"  sing N N 245 
DT  "O3'"  "HO3'" sing N N 246 
DT  "C2'"  "C1'"  sing N N 247 
DT  "C2'"  "H2'"  sing N N 248 
DT  "C2'"  "H2''" sing N N 249 
DT  "C1'"  N1     sing N N 250 
DT  "C1'"  "H1'"  sing N N 251 
DT  N1     C2     sing N N 252 
DT  N1     C6     sing N N 253 
DT  C2     O2     doub N N 254 
DT  C2     N3     sing N N 255 
DT  N3     C4     sing N N 256 
DT  N3     H3     sing N N 257 
DT  C4     O4     doub N N 258 
DT  C4     C5     sing N N 259 
DT  C5     C7     sing N N 260 
DT  C5     C6     doub N N 261 
DT  C7     H71    sing N N 262 
DT  C7     H72    sing N N 263 
DT  C7     H73    sing N N 264 
DT  C6     H6     sing N N 265 
G   OP3    P      sing N N 266 
G   OP3    HOP3   sing N N 267 
G   P      OP1    doub N N 268 
G   P      OP2    sing N N 269 
G   P      "O5'"  sing N N 270 
G   OP2    HOP2   sing N N 271 
G   "O5'"  "C5'"  sing N N 272 
G   "C5'"  "C4'"  sing N N 273 
G   "C5'"  "H5'"  sing N N 274 
G   "C5'"  "H5''" sing N N 275 
G   "C4'"  "O4'"  sing N N 276 
G   "C4'"  "C3'"  sing N N 277 
G   "C4'"  "H4'"  sing N N 278 
G   "O4'"  "C1'"  sing N N 279 
G   "C3'"  "O3'"  sing N N 280 
G   "C3'"  "C2'"  sing N N 281 
G   "C3'"  "H3'"  sing N N 282 
G   "O3'"  "HO3'" sing N N 283 
G   "C2'"  "O2'"  sing N N 284 
G   "C2'"  "C1'"  sing N N 285 
G   "C2'"  "H2'"  sing N N 286 
G   "O2'"  "HO2'" sing N N 287 
G   "C1'"  N9     sing N N 288 
G   "C1'"  "H1'"  sing N N 289 
G   N9     C8     sing Y N 290 
G   N9     C4     sing Y N 291 
G   C8     N7     doub Y N 292 
G   C8     H8     sing N N 293 
G   N7     C5     sing Y N 294 
G   C5     C6     sing N N 295 
G   C5     C4     doub Y N 296 
G   C6     O6     doub N N 297 
G   C6     N1     sing N N 298 
G   N1     C2     sing N N 299 
G   N1     H1     sing N N 300 
G   C2     N2     sing N N 301 
G   C2     N3     doub N N 302 
G   N2     H21    sing N N 303 
G   N2     H22    sing N N 304 
G   N3     C4     sing N N 305 
HOH O      H1     sing N N 306 
HOH O      H2     sing N N 307 
# 
loop_
_ndb_struct_conf_na.entry_id 
_ndb_struct_conf_na.feature 
7OOO 'double helix'        
7OOO 'a-form double helix' 
# 
loop_
_ndb_struct_na_base_pair.model_number 
_ndb_struct_na_base_pair.i_label_asym_id 
_ndb_struct_na_base_pair.i_label_comp_id 
_ndb_struct_na_base_pair.i_label_seq_id 
_ndb_struct_na_base_pair.i_symmetry 
_ndb_struct_na_base_pair.j_label_asym_id 
_ndb_struct_na_base_pair.j_label_comp_id 
_ndb_struct_na_base_pair.j_label_seq_id 
_ndb_struct_na_base_pair.j_symmetry 
_ndb_struct_na_base_pair.shear 
_ndb_struct_na_base_pair.stretch 
_ndb_struct_na_base_pair.stagger 
_ndb_struct_na_base_pair.buckle 
_ndb_struct_na_base_pair.propeller 
_ndb_struct_na_base_pair.opening 
_ndb_struct_na_base_pair.pair_number 
_ndb_struct_na_base_pair.pair_name 
_ndb_struct_na_base_pair.i_auth_asym_id 
_ndb_struct_na_base_pair.i_auth_seq_id 
_ndb_struct_na_base_pair.i_PDB_ins_code 
_ndb_struct_na_base_pair.j_auth_asym_id 
_ndb_struct_na_base_pair.j_auth_seq_id 
_ndb_struct_na_base_pair.j_PDB_ins_code 
_ndb_struct_na_base_pair.hbond_type_28 
_ndb_struct_na_base_pair.hbond_type_12 
1 A C 1  1_555 B DG 9 1_555 -0.278 0.010  -0.524 17.557  -24.471 7.344  1  A_C1:DG19_B  A 1  ? B 19 ? 19 1 
1 A A 2  1_555 B DT 8 1_555 -0.123 -0.221 -0.382 -10.816 -13.175 4.148  2  A_A2:DT18_B  A 2  ? B 18 ? 20 1 
1 A A 3  1_555 B DT 7 1_555 -0.110 -0.028 -0.061 -2.983  -17.838 5.589  3  A_A3:DT17_B  A 3  ? B 17 ? 20 1 
1 A A 4  1_555 B DT 6 1_555 0.279  0.025  0.006  -4.738  -19.438 9.407  4  A_A4:DT16_B  A 4  ? B 16 ? 20 1 
1 A G 5  1_555 B DC 5 1_555 -0.375 -0.369 -0.231 -10.331 -0.959  -0.987 5  A_G5:DC15_B  A 5  ? B 15 ? 19 1 
1 A A 6  1_555 B DT 4 1_555 -0.153 -0.265 -0.271 -9.507  -8.293  0.026  6  A_A6:DT14_B  A 6  ? B 14 ? 20 1 
1 A A 9  1_555 B DT 2 1_555 -0.351 -0.125 -0.426 5.823   -4.705  4.811  7  A_A9:DT12_B  A 9  ? B 12 ? 20 1 
1 A G 10 1_555 B DC 1 1_555 0.011  -0.358 -0.203 5.487   -2.263  1.345  8  A_G10:DC11_B A 10 ? B 11 ? 19 1 
1 C C 1  1_555 D DG 9 1_555 0.203  -0.041 -0.142 6.645   -16.798 9.740  9  D_C1:DG19_E  D 1  ? E 19 ? 19 1 
1 C A 2  1_555 D DT 8 1_555 -0.674 -0.141 0.491  -2.172  -26.256 7.229  10 D_A2:DT18_E  D 2  ? E 18 ? 20 1 
1 C A 3  1_555 D DT 7 1_555 -0.359 -0.101 0.222  -2.322  -12.944 2.905  11 D_A3:DT17_E  D 3  ? E 17 ? 20 1 
1 C A 4  1_555 D DT 6 1_555 -0.235 -0.015 0.023  -4.790  -18.071 8.727  12 D_A4:DT16_E  D 4  ? E 16 ? 20 1 
1 C G 5  1_555 D DC 5 1_555 -1.117 -0.156 -0.266 -12.171 -8.121  4.742  13 D_G5:DC15_E  D 5  ? E 15 ? 19 1 
1 C A 6  1_555 D DT 4 1_555 0.069  -0.049 -0.199 -6.239  -5.605  0.352  14 D_A6:DT14_E  D 6  ? E 14 ? 20 1 
1 C A 9  1_555 D DT 2 1_555 -0.070 -0.221 -0.290 4.871   -6.219  0.613  15 D_A9:DT12_E  D 9  ? E 12 ? 20 1 
1 C G 10 1_555 D DC 1 1_555 -0.522 -0.292 0.122  7.915   -4.298  4.091  16 D_G10:DC11_E D 10 ? E 11 ? 19 1 
# 
loop_
_ndb_struct_na_base_pair_step.model_number 
_ndb_struct_na_base_pair_step.i_label_asym_id_1 
_ndb_struct_na_base_pair_step.i_label_comp_id_1 
_ndb_struct_na_base_pair_step.i_label_seq_id_1 
_ndb_struct_na_base_pair_step.i_symmetry_1 
_ndb_struct_na_base_pair_step.j_label_asym_id_1 
_ndb_struct_na_base_pair_step.j_label_comp_id_1 
_ndb_struct_na_base_pair_step.j_label_seq_id_1 
_ndb_struct_na_base_pair_step.j_symmetry_1 
_ndb_struct_na_base_pair_step.i_label_asym_id_2 
_ndb_struct_na_base_pair_step.i_label_comp_id_2 
_ndb_struct_na_base_pair_step.i_label_seq_id_2 
_ndb_struct_na_base_pair_step.i_symmetry_2 
_ndb_struct_na_base_pair_step.j_label_asym_id_2 
_ndb_struct_na_base_pair_step.j_label_comp_id_2 
_ndb_struct_na_base_pair_step.j_label_seq_id_2 
_ndb_struct_na_base_pair_step.j_symmetry_2 
_ndb_struct_na_base_pair_step.shift 
_ndb_struct_na_base_pair_step.slide 
_ndb_struct_na_base_pair_step.rise 
_ndb_struct_na_base_pair_step.tilt 
_ndb_struct_na_base_pair_step.roll 
_ndb_struct_na_base_pair_step.twist 
_ndb_struct_na_base_pair_step.x_displacement 
_ndb_struct_na_base_pair_step.y_displacement 
_ndb_struct_na_base_pair_step.helical_rise 
_ndb_struct_na_base_pair_step.inclination 
_ndb_struct_na_base_pair_step.tip 
_ndb_struct_na_base_pair_step.helical_twist 
_ndb_struct_na_base_pair_step.step_number 
_ndb_struct_na_base_pair_step.step_name 
_ndb_struct_na_base_pair_step.i_auth_asym_id_1 
_ndb_struct_na_base_pair_step.i_auth_seq_id_1 
_ndb_struct_na_base_pair_step.i_PDB_ins_code_1 
_ndb_struct_na_base_pair_step.j_auth_asym_id_1 
_ndb_struct_na_base_pair_step.j_auth_seq_id_1 
_ndb_struct_na_base_pair_step.j_PDB_ins_code_1 
_ndb_struct_na_base_pair_step.i_auth_asym_id_2 
_ndb_struct_na_base_pair_step.i_auth_seq_id_2 
_ndb_struct_na_base_pair_step.i_PDB_ins_code_2 
_ndb_struct_na_base_pair_step.j_auth_asym_id_2 
_ndb_struct_na_base_pair_step.j_auth_seq_id_2 
_ndb_struct_na_base_pair_step.j_PDB_ins_code_2 
1 A C 1 1_555 B DG 9 1_555 A A 2  1_555 B DT 8 1_555 0.288  -0.944 3.940 2.531  17.252 35.317 -3.771 -0.082 3.174 26.534 -3.893 
39.263 1  AA_C1A2:DT18DG19_BB  A 1 ? B 19 ? A 2  ? B 18 ? 
1 A A 2 1_555 B DT 8 1_555 A A 3  1_555 B DT 7 1_555 0.424  -0.793 3.113 -0.608 11.257 31.557 -3.071 -0.827 2.673 19.920 1.077  
33.462 2  AA_A2A3:DT17DT18_BB  A 2 ? B 18 ? A 3  ? B 17 ? 
1 A A 3 1_555 B DT 7 1_555 A A 4  1_555 B DT 6 1_555 0.501  -1.127 3.364 0.646  5.398  31.770 -2.994 -0.788 3.144 9.770  -1.169 
32.220 3  AA_A3A4:DT16DT17_BB  A 3 ? B 17 ? A 4  ? B 16 ? 
1 A A 4 1_555 B DT 6 1_555 A G 5  1_555 B DC 5 1_555 -1.390 -1.684 3.326 -4.878 14.564 31.120 -4.941 1.628  2.499 25.306 8.476  
34.620 4  AA_A4G5:DC15DT16_BB  A 4 ? B 16 ? A 5  ? B 15 ? 
1 A G 5 1_555 B DC 5 1_555 A A 6  1_555 B DT 4 1_555 1.003  -1.698 3.334 2.716  12.675 30.794 -4.928 -1.325 2.535 22.650 -4.853 
33.350 5  AA_G5A6:DT14DC15_BB  A 5 ? B 15 ? A 6  ? B 14 ? 
1 A A 9 1_555 B DT 2 1_555 A G 10 1_555 B DC 1 1_555 0.096  -1.769 3.571 -1.641 2.714  30.083 -3.976 -0.538 3.392 5.210  3.151  
30.246 6  AA_A9G10:DC11DT12_BB A 9 ? B 12 ? A 10 ? B 11 ? 
1 C C 1 1_555 D DG 9 1_555 C A 2  1_555 D DT 8 1_555 0.337  -1.350 3.157 -1.717 16.412 31.931 -4.245 -0.763 2.204 27.646 2.892  
35.844 7  DD_C1A2:DT18DG19_EE  D 1 ? E 19 ? D 2  ? E 18 ? 
1 C A 2 1_555 D DT 8 1_555 C A 3  1_555 D DT 7 1_555 0.086  -1.355 3.220 0.549  5.001  30.417 -3.478 -0.060 2.966 9.451  -1.038 
30.820 8  DD_A2A3:DT17DT18_EE  D 2 ? E 18 ? D 3  ? E 17 ? 
1 C A 3 1_555 D DT 7 1_555 C A 4  1_555 D DT 6 1_555 0.577  -1.458 3.382 3.649  4.627  30.610 -3.607 -0.371 3.179 8.664  -6.832 
31.159 9  DD_A3A4:DT16DT17_EE  D 3 ? E 17 ? D 4  ? E 16 ? 
1 C A 4 1_555 D DT 6 1_555 C G 5  1_555 D DC 5 1_555 -0.974 -1.619 3.301 -4.312 14.158 30.760 -4.855 1.025  2.453 24.959 7.602  
34.058 10 DD_A4G5:DC15DT16_EE  D 4 ? E 16 ? D 5  ? E 15 ? 
1 C G 5 1_555 D DC 5 1_555 C A 6  1_555 D DT 4 1_555 0.675  -1.611 3.128 1.177  11.544 32.512 -4.297 -0.978 2.453 19.847 -2.024 
34.468 11 DD_G5A6:DT14DC15_EE  D 5 ? E 15 ? D 6  ? E 14 ? 
1 C A 9 1_555 D DT 2 1_555 C G 10 1_555 D DC 1 1_555 0.710  -2.190 3.251 -2.710 2.952  25.662 -5.641 -2.285 2.896 6.594  6.055  
25.968 12 DD_A9G10:DC11DT12_EE D 9 ? E 12 ? D 10 ? E 11 ? 
# 
_pdbx_audit_support.funding_organization   'Biotechnology and Biological Sciences Research Council (BBSRC)' 
_pdbx_audit_support.country                'United Kingdom' 
_pdbx_audit_support.grant_number           BB/S018794/1 
_pdbx_audit_support.ordinal                1 
# 
_pdbx_entity_instance_feature.ordinal        1 
_pdbx_entity_instance_feature.comp_id        05A 
_pdbx_entity_instance_feature.asym_id        ? 
_pdbx_entity_instance_feature.seq_num        ? 
_pdbx_entity_instance_feature.auth_comp_id   05A 
_pdbx_entity_instance_feature.auth_asym_id   ? 
_pdbx_entity_instance_feature.auth_seq_num   ? 
_pdbx_entity_instance_feature.feature_type   'SUBJECT OF INVESTIGATION' 
_pdbx_entity_instance_feature.details        ? 
# 
_pdbx_initial_refinement_model.id               1 
_pdbx_initial_refinement_model.entity_id_list   ? 
_pdbx_initial_refinement_model.type             'experimental model' 
_pdbx_initial_refinement_model.source_name      PDB 
_pdbx_initial_refinement_model.accession_code   7NRP 
_pdbx_initial_refinement_model.details          ? 
# 
_atom_sites.entry_id                    7OOO 
_atom_sites.Cartn_transf_matrix[1][1]   ? 
_atom_sites.Cartn_transf_matrix[1][2]   ? 
_atom_sites.Cartn_transf_matrix[1][3]   ? 
_atom_sites.Cartn_transf_matrix[2][1]   ? 
_atom_sites.Cartn_transf_matrix[2][2]   ? 
_atom_sites.Cartn_transf_matrix[2][3]   ? 
_atom_sites.Cartn_transf_matrix[3][1]   ? 
_atom_sites.Cartn_transf_matrix[3][2]   ? 
_atom_sites.Cartn_transf_matrix[3][3]   ? 
_atom_sites.Cartn_transf_vector[1]      ? 
_atom_sites.Cartn_transf_vector[2]      ? 
_atom_sites.Cartn_transf_vector[3]      ? 
_atom_sites.fract_transf_matrix[1][1]   0.01086097 
_atom_sites.fract_transf_matrix[1][2]   -0.00656861 
_atom_sites.fract_transf_matrix[1][3]   0.01976979 
_atom_sites.fract_transf_matrix[2][1]   0.00146551 
_atom_sites.fract_transf_matrix[2][2]   -0.02277159 
_atom_sites.fract_transf_matrix[2][3]   0.00558821 
_atom_sites.fract_transf_matrix[3][1]   0.00951033 
_atom_sites.fract_transf_matrix[3][2]   -0.00072959 
_atom_sites.fract_transf_matrix[3][3]   -0.00546712 
_atom_sites.fract_transf_vector[1]      -0.172513 
_atom_sites.fract_transf_vector[2]      -0.376430 
_atom_sites.fract_transf_vector[3]      -0.096901 
_atom_sites.solution_primary            ? 
_atom_sites.solution_secondary          ? 
_atom_sites.solution_hydrogens          ? 
_atom_sites.special_details             ? 
# 
loop_
_atom_type.symbol 
C  
MG 
N  
O  
P  
# 
loop_
_atom_site.group_PDB 
_atom_site.id 
_atom_site.type_symbol 
_atom_site.label_atom_id 
_atom_site.label_alt_id 
_atom_site.label_comp_id 
_atom_site.label_asym_id 
_atom_site.label_entity_id 
_atom_site.label_seq_id 
_atom_site.pdbx_PDB_ins_code 
_atom_site.Cartn_x 
_atom_site.Cartn_y 
_atom_site.Cartn_z 
_atom_site.occupancy 
_atom_site.B_iso_or_equiv 
_atom_site.pdbx_formal_charge 
_atom_site.auth_seq_id 
_atom_site.auth_comp_id 
_atom_site.auth_asym_id 
_atom_site.auth_atom_id 
_atom_site.pdbx_PDB_model_num 
ATOM   1   O  "O5'"  . C   A 1 1  ? -18.370 -11.847 -2.907  1.00 94.38  ? 1   C   A "O5'"  1 
ATOM   2   C  "C5'"  . C   A 1 1  ? -19.721 -12.065 -3.350  1.00 97.77  ? 1   C   A "C5'"  1 
ATOM   3   C  "C4'"  . C   A 1 1  ? -20.140 -10.963 -4.291  1.00 98.39  ? 1   C   A "C4'"  1 
ATOM   4   O  "O4'"  . C   A 1 1  ? -20.560 -9.810  -3.514  1.00 101.28 ? 1   C   A "O4'"  1 
ATOM   5   C  "C3'"  . C   A 1 1  ? -19.036 -10.409 -5.173  1.00 97.26  ? 1   C   A "C3'"  1 
ATOM   6   O  "O3'"  . C   A 1 1  ? -18.668 -11.237 -6.284  1.00 97.53  ? 1   C   A "O3'"  1 
ATOM   7   C  "C2'"  . C   A 1 1  ? -19.578 -9.033  -5.531  1.00 98.90  ? 1   C   A "C2'"  1 
ATOM   8   O  "O2'"  . C   A 1 1  ? -20.523 -9.062  -6.576  1.00 102.36 ? 1   C   A "O2'"  1 
ATOM   9   C  "C1'"  . C   A 1 1  ? -20.233 -8.620  -4.212  1.00 98.87  ? 1   C   A "C1'"  1 
ATOM   10  N  N1     . C   A 1 1  ? -19.362 -7.797  -3.357  1.00 101.64 ? 1   C   A N1     1 
ATOM   11  C  C2     . C   A 1 1  ? -19.385 -6.412  -3.522  1.00 98.78  ? 1   C   A C2     1 
ATOM   12  O  O2     . C   A 1 1  ? -20.140 -5.925  -4.375  1.00 101.31 ? 1   C   A O2     1 
ATOM   13  N  N3     . C   A 1 1  ? -18.590 -5.640  -2.748  1.00 96.46  ? 1   C   A N3     1 
ATOM   14  C  C4     . C   A 1 1  ? -17.794 -6.204  -1.839  1.00 94.68  ? 1   C   A C4     1 
ATOM   15  N  N4     . C   A 1 1  ? -17.028 -5.404  -1.095  1.00 92.65  ? 1   C   A N4     1 
ATOM   16  C  C5     . C   A 1 1  ? -17.749 -7.614  -1.649  1.00 96.26  ? 1   C   A C5     1 
ATOM   17  C  C6     . C   A 1 1  ? -18.545 -8.365  -2.420  1.00 99.81  ? 1   C   A C6     1 
ATOM   18  P  P      . A   A 1 2  ? -17.094 -11.495 -6.646  1.00 100.64 ? 2   A   A P      1 
ATOM   19  O  OP1    . A   A 1 2  ? -17.029 -12.611 -7.627  1.00 111.35 ? 2   A   A OP1    1 
ATOM   20  O  OP2    . A   A 1 2  ? -16.365 -11.644 -5.362  1.00 97.02  ? 2   A   A OP2    1 
ATOM   21  O  "O5'"  . A   A 1 2  ? -16.648 -10.180 -7.420  1.00 99.37  ? 2   A   A "O5'"  1 
ATOM   22  C  "C5'"  . A   A 1 2  ? -17.393 -9.745  -8.547  1.00 98.32  ? 2   A   A "C5'"  1 
ATOM   23  C  "C4'"  . A   A 1 2  ? -17.045 -8.335  -8.949  1.00 102.26 ? 2   A   A "C4'"  1 
ATOM   24  O  "O4'"  . A   A 1 2  ? -17.520 -7.404  -7.944  1.00 104.48 ? 2   A   A "O4'"  1 
ATOM   25  C  "C3'"  . A   A 1 2  ? -15.565 -8.012  -9.080  1.00 95.68  ? 2   A   A "C3'"  1 
ATOM   26  O  "O3'"  . A   A 1 2  ? -15.021 -8.450  -10.310 1.00 88.98  ? 2   A   A "O3'"  1 
ATOM   27  C  "C2'"  . A   A 1 2  ? -15.547 -6.501  -8.908  1.00 96.84  ? 2   A   A "C2'"  1 
ATOM   28  O  "O2'"  . A   A 1 2  ? -15.978 -5.865  -10.100 1.00 94.68  ? 2   A   A "O2'"  1 
ATOM   29  C  "C1'"  . A   A 1 2  ? -16.636 -6.308  -7.848  1.00 99.11  ? 2   A   A "C1'"  1 
ATOM   30  N  N9     . A   A 1 2  ? -16.088 -6.254  -6.477  1.00 98.93  ? 2   A   A N9     1 
ATOM   31  C  C8     . A   A 1 2  ? -16.008 -7.258  -5.540  1.00 98.50  ? 2   A   A C8     1 
ATOM   32  N  N7     . A   A 1 2  ? -15.468 -6.881  -4.404  1.00 96.76  ? 2   A   A N7     1 
ATOM   33  C  C5     . A   A 1 2  ? -15.161 -5.542  -4.609  1.00 94.58  ? 2   A   A C5     1 
ATOM   34  C  C6     . A   A 1 2  ? -14.563 -4.565  -3.797  1.00 93.10  ? 2   A   A C6     1 
ATOM   35  N  N6     . A   A 1 2  ? -14.138 -4.784  -2.553  1.00 89.22  ? 2   A   A N6     1 
ATOM   36  N  N1     . A   A 1 2  ? -14.406 -3.327  -4.302  1.00 91.50  ? 2   A   A N1     1 
ATOM   37  C  C2     . A   A 1 2  ? -14.820 -3.098  -5.547  1.00 93.57  ? 2   A   A C2     1 
ATOM   38  N  N3     . A   A 1 2  ? -15.393 -3.927  -6.411  1.00 95.66  ? 2   A   A N3     1 
ATOM   39  C  C4     . A   A 1 2  ? -15.534 -5.148  -5.877  1.00 96.17  ? 2   A   A C4     1 
ATOM   40  P  P      . A   A 1 3  ? -13.569 -9.135  -10.352 1.00 99.47  ? 3   A   A P      1 
ATOM   41  O  OP1    . A   A 1 3  ? -13.461 -9.791  -11.680 1.00 100.78 ? 3   A   A OP1    1 
ATOM   42  O  OP2    . A   A 1 3  ? -13.394 -9.955  -9.131  1.00 95.69  ? 3   A   A OP2    1 
ATOM   43  O  "O5'"  . A   A 1 3  ? -12.551 -7.904  -10.297 1.00 96.69  ? 3   A   A "O5'"  1 
ATOM   44  C  "C5'"  . A   A 1 3  ? -12.516 -6.956  -11.354 1.00 95.86  ? 3   A   A "C5'"  1 
ATOM   45  C  "C4'"  . A   A 1 3  ? -11.971 -5.613  -10.920 1.00 98.32  ? 3   A   A "C4'"  1 
ATOM   46  O  "O4'"  . A   A 1 3  ? -12.755 -5.091  -9.814  1.00 97.80  ? 3   A   A "O4'"  1 
ATOM   47  C  "C3'"  . A   A 1 3  ? -10.544 -5.583  -10.396 1.00 94.75  ? 3   A   A "C3'"  1 
ATOM   48  O  "O3'"  . A   A 1 3  ? -9.568  -5.618  -11.422 1.00 88.25  ? 3   A   A "O3'"  1 
ATOM   49  C  "C2'"  . A   A 1 3  ? -10.532 -4.295  -9.589  1.00 90.97  ? 3   A   A "C2'"  1 
ATOM   50  O  "O2'"  . A   A 1 3  ? -10.460 -3.169  -10.447 1.00 98.18  ? 3   A   A "O2'"  1 
ATOM   51  C  "C1'"  . A   A 1 3  ? -11.925 -4.325  -8.961  1.00 95.61  ? 3   A   A "C1'"  1 
ATOM   52  N  N9     . A   A 1 3  ? -11.880 -4.965  -7.628  1.00 95.93  ? 3   A   A N9     1 
ATOM   53  C  C8     . A   A 1 3  ? -12.152 -6.271  -7.299  1.00 92.60  ? 3   A   A C8     1 
ATOM   54  N  N7     . A   A 1 3  ? -11.989 -6.537  -6.028  1.00 91.88  ? 3   A   A N7     1 
ATOM   55  C  C5     . A   A 1 3  ? -11.570 -5.333  -5.480  1.00 94.40  ? 3   A   A C5     1 
ATOM   56  C  C6     . A   A 1 3  ? -11.222 -4.947  -4.170  1.00 87.29  ? 3   A   A C6     1 
ATOM   57  N  N6     . A   A 1 3  ? -11.247 -5.775  -3.134  1.00 84.75  ? 3   A   A N6     1 
ATOM   58  N  N1     . A   A 1 3  ? -10.844 -3.664  -3.957  1.00 87.73  ? 3   A   A N1     1 
ATOM   59  C  C2     . A   A 1 3  ? -10.808 -2.823  -4.998  1.00 86.02  ? 3   A   A C2     1 
ATOM   60  N  N3     . A   A 1 3  ? -11.104 -3.073  -6.274  1.00 92.19  ? 3   A   A N3     1 
ATOM   61  C  C4     . A   A 1 3  ? -11.485 -4.357  -6.455  1.00 95.38  ? 3   A   A C4     1 
ATOM   62  P  P      . A   A 1 4  ? -8.126  -6.353  -11.223 1.00 100.82 ? 4   A   A P      1 
ATOM   63  O  OP1    . A   A 1 4  ? -7.430  -6.341  -12.530 1.00 103.95 ? 4   A   A OP1    1 
ATOM   64  O  OP2    . A   A 1 4  ? -8.317  -7.648  -10.515 1.00 96.75  ? 4   A   A OP2    1 
ATOM   65  O  "O5'"  . A   A 1 4  ? -7.322  -5.356  -10.277 1.00 95.54  ? 4   A   A "O5'"  1 
ATOM   66  C  "C5'"  . A   A 1 4  ? -6.974  -4.039  -10.734 1.00 97.12  ? 4   A   A "C5'"  1 
ATOM   67  C  "C4'"  . A   A 1 4  ? -6.691  -3.139  -9.560  1.00 92.29  ? 4   A   A "C4'"  1 
ATOM   68  O  "O4'"  . A   A 1 4  ? -7.811  -3.161  -8.633  1.00 93.52  ? 4   A   A "O4'"  1 
ATOM   69  C  "C3'"  . A   A 1 4  ? -5.529  -3.560  -8.677  1.00 90.40  ? 4   A   A "C3'"  1 
ATOM   70  O  "O3'"  . A   A 1 4  ? -4.235  -3.281  -9.203  1.00 83.93  ? 4   A   A "O3'"  1 
ATOM   71  C  "C2'"  . A   A 1 4  ? -5.830  -2.781  -7.414  1.00 91.37  ? 4   A   A "C2'"  1 
ATOM   72  O  "O2'"  . A   A 1 4  ? -5.542  -1.409  -7.568  1.00 95.94  ? 4   A   A "O2'"  1 
ATOM   73  C  "C1'"  . A   A 1 4  ? -7.338  -2.988  -7.306  1.00 86.96  ? 4   A   A "C1'"  1 
ATOM   74  N  N9     . A   A 1 4  ? -7.666  -4.180  -6.528  1.00 88.39  ? 4   A   A N9     1 
ATOM   75  C  C8     . A   A 1 4  ? -8.068  -5.414  -6.973  1.00 90.39  ? 4   A   A C8     1 
ATOM   76  N  N7     . A   A 1 4  ? -8.256  -6.287  -6.015  1.00 85.23  ? 4   A   A N7     1 
ATOM   77  C  C5     . A   A 1 4  ? -7.946  -5.584  -4.859  1.00 86.52  ? 4   A   A C5     1 
ATOM   78  C  C6     . A   A 1 4  ? -7.950  -5.946  -3.502  1.00 88.38  ? 4   A   A C6     1 
ATOM   79  N  N6     . A   A 1 4  ? -8.287  -7.157  -3.059  1.00 93.64  ? 4   A   A N6     1 
ATOM   80  N  N1     . A   A 1 4  ? -7.599  -5.004  -2.600  1.00 87.37  ? 4   A   A N1     1 
ATOM   81  C  C2     . A   A 1 4  ? -7.260  -3.789  -3.044  1.00 86.97  ? 4   A   A C2     1 
ATOM   82  N  N3     . A   A 1 4  ? -7.219  -3.328  -4.290  1.00 87.68  ? 4   A   A N3     1 
ATOM   83  C  C4     . A   A 1 4  ? -7.575  -4.287  -5.161  1.00 89.01  ? 4   A   A C4     1 
ATOM   84  P  P      . G   A 1 5  ? -2.940  -4.175  -8.783  1.00 90.44  ? 5   G   A P      1 
ATOM   85  O  OP1    . G   A 1 5  ? -1.907  -3.969  -9.840  1.00 91.34  ? 5   G   A OP1    1 
ATOM   86  O  OP2    . G   A 1 5  ? -3.396  -5.552  -8.440  1.00 85.82  ? 5   G   A OP2    1 
ATOM   87  O  "O5'"  . G   A 1 5  ? -2.415  -3.506  -7.434  1.00 91.70  ? 5   G   A "O5'"  1 
ATOM   88  C  "C5'"  . G   A 1 5  ? -2.061  -2.130  -7.378  1.00 90.05  ? 5   G   A "C5'"  1 
ATOM   89  C  "C4'"  . G   A 1 5  ? -1.482  -1.781  -6.032  1.00 85.85  ? 5   G   A "C4'"  1 
ATOM   90  O  "O4'"  . G   A 1 5  ? -2.552  -1.699  -5.062  1.00 91.07  ? 5   G   A "O4'"  1 
ATOM   91  C  "C3'"  . G   A 1 5  ? -0.534  -2.820  -5.454  1.00 91.40  ? 5   G   A "C3'"  1 
ATOM   92  O  "O3'"  . G   A 1 5  ? 0.781   -2.703  -5.950  1.00 84.26  ? 5   G   A "O3'"  1 
ATOM   93  C  "C2'"  . G   A 1 5  ? -0.660  -2.608  -3.951  1.00 89.90  ? 5   G   A "C2'"  1 
ATOM   94  O  "O2'"  . G   A 1 5  ? 0.119   -1.504  -3.503  1.00 92.66  ? 5   G   A "O2'"  1 
ATOM   95  C  "C1'"  . G   A 1 5  ? -2.140  -2.259  -3.831  1.00 91.02  ? 5   G   A "C1'"  1 
ATOM   96  N  N9     . G   A 1 5  ? -2.961  -3.455  -3.594  1.00 92.30  ? 5   G   A N9     1 
ATOM   97  C  C8     . G   A 1 5  ? -3.731  -4.092  -4.533  1.00 89.36  ? 5   G   A C8     1 
ATOM   98  N  N7     . G   A 1 5  ? -4.352  -5.124  -4.035  1.00 93.92  ? 5   G   A N7     1 
ATOM   99  C  C5     . G   A 1 5  ? -3.974  -5.162  -2.700  1.00 86.69  ? 5   G   A C5     1 
ATOM   100 C  C6     . G   A 1 5  ? -4.337  -6.061  -1.674  1.00 87.12  ? 5   G   A C6     1 
ATOM   101 O  O6     . G   A 1 5  ? -5.099  -7.035  -1.752  1.00 90.42  ? 5   G   A O6     1 
ATOM   102 N  N1     . G   A 1 5  ? -3.715  -5.734  -0.465  1.00 86.82  ? 5   G   A N1     1 
ATOM   103 C  C2     . G   A 1 5  ? -2.867  -4.670  -0.274  1.00 85.27  ? 5   G   A C2     1 
ATOM   104 N  N2     . G   A 1 5  ? -2.380  -4.523  0.963   1.00 82.77  ? 5   G   A N2     1 
ATOM   105 N  N3     . G   A 1 5  ? -2.515  -3.823  -1.227  1.00 86.30  ? 5   G   A N3     1 
ATOM   106 C  C4     . G   A 1 5  ? -3.109  -4.132  -2.405  1.00 90.14  ? 5   G   A C4     1 
ATOM   107 P  P      . A   A 1 6  ? 1.662   -4.023  -6.153  1.00 101.91 ? 6   A   A P      1 
ATOM   108 O  OP1    . A   A 1 6  ? 3.076   -3.607  -6.376  1.00 98.35  ? 6   A   A OP1    1 
ATOM   109 O  OP2    . A   A 1 6  ? 0.948   -4.878  -7.147  1.00 100.68 ? 6   A   A OP2    1 
ATOM   110 O  "O5'"  . A   A 1 6  ? 1.571   -4.743  -4.739  1.00 94.26  ? 6   A   A "O5'"  1 
ATOM   111 C  "C5'"  . A   A 1 6  ? 2.744   -5.155  -4.076  1.00 88.48  ? 6   A   A "C5'"  1 
ATOM   112 C  "C4'"  . A   A 1 6  ? 2.490   -5.447  -2.625  1.00 91.80  ? 6   A   A "C4'"  1 
ATOM   113 O  "O4'"  . A   A 1 6  ? 1.111   -5.166  -2.258  1.00 93.66  ? 6   A   A "O4'"  1 
ATOM   114 C  "C3'"  . A   A 1 6  ? 2.672   -6.889  -2.225  1.00 91.02  ? 6   A   A "C3'"  1 
ATOM   115 O  "O3'"  . A   A 1 6  ? 4.027   -7.256  -2.123  1.00 91.60  ? 6   A   A "O3'"  1 
ATOM   116 C  "C2'"  . A   A 1 6  ? 1.905   -6.955  -0.914  1.00 90.76  ? 6   A   A "C2'"  1 
ATOM   117 O  "O2'"  . A   A 1 6  ? 2.657   -6.371  0.135   1.00 87.77  ? 6   A   A "O2'"  1 
ATOM   118 C  "C1'"  . A   A 1 6  ? 0.702   -6.063  -1.243  1.00 90.22  ? 6   A   A "C1'"  1 
ATOM   119 N  N9     . A   A 1 6  ? -0.391  -6.892  -1.770  1.00 87.48  ? 6   A   A N9     1 
ATOM   120 C  C8     . A   A 1 6  ? -0.888  -6.927  -3.049  1.00 88.26  ? 6   A   A C8     1 
ATOM   121 N  N7     . A   A 1 6  ? -1.841  -7.815  -3.204  1.00 90.79  ? 6   A   A N7     1 
ATOM   122 C  C5     . A   A 1 6  ? -1.958  -8.409  -1.949  1.00 85.28  ? 6   A   A C5     1 
ATOM   123 C  C6     . A   A 1 6  ? -2.795  -9.428  -1.462  1.00 78.95  ? 6   A   A C6     1 
ATOM   124 N  N6     . A   A 1 6  ? -3.704  -10.039 -2.221  1.00 83.09  ? 6   A   A N6     1 
ATOM   125 N  N1     . A   A 1 6  ? -2.673  -9.788  -0.168  1.00 75.70  ? 6   A   A N1     1 
ATOM   126 C  C2     . A   A 1 6  ? -1.753  -9.152  0.576   1.00 83.34  ? 6   A   A C2     1 
ATOM   127 N  N3     . A   A 1 6  ? -0.905  -8.175  0.240   1.00 82.06  ? 6   A   A N3     1 
ATOM   128 C  C4     . A   A 1 6  ? -1.071  -7.846  -1.054  1.00 82.67  ? 6   A   A C4     1 
ATOM   129 P  P      . A   A 1 7  ? 4.455   -8.713  -2.612  1.00 97.26  ? 7   A   A P      1 
ATOM   130 O  OP1    . A   A 1 7  ? 5.938   -8.820  -2.631  1.00 103.31 ? 7   A   A OP1    1 
ATOM   131 O  OP2    . A   A 1 7  ? 3.659   -8.965  -3.847  1.00 85.98  ? 7   A   A OP2    1 
ATOM   132 O  "O5'"  . A   A 1 7  ? 3.904   -9.657  -1.458  1.00 88.36  ? 7   A   A "O5'"  1 
ATOM   133 C  "C5'"  . A   A 1 7  ? 4.191   -9.376  -0.107  1.00 80.99  ? 7   A   A "C5'"  1 
ATOM   134 C  "C4'"  . A   A 1 7  ? 3.464   -10.327 0.800   1.00 86.92  ? 7   A   A "C4'"  1 
ATOM   135 O  "O4'"  . A   A 1 7  ? 2.035   -10.081 0.771   1.00 89.97  ? 7   A   A "O4'"  1 
ATOM   136 C  "C3'"  . A   A 1 7  ? 3.574   -11.795 0.451   1.00 83.41  ? 7   A   A "C3'"  1 
ATOM   137 O  "O3'"  . A   A 1 7  ? 4.826   -12.350 0.799   1.00 86.91  ? 7   A   A "O3'"  1 
ATOM   138 C  "C2'"  . A   A 1 7  ? 2.397   -12.383 1.219   1.00 81.66  ? 7   A   A "C2'"  1 
ATOM   139 O  "O2'"  . A   A 1 7  ? 2.695   -12.446 2.607   1.00 85.89  ? 7   A   A "O2'"  1 
ATOM   140 C  "C1'"  . A   A 1 7  ? 1.349   -11.289 1.025   1.00 83.08  ? 7   A   A "C1'"  1 
ATOM   141 N  N9     . A   A 1 7  ? 0.461   -11.572 -0.111  1.00 80.85  ? 7   A   A N9     1 
ATOM   142 C  C8     . A   A 1 7  ? 0.456   -10.962 -1.333  1.00 81.73  ? 7   A   A C8     1 
ATOM   143 N  N7     . A   A 1 7  ? -0.476  -11.428 -2.138  1.00 84.50  ? 7   A   A N7     1 
ATOM   144 C  C5     . A   A 1 7  ? -1.120  -12.398 -1.390  1.00 78.56  ? 7   A   A C5     1 
ATOM   145 C  C6     . A   A 1 7  ? -2.198  -13.242 -1.681  1.00 77.61  ? 7   A   A C6     1 
ATOM   146 N  N6     . A   A 1 7  ? -2.830  -13.233 -2.859  1.00 78.64  ? 7   A   A N6     1 
ATOM   147 N  N1     . A   A 1 7  ? -2.607  -14.092 -0.714  1.00 79.32  ? 7   A   A N1     1 
ATOM   148 C  C2     . A   A 1 7  ? -1.961  -14.075 0.456   1.00 76.96  ? 7   A   A C2     1 
ATOM   149 N  N3     . A   A 1 7  ? -0.941  -13.321 0.859   1.00 73.87  ? 7   A   A N3     1 
ATOM   150 C  C4     . A   A 1 7  ? -0.565  -12.489 -0.129  1.00 79.85  ? 7   A   A C4     1 
ATOM   151 P  P      . A   A 1 8  ? 5.348   -13.675 0.058   1.00 87.17  ? 8   A   A P      1 
ATOM   152 O  OP1    . A   A 1 8  ? 6.744   -13.901 0.521   1.00 91.54  ? 8   A   A OP1    1 
ATOM   153 O  OP2    . A   A 1 8  ? 5.023   -13.588 -1.387  1.00 70.31  ? 8   A   A OP2    1 
ATOM   154 O  "O5'"  . A   A 1 8  ? 4.524   -14.835 0.754   1.00 81.15  ? 8   A   A "O5'"  1 
ATOM   155 C  "C5'"  . A   A 1 8  ? 4.660   -15.017 2.147   1.00 76.00  ? 8   A   A "C5'"  1 
ATOM   156 C  "C4'"  . A   A 1 8  ? 3.625   -15.954 2.691   1.00 81.47  ? 8   A   A "C4'"  1 
ATOM   157 O  "O4'"  . A   A 1 8  ? 2.297   -15.459 2.395   1.00 80.53  ? 8   A   A "O4'"  1 
ATOM   158 C  "C3'"  . A   A 1 8  ? 3.607   -17.360 2.132   1.00 82.46  ? 8   A   A "C3'"  1 
ATOM   159 O  "O3'"  . A   A 1 8  ? 4.616   -18.180 2.671   1.00 85.41  ? 8   A   A "O3'"  1 
ATOM   160 C  "C2'"  . A   A 1 8  ? 2.206   -17.823 2.491   1.00 81.53  ? 8   A   A "C2'"  1 
ATOM   161 O  "O2'"  . A   A 1 8  ? 2.143   -18.136 3.879   1.00 79.75  ? 8   A   A "O2'"  1 
ATOM   162 C  "C1'"  . A   A 1 8  ? 1.408   -16.548 2.267   1.00 78.26  ? 8   A   A "C1'"  1 
ATOM   163 N  N9     . A   A 1 8  ? 0.811   -16.497 0.931   1.00 73.21  ? 8   A   A N9     1 
ATOM   164 C  C8     . A   A 1 8  ? 1.255   -15.795 -0.154  1.00 79.47  ? 8   A   A C8     1 
ATOM   165 N  N7     . A   A 1 8  ? 0.484   -15.924 -1.209  1.00 76.02  ? 8   A   A N7     1 
ATOM   166 C  C5     . A   A 1 8  ? -0.530  -16.756 -0.768  1.00 76.97  ? 8   A   A C5     1 
ATOM   167 C  C6     . A   A 1 8  ? -1.657  -17.266 -1.414  1.00 78.61  ? 8   A   A C6     1 
ATOM   168 N  N6     . A   A 1 8  ? -1.942  -16.991 -2.681  1.00 76.57  ? 8   A   A N6     1 
ATOM   169 N  N1     . A   A 1 8  ? -2.475  -18.074 -0.698  1.00 82.38  ? 8   A   A N1     1 
ATOM   170 C  C2     . A   A 1 8  ? -2.170  -18.329 0.585   1.00 77.81  ? 8   A   A C2     1 
ATOM   171 N  N3     . A   A 1 8  ? -1.135  -17.901 1.315   1.00 77.68  ? 8   A   A N3     1 
ATOM   172 C  C4     . A   A 1 8  ? -0.345  -17.116 0.556   1.00 76.79  ? 8   A   A C4     1 
ATOM   173 P  P      . A   A 1 9  ? 5.148   -19.431 1.821   1.00 85.58  ? 9   A   A P      1 
ATOM   174 O  OP1    . A   A 1 9  ? 6.333   -19.987 2.530   1.00 82.36  ? 9   A   A OP1    1 
ATOM   175 O  OP2    . A   A 1 9  ? 5.200   -19.005 0.408   1.00 77.46  ? 9   A   A OP2    1 
ATOM   176 O  "O5'"  . A   A 1 9  ? 3.976   -20.504 1.914   1.00 80.65  ? 9   A   A "O5'"  1 
ATOM   177 C  "C5'"  . A   A 1 9  ? 3.563   -21.035 3.163   1.00 72.01  ? 9   A   A "C5'"  1 
ATOM   178 C  "C4'"  . A   A 1 9  ? 2.412   -21.983 2.966   1.00 82.22  ? 9   A   A "C4'"  1 
ATOM   179 O  "O4'"  . A   A 1 9  ? 1.229   -21.256 2.549   1.00 79.41  ? 9   A   A "O4'"  1 
ATOM   180 C  "C3'"  . A   A 1 9  ? 2.604   -23.018 1.868   1.00 85.05  ? 9   A   A "C3'"  1 
ATOM   181 O  "O3'"  . A   A 1 9  ? 3.396   -24.109 2.296   1.00 78.26  ? 9   A   A "O3'"  1 
ATOM   182 C  "C2'"  . A   A 1 9  ? 1.175   -23.395 1.513   1.00 80.34  ? 9   A   A "C2'"  1 
ATOM   183 O  "O2'"  . A   A 1 9  ? 0.658   -24.289 2.484   1.00 78.91  ? 9   A   A "O2'"  1 
ATOM   184 C  "C1'"  . A   A 1 9  ? 0.468   -22.045 1.655   1.00 78.40  ? 9   A   A "C1'"  1 
ATOM   185 N  N9     . A   A 1 9  ? 0.367   -21.332 0.373   1.00 80.42  ? 9   A   A N9     1 
ATOM   186 C  C8     . A   A 1 9  ? 1.169   -20.321 -0.094  1.00 80.68  ? 9   A   A C8     1 
ATOM   187 N  N7     . A   A 1 9  ? 0.832   -19.879 -1.290  1.00 81.49  ? 9   A   A N7     1 
ATOM   188 C  C5     . A   A 1 9  ? -0.265  -20.653 -1.622  1.00 81.24  ? 9   A   A C5     1 
ATOM   189 C  C6     . A   A 1 9  ? -1.084  -20.681 -2.758  1.00 82.36  ? 9   A   A C6     1 
ATOM   190 N  N6     . A   A 1 9  ? -0.911  -19.874 -3.798  1.00 84.88  ? 9   A   A N6     1 
ATOM   191 N  N1     . A   A 1 9  ? -2.099  -21.571 -2.791  1.00 77.95  ? 9   A   A N1     1 
ATOM   192 C  C2     . A   A 1 9  ? -2.270  -22.375 -1.738  1.00 79.95  ? 9   A   A C2     1 
ATOM   193 N  N3     . A   A 1 9  ? -1.560  -22.446 -0.607  1.00 84.97  ? 9   A   A N3     1 
ATOM   194 C  C4     . A   A 1 9  ? -0.555  -21.556 -0.615  1.00 81.67  ? 9   A   A C4     1 
ATOM   195 P  P      . G   A 1 10 ? 4.332   -24.874 1.248   1.00 79.64  ? 10  G   A P      1 
ATOM   196 O  OP1    . G   A 1 10 ? 5.190   -25.785 2.054   1.00 84.62  ? 10  G   A OP1    1 
ATOM   197 O  OP2    . G   A 1 10 ? 4.932   -23.889 0.321   1.00 81.78  ? 10  G   A OP2    1 
ATOM   198 O  "O5'"  . G   A 1 10 ? 3.301   -25.713 0.374   1.00 85.50  ? 10  G   A "O5'"  1 
ATOM   199 C  "C5'"  . G   A 1 10 ? 2.429   -26.649 0.986   1.00 77.76  ? 10  G   A "C5'"  1 
ATOM   200 C  "C4'"  . G   A 1 10 ? 1.385   -27.127 0.018   1.00 82.18  ? 10  G   A "C4'"  1 
ATOM   201 O  "O4'"  . G   A 1 10 ? 0.584   -26.007 -0.426  1.00 75.46  ? 10  G   A "O4'"  1 
ATOM   202 C  "C3'"  . G   A 1 10 ? 1.896   -27.732 -1.277  1.00 82.28  ? 10  G   A "C3'"  1 
ATOM   203 O  "O3'"  . G   A 1 10 ? 2.342   -29.063 -1.121  1.00 84.33  ? 10  G   A "O3'"  1 
ATOM   204 C  "C2'"  . G   A 1 10 ? 0.696   -27.581 -2.210  1.00 85.07  ? 10  G   A "C2'"  1 
ATOM   205 O  "O2'"  . G   A 1 10 ? -0.263  -28.605 -1.994  1.00 89.21  ? 10  G   A "O2'"  1 
ATOM   206 C  "C1'"  . G   A 1 10 ? 0.103   -26.253 -1.732  1.00 77.07  ? 10  G   A "C1'"  1 
ATOM   207 N  N9     . G   A 1 10 ? 0.503   -25.147 -2.600  1.00 81.16  ? 10  G   A N9     1 
ATOM   208 C  C8     . G   A 1 10 ? 1.499   -24.231 -2.381  1.00 81.52  ? 10  G   A C8     1 
ATOM   209 N  N7     . G   A 1 10 ? 1.600   -23.384 -3.371  1.00 84.11  ? 10  G   A N7     1 
ATOM   210 C  C5     . G   A 1 10 ? 0.629   -23.777 -4.277  1.00 80.26  ? 10  G   A C5     1 
ATOM   211 C  C6     . G   A 1 10 ? 0.283   -23.240 -5.528  1.00 78.71  ? 10  G   A C6     1 
ATOM   212 O  O6     . G   A 1 10 ? 0.772   -22.268 -6.108  1.00 82.86  ? 10  G   A O6     1 
ATOM   213 N  N1     . G   A 1 10 ? -0.755  -23.955 -6.104  1.00 84.04  ? 10  G   A N1     1 
ATOM   214 C  C2     . G   A 1 10 ? -1.374  -25.047 -5.552  1.00 82.71  ? 10  G   A C2     1 
ATOM   215 N  N2     . G   A 1 10 ? -2.357  -25.587 -6.278  1.00 88.90  ? 10  G   A N2     1 
ATOM   216 N  N3     . G   A 1 10 ? -1.062  -25.564 -4.384  1.00 80.58  ? 10  G   A N3     1 
ATOM   217 C  C4     . G   A 1 10 ? -0.059  -24.873 -3.814  1.00 82.07  ? 10  G   A C4     1 
ATOM   218 O  "O5'"  . DC  B 2 1  ? -4.583  -21.706 -13.297 1.00 102.82 ? 11  DC  B "O5'"  1 
ATOM   219 C  "C5'"  . DC  B 2 1  ? -5.251  -22.827 -13.843 1.00 91.40  ? 11  DC  B "C5'"  1 
ATOM   220 C  "C4'"  . DC  B 2 1  ? -5.258  -23.986 -12.863 1.00 93.37  ? 11  DC  B "C4'"  1 
ATOM   221 O  "O4'"  . DC  B 2 1  ? -3.894  -24.428 -12.609 1.00 92.19  ? 11  DC  B "O4'"  1 
ATOM   222 C  "C3'"  . DC  B 2 1  ? -5.804  -23.656 -11.486 1.00 97.26  ? 11  DC  B "C3'"  1 
ATOM   223 O  "O3'"  . DC  B 2 1  ? -7.216  -23.734 -11.474 1.00 98.25  ? 11  DC  B "O3'"  1 
ATOM   224 C  "C2'"  . DC  B 2 1  ? -5.171  -24.756 -10.636 1.00 95.21  ? 11  DC  B "C2'"  1 
ATOM   225 C  "C1'"  . DC  B 2 1  ? -3.770  -24.833 -11.248 1.00 94.51  ? 11  DC  B "C1'"  1 
ATOM   226 N  N1     . DC  B 2 1  ? -2.742  -23.970 -10.558 1.00 92.22  ? 11  DC  B N1     1 
ATOM   227 C  C2     . DC  B 2 1  ? -2.342  -24.282 -9.256  1.00 90.28  ? 11  DC  B C2     1 
ATOM   228 O  O2     . DC  B 2 1  ? -2.849  -25.248 -8.687  1.00 90.87  ? 11  DC  B O2     1 
ATOM   229 N  N3     . DC  B 2 1  ? -1.412  -23.509 -8.650  1.00 90.69  ? 11  DC  B N3     1 
ATOM   230 C  C4     . DC  B 2 1  ? -0.888  -22.468 -9.290  1.00 84.12  ? 11  DC  B C4     1 
ATOM   231 N  N4     . DC  B 2 1  ? 0.026   -21.750 -8.649  1.00 78.13  ? 11  DC  B N4     1 
ATOM   232 C  C5     . DC  B 2 1  ? -1.277  -22.126 -10.616 1.00 83.26  ? 11  DC  B C5     1 
ATOM   233 C  C6     . DC  B 2 1  ? -2.196  -22.897 -11.209 1.00 89.61  ? 11  DC  B C6     1 
ATOM   234 P  P      . DT  B 2 2  ? -8.123  -22.748 -10.546 1.00 103.47 ? 12  DT  B P      1 
ATOM   235 O  OP1    . DT  B 2 2  ? -9.545  -23.028 -10.843 1.00 105.82 ? 12  DT  B OP1    1 
ATOM   236 O  OP2    . DT  B 2 2  ? -7.620  -21.351 -10.661 1.00 103.25 ? 12  DT  B OP2    1 
ATOM   237 O  "O5'"  . DT  B 2 2  ? -7.878  -23.287 -9.068  1.00 97.38  ? 12  DT  B "O5'"  1 
ATOM   238 C  "C5'"  . DT  B 2 2  ? -8.500  -24.503 -8.628  1.00 96.91  ? 12  DT  B "C5'"  1 
ATOM   239 C  "C4'"  . DT  B 2 2  ? -7.883  -24.968 -7.332  1.00 96.66  ? 12  DT  B "C4'"  1 
ATOM   240 O  "O4'"  . DT  B 2 2  ? -6.443  -24.890 -7.414  1.00 96.11  ? 12  DT  B "O4'"  1 
ATOM   241 C  "C3'"  . DT  B 2 2  ? -8.234  -24.119 -6.120  1.00 97.05  ? 12  DT  B "C3'"  1 
ATOM   242 O  "O3'"  . DT  B 2 2  ? -9.474  -24.526 -5.544  1.00 98.86  ? 12  DT  B "O3'"  1 
ATOM   243 C  "C2'"  . DT  B 2 2  ? -7.088  -24.424 -5.178  1.00 95.94  ? 12  DT  B "C2'"  1 
ATOM   244 C  "C1'"  . DT  B 2 2  ? -5.906  -24.633 -6.119  1.00 94.80  ? 12  DT  B "C1'"  1 
ATOM   245 N  N1     . DT  B 2 2  ? -5.002  -23.476 -6.223  1.00 91.49  ? 12  DT  B N1     1 
ATOM   246 C  C2     . DT  B 2 2  ? -4.174  -23.197 -5.160  1.00 87.76  ? 12  DT  B C2     1 
ATOM   247 O  O2     . DT  B 2 2  ? -4.143  -23.871 -4.145  1.00 84.56  ? 12  DT  B O2     1 
ATOM   248 N  N3     . DT  B 2 2  ? -3.357  -22.112 -5.344  1.00 83.89  ? 12  DT  B N3     1 
ATOM   249 C  C4     . DT  B 2 2  ? -3.294  -21.291 -6.452  1.00 83.95  ? 12  DT  B C4     1 
ATOM   250 O  O4     . DT  B 2 2  ? -2.513  -20.344 -6.467  1.00 96.57  ? 12  DT  B O4     1 
ATOM   251 C  C5     . DT  B 2 2  ? -4.196  -21.636 -7.525  1.00 90.16  ? 12  DT  B C5     1 
ATOM   252 C  C7     . DT  B 2 2  ? -4.210  -20.794 -8.761  1.00 84.67  ? 12  DT  B C7     1 
ATOM   253 C  C6     . DT  B 2 2  ? -4.993  -22.697 -7.358  1.00 91.07  ? 12  DT  B C6     1 
HETATM 254 C  C4     . 05A B 2 3  ? -8.562  -23.811 -0.272  1.00 90.77  ? 13  05A B C4     1 
HETATM 255 C  "C1'"  . 05A B 2 3  ? -6.731  -18.064 1.504   1.00 77.68  ? 13  05A B "C1'"  1 
HETATM 256 C  C7     . 05A B 2 3  ? -8.386  -19.066 3.464   1.00 75.37  ? 13  05A B C7     1 
HETATM 257 C  C2     . 05A B 2 3  ? -5.205  -16.448 0.317   1.00 76.95  ? 13  05A B C2     1 
HETATM 258 C  "C2'"  . 05A B 2 3  ? -7.139  -17.268 2.735   1.00 75.38  ? 13  05A B "C2'"  1 
HETATM 259 C  C21    . 05A B 2 3  ? -5.054  -20.346 -1.609  1.00 83.37  ? 13  05A B C21    1 
HETATM 260 C  C11    . 05A B 2 3  ? -10.310 -21.613 -0.473  1.00 84.65  ? 13  05A B C11    1 
HETATM 261 C  "C3'"  . 05A B 2 3  ? -8.581  -16.998 2.423   1.00 77.79  ? 13  05A B "C3'"  1 
HETATM 262 C  C41    . 05A B 2 3  ? -4.821  -19.100 -3.543  1.00 83.25  ? 13  05A B C41    1 
HETATM 263 C  "C4'"  . 05A B 2 3  ? -8.883  -18.432 2.183   1.00 81.15  ? 13  05A B "C4'"  1 
HETATM 264 C  C8     . 05A B 2 3  ? -5.590  -15.797 -1.875  1.00 81.25  ? 13  05A B C8     1 
HETATM 265 C  C51    . 05A B 2 3  ? -5.917  -19.874 -4.152  1.00 85.88  ? 13  05A B C51    1 
HETATM 266 C  "C5'"  . 05A B 2 3  ? -10.336 -18.653 1.806   1.00 79.32  ? 13  05A B "C5'"  1 
HETATM 267 C  C5     . 05A B 2 3  ? -6.792  -16.646 -1.898  1.00 76.26  ? 13  05A B C5     1 
HETATM 268 C  C6     . 05A B 2 3  ? -7.110  -17.366 -0.766  1.00 77.67  ? 13  05A B C6     1 
HETATM 269 C  C61    . 05A B 2 3  ? -6.511  -20.870 -3.411  1.00 82.32  ? 13  05A B C61    1 
HETATM 270 C  C5A    . 05A B 2 3  ? -6.387  -19.589 -5.550  1.00 89.62  ? 13  05A B C5A    1 
HETATM 271 C  C5M    . 05A B 2 3  ? -7.651  -16.733 -3.127  1.00 75.18  ? 13  05A B C5M    1 
HETATM 272 C  C1     . 05A B 2 3  ? -10.432 -20.175 -0.062  1.00 90.03  ? 13  05A B C1     1 
HETATM 273 N  N1     . 05A B 2 3  ? -6.353  -17.269 0.331   1.00 76.76  ? 13  05A B N1     1 
HETATM 274 N  N11    . 05A B 2 3  ? -6.102  -21.103 -2.163  1.00 83.96  ? 13  05A B N11    1 
HETATM 275 N  "N5'"  . 05A B 2 3  ? -10.500 -19.970 1.243   1.00 80.95  ? 13  05A B "N5'"  1 
HETATM 276 N  N3     . 05A B 2 3  ? -4.869  -15.751 -0.764  1.00 75.18  ? 13  05A B N3     1 
HETATM 277 N  N31    . 05A B 2 3  ? -4.452  -19.382 -2.301  1.00 79.00  ? 13  05A B N31    1 
HETATM 278 O  O2     . 05A B 2 3  ? -4.469  -16.341 1.314   1.00 82.26  ? 13  05A B O2     1 
HETATM 279 O  O21    . 05A B 2 3  ? -4.665  -20.575 -0.448  1.00 78.20  ? 13  05A B O21    1 
HETATM 280 O  "O2'"  . 05A B 2 3  ? -7.989  -22.739 0.485   1.00 90.09  ? 13  05A B "O2'"  1 
HETATM 281 O  "O3'"  . 05A B 2 3  ? -9.341  -16.506 3.544   1.00 76.99  ? 13  05A B "O3'"  1 
HETATM 282 O  O31    . 05A B 2 3  ? -7.249  -18.251 3.767   1.00 80.92  ? 13  05A B O31    1 
HETATM 283 O  O41    . 05A B 2 3  ? -4.257  -18.191 -4.177  1.00 86.34  ? 13  05A B O41    1 
HETATM 284 O  "O4'"  . 05A B 2 3  ? -7.931  -18.759 1.178   1.00 84.39  ? 13  05A B "O4'"  1 
HETATM 285 O  O4     . 05A B 2 3  ? -5.259  -15.129 -2.872  1.00 77.84  ? 13  05A B O4     1 
HETATM 286 O  O1     . 05A B 2 3  ? -10.448 -19.282 -0.891  1.00 79.52  ? 13  05A B O1     1 
HETATM 287 O  "O5'"  . 05A B 2 3  ? -9.864  -22.909 -3.679  1.00 95.14  ? 13  05A B "O5'"  1 
HETATM 288 O  OP1    . 05A B 2 3  ? -11.835 -24.083 -4.826  1.00 113.89 ? 13  05A B OP1    1 
HETATM 289 O  OP2    . 05A B 2 3  ? -10.548 -22.322 -6.073  1.00 90.84  ? 13  05A B OP2    1 
HETATM 290 P  P      . 05A B 2 3  ? -10.503 -23.424 -5.050  1.00 101.57 ? 13  05A B P      1 
HETATM 291 C  "C1'1" . 05A B 2 3  ? -6.722  -22.164 -1.367  1.00 89.43  ? 13  05A B "C1'1" 1 
HETATM 292 C  "C2'1" . 05A B 2 3  ? -7.796  -21.651 -0.418  1.00 89.25  ? 13  05A B "C2'1" 1 
HETATM 293 C  "C3'1" . 05A B 2 3  ? -9.033  -21.751 -1.264  1.00 88.67  ? 13  05A B "C3'1" 1 
HETATM 294 C  "C4'1" . 05A B 2 3  ? -8.736  -23.168 -1.633  1.00 94.48  ? 13  05A B "C4'1" 1 
HETATM 295 C  "C5'1" . 05A B 2 3  ? -9.768  -23.778 -2.558  1.00 91.47  ? 13  05A B "C5'1" 1 
HETATM 296 O  "O4'1" . 05A B 2 3  ? -7.438  -23.070 -2.203  1.00 91.98  ? 13  05A B "O4'1" 1 
ATOM   297 P  P      . DT  B 2 4  ? -9.608  -14.918 3.750   1.00 79.59  ? 14  DT  B P      1 
ATOM   298 O  OP1    . DT  B 2 4  ? -10.487 -14.770 4.938   1.00 76.89  ? 14  DT  B OP1    1 
ATOM   299 O  OP2    . DT  B 2 4  ? -9.995  -14.356 2.432   1.00 75.47  ? 14  DT  B OP2    1 
ATOM   300 O  "O5'"  . DT  B 2 4  ? -8.172  -14.363 4.162   1.00 74.08  ? 14  DT  B "O5'"  1 
ATOM   301 C  "C5'"  . DT  B 2 4  ? -7.635  -14.681 5.420   1.00 71.69  ? 14  DT  B "C5'"  1 
ATOM   302 C  "C4'"  . DT  B 2 4  ? -6.360  -13.907 5.634   1.00 81.96  ? 14  DT  B "C4'"  1 
ATOM   303 O  "O4'"  . DT  B 2 4  ? -5.433  -14.236 4.572   1.00 82.21  ? 14  DT  B "O4'"  1 
ATOM   304 C  "C3'"  . DT  B 2 4  ? -6.512  -12.398 5.537   1.00 83.06  ? 14  DT  B "C3'"  1 
ATOM   305 O  "O3'"  . DT  B 2 4  ? -6.965  -11.858 6.786   1.00 77.00  ? 14  DT  B "O3'"  1 
ATOM   306 C  "C2'"  . DT  B 2 4  ? -5.085  -11.976 5.203   1.00 79.54  ? 14  DT  B "C2'"  1 
ATOM   307 C  "C1'"  . DT  B 2 4  ? -4.670  -13.091 4.234   1.00 81.26  ? 14  DT  B "C1'"  1 
ATOM   308 N  N1     . DT  B 2 4  ? -4.914  -12.762 2.809   1.00 74.62  ? 14  DT  B N1     1 
ATOM   309 C  C2     . DT  B 2 4  ? -4.006  -11.965 2.159   1.00 77.30  ? 14  DT  B C2     1 
ATOM   310 O  O2     . DT  B 2 4  ? -3.013  -11.532 2.697   1.00 75.61  ? 14  DT  B O2     1 
ATOM   311 N  N3     . DT  B 2 4  ? -4.301  -11.695 0.844   1.00 77.62  ? 14  DT  B N3     1 
ATOM   312 C  C4     . DT  B 2 4  ? -5.392  -12.143 0.127   1.00 77.01  ? 14  DT  B C4     1 
ATOM   313 O  O4     . DT  B 2 4  ? -5.564  -11.857 -1.056  1.00 74.89  ? 14  DT  B O4     1 
ATOM   314 C  C5     . DT  B 2 4  ? -6.324  -12.976 0.870   1.00 81.67  ? 14  DT  B C5     1 
ATOM   315 C  C7     . DT  B 2 4  ? -7.560  -13.512 0.193   1.00 67.93  ? 14  DT  B C7     1 
ATOM   316 C  C6     . DT  B 2 4  ? -6.042  -13.242 2.169   1.00 75.09  ? 14  DT  B C6     1 
ATOM   317 P  P      . DC  B 2 5  ? -7.931  -10.572 6.799   1.00 76.49  ? 15  DC  B P      1 
ATOM   318 O  OP1    . DC  B 2 5  ? -8.572  -10.524 8.131   1.00 79.56  ? 15  DC  B OP1    1 
ATOM   319 O  OP2    . DC  B 2 5  ? -8.748  -10.584 5.564   1.00 81.60  ? 15  DC  B OP2    1 
ATOM   320 O  "O5'"  . DC  B 2 5  ? -6.933  -9.321  6.633   1.00 81.68  ? 15  DC  B "O5'"  1 
ATOM   321 C  "C5'"  . DC  B 2 5  ? -5.932  -9.062  7.623   1.00 76.00  ? 15  DC  B "C5'"  1 
ATOM   322 C  "C4'"  . DC  B 2 5  ? -5.064  -7.899  7.209   1.00 76.31  ? 15  DC  B "C4'"  1 
ATOM   323 O  "O4'"  . DC  B 2 5  ? -4.166  -8.311  6.147   1.00 75.50  ? 15  DC  B "O4'"  1 
ATOM   324 C  "C3'"  . DC  B 2 5  ? -5.817  -6.717  6.630   1.00 77.62  ? 15  DC  B "C3'"  1 
ATOM   325 O  "O3'"  . DC  B 2 5  ? -6.285  -5.865  7.667   1.00 72.83  ? 15  DC  B "O3'"  1 
ATOM   326 C  "C2'"  . DC  B 2 5  ? -4.732  -6.045  5.805   1.00 71.45  ? 15  DC  B "C2'"  1 
ATOM   327 C  "C1'"  . DC  B 2 5  ? -4.010  -7.249  5.220   1.00 74.66  ? 15  DC  B "C1'"  1 
ATOM   328 N  N1     . DC  B 2 5  ? -4.539  -7.667  3.875   1.00 83.32  ? 15  DC  B N1     1 
ATOM   329 C  C2     . DC  B 2 5  ? -4.072  -7.016  2.721   1.00 79.95  ? 15  DC  B C2     1 
ATOM   330 O  O2     . DC  B 2 5  ? -3.244  -6.105  2.837   1.00 80.68  ? 15  DC  B O2     1 
ATOM   331 N  N3     . DC  B 2 5  ? -4.555  -7.382  1.513   1.00 80.04  ? 15  DC  B N3     1 
ATOM   332 C  C4     . DC  B 2 5  ? -5.455  -8.353  1.422   1.00 81.57  ? 15  DC  B C4     1 
ATOM   333 N  N4     . DC  B 2 5  ? -5.889  -8.681  0.200   1.00 80.63  ? 15  DC  B N4     1 
ATOM   334 C  C5     . DC  B 2 5  ? -5.944  -9.039  2.578   1.00 79.48  ? 15  DC  B C5     1 
ATOM   335 C  C6     . DC  B 2 5  ? -5.465  -8.664  3.775   1.00 78.41  ? 15  DC  B C6     1 
ATOM   336 P  P      . DT  B 2 6  ? -7.643  -5.027  7.464   1.00 74.61  ? 16  DT  B P      1 
ATOM   337 O  OP1    . DT  B 2 6  ? -7.859  -4.258  8.717   1.00 79.49  ? 16  DT  B OP1    1 
ATOM   338 O  OP2    . DT  B 2 6  ? -8.716  -5.909  6.969   1.00 80.43  ? 16  DT  B OP2    1 
ATOM   339 O  "O5'"  . DT  B 2 6  ? -7.300  -4.010  6.279   1.00 79.93  ? 16  DT  B "O5'"  1 
ATOM   340 C  "C5'"  . DT  B 2 6  ? -6.317  -3.003  6.476   1.00 77.41  ? 16  DT  B "C5'"  1 
ATOM   341 C  "C4'"  . DT  B 2 6  ? -6.013  -2.280  5.183   1.00 75.30  ? 16  DT  B "C4'"  1 
ATOM   342 O  "O4'"  . DT  B 2 6  ? -5.494  -3.216  4.207   1.00 76.48  ? 16  DT  B "O4'"  1 
ATOM   343 C  "C3'"  . DT  B 2 6  ? -7.213  -1.660  4.486   1.00 79.50  ? 16  DT  B "C3'"  1 
ATOM   344 O  "O3'"  . DT  B 2 6  ? -7.527  -0.419  5.069   1.00 79.16  ? 16  DT  B "O3'"  1 
ATOM   345 C  "C2'"  . DT  B 2 6  ? -6.669  -1.487  3.073   1.00 78.26  ? 16  DT  B "C2'"  1 
ATOM   346 C  "C1'"  . DT  B 2 6  ? -5.855  -2.769  2.899   1.00 80.32  ? 16  DT  B "C1'"  1 
ATOM   347 N  N1     . DT  B 2 6  ? -6.606  -3.841  2.197   1.00 84.70  ? 16  DT  B N1     1 
ATOM   348 C  C2     . DT  B 2 6  ? -6.594  -3.868  0.822   1.00 83.82  ? 16  DT  B C2     1 
ATOM   349 O  O2     . DT  B 2 6  ? -5.986  -3.064  0.147   1.00 82.90  ? 16  DT  B O2     1 
ATOM   350 N  N3     . DT  B 2 6  ? -7.315  -4.887  0.260   1.00 88.04  ? 16  DT  B N3     1 
ATOM   351 C  C4     . DT  B 2 6  ? -8.039  -5.859  0.919   1.00 86.49  ? 16  DT  B C4     1 
ATOM   352 O  O4     . DT  B 2 6  ? -8.660  -6.726  0.324   1.00 90.75  ? 16  DT  B O4     1 
ATOM   353 C  C5     . DT  B 2 6  ? -8.023  -5.773  2.361   1.00 81.78  ? 16  DT  B C5     1 
ATOM   354 C  C7     . DT  B 2 6  ? -8.785  -6.769  3.179   1.00 76.27  ? 16  DT  B C7     1 
ATOM   355 C  C6     . DT  B 2 6  ? -7.316  -4.778  2.927   1.00 83.55  ? 16  DT  B C6     1 
ATOM   356 P  P      . DT  B 2 7  ? -8.955  0.271   4.804   1.00 74.47  ? 17  DT  B P      1 
ATOM   357 O  OP1    . DT  B 2 7  ? -9.043  1.431   5.718   1.00 88.49  ? 17  DT  B OP1    1 
ATOM   358 O  OP2    . DT  B 2 7  ? -10.033 -0.731  4.807   1.00 83.61  ? 17  DT  B OP2    1 
ATOM   359 O  "O5'"  . DT  B 2 7  ? -8.887  0.774   3.300   1.00 79.16  ? 17  DT  B "O5'"  1 
ATOM   360 C  "C5'"  . DT  B 2 7  ? -8.049  1.843   2.929   1.00 76.83  ? 17  DT  B "C5'"  1 
ATOM   361 C  "C4'"  . DT  B 2 7  ? -8.064  1.986   1.417   1.00 81.26  ? 17  DT  B "C4'"  1 
ATOM   362 O  "O4'"  . DT  B 2 7  ? -7.697  0.727   0.828   1.00 77.45  ? 17  DT  B "O4'"  1 
ATOM   363 C  "C3'"  . DT  B 2 7  ? -9.425  2.307   0.814   1.00 81.03  ? 17  DT  B "C3'"  1 
ATOM   364 O  "O3'"  . DT  B 2 7  ? -9.600  3.697   0.787   1.00 84.31  ? 17  DT  B "O3'"  1 
ATOM   365 C  "C2'"  . DT  B 2 7  ? -9.306  1.741   -0.597  1.00 82.26  ? 17  DT  B "C2'"  1 
ATOM   366 C  "C1'"  . DT  B 2 7  ? -8.387  0.542   -0.395  1.00 83.20  ? 17  DT  B "C1'"  1 
ATOM   367 N  N1     . DT  B 2 7  ? -9.099  -0.754  -0.355  1.00 81.65  ? 17  DT  B N1     1 
ATOM   368 C  C2     . DT  B 2 7  ? -9.389  -1.381  -1.538  1.00 82.74  ? 17  DT  B C2     1 
ATOM   369 O  O2     . DT  B 2 7  ? -9.072  -0.924  -2.624  1.00 88.35  ? 17  DT  B O2     1 
ATOM   370 N  N3     . DT  B 2 7  ? -10.025 -2.582  -1.412  1.00 81.23  ? 17  DT  B N3     1 
ATOM   371 C  C4     . DT  B 2 7  ? -10.412 -3.199  -0.242  1.00 85.19  ? 17  DT  B C4     1 
ATOM   372 O  O4     . DT  B 2 7  ? -10.987 -4.279  -0.232  1.00 86.52  ? 17  DT  B O4     1 
ATOM   373 C  C5     . DT  B 2 7  ? -10.089 -2.482  0.971   1.00 83.16  ? 17  DT  B C5     1 
ATOM   374 C  C7     . DT  B 2 7  ? -10.459 -3.053  2.299   1.00 74.81  ? 17  DT  B C7     1 
ATOM   375 C  C6     . DT  B 2 7  ? -9.457  -1.302  0.858   1.00 82.73  ? 17  DT  B C6     1 
ATOM   376 P  P      . DT  B 2 8  ? -11.059 4.336   0.638   1.00 79.96  ? 18  DT  B P      1 
ATOM   377 O  OP1    . DT  B 2 8  ? -10.926 5.799   0.802   1.00 93.69  ? 18  DT  B OP1    1 
ATOM   378 O  OP2    . DT  B 2 8  ? -11.980 3.613   1.541   1.00 88.67  ? 18  DT  B OP2    1 
ATOM   379 O  "O5'"  . DT  B 2 8  ? -11.456 4.005   -0.871  1.00 82.23  ? 18  DT  B "O5'"  1 
ATOM   380 C  "C5'"  . DT  B 2 8  ? -10.703 4.556   -1.945  1.00 79.34  ? 18  DT  B "C5'"  1 
ATOM   381 C  "C4'"  . DT  B 2 8  ? -11.324 4.168   -3.276  1.00 87.51  ? 18  DT  B "C4'"  1 
ATOM   382 O  "O4'"  . DT  B 2 8  ? -11.306 2.719   -3.420  1.00 90.98  ? 18  DT  B "O4'"  1 
ATOM   383 C  "C3'"  . DT  B 2 8  ? -12.776 4.595   -3.444  1.00 86.82  ? 18  DT  B "C3'"  1 
ATOM   384 O  "O3'"  . DT  B 2 8  ? -12.985 5.084   -4.732  1.00 98.21  ? 18  DT  B "O3'"  1 
ATOM   385 C  "C2'"  . DT  B 2 8  ? -13.564 3.310   -3.222  1.00 93.29  ? 18  DT  B "C2'"  1 
ATOM   386 C  "C1'"  . DT  B 2 8  ? -12.601 2.241   -3.712  1.00 89.37  ? 18  DT  B "C1'"  1 
ATOM   387 N  N1     . DT  B 2 8  ? -12.790 0.962   -2.990  1.00 89.52  ? 18  DT  B N1     1 
ATOM   388 C  C2     . DT  B 2 8  ? -13.084 -0.186  -3.690  1.00 91.11  ? 18  DT  B C2     1 
ATOM   389 O  O2     . DT  B 2 8  ? -13.176 -0.228  -4.904  1.00 89.43  ? 18  DT  B O2     1 
ATOM   390 N  N3     . DT  B 2 8  ? -13.256 -1.296  -2.910  1.00 87.17  ? 18  DT  B N3     1 
ATOM   391 C  C4     . DT  B 2 8  ? -13.174 -1.370  -1.533  1.00 85.35  ? 18  DT  B C4     1 
ATOM   392 O  O4     . DT  B 2 8  ? -13.341 -2.415  -0.921  1.00 86.29  ? 18  DT  B O4     1 
ATOM   393 C  C5     . DT  B 2 8  ? -12.873 -0.126  -0.863  1.00 85.62  ? 18  DT  B C5     1 
ATOM   394 C  C7     . DT  B 2 8  ? -12.756 -0.079  0.636   1.00 78.84  ? 18  DT  B C7     1 
ATOM   395 C  C6     . DT  B 2 8  ? -12.706 0.964   -1.616  1.00 85.79  ? 18  DT  B C6     1 
ATOM   396 P  P      . DG  B 2 9  ? -14.395 5.750   -5.087  1.00 107.98 ? 19  DG  B P      1 
ATOM   397 O  OP1    . DG  B 2 9  ? -14.149 6.735   -6.163  1.00 112.14 ? 19  DG  B OP1    1 
ATOM   398 O  OP2    . DG  B 2 9  ? -15.007 6.157   -3.795  1.00 95.04  ? 19  DG  B OP2    1 
ATOM   399 O  "O5'"  . DG  B 2 9  ? -15.253 4.541   -5.673  1.00 92.75  ? 19  DG  B "O5'"  1 
ATOM   400 C  "C5'"  . DG  B 2 9  ? -14.937 3.985   -6.940  1.00 95.50  ? 19  DG  B "C5'"  1 
ATOM   401 C  "C4'"  . DG  B 2 9  ? -16.024 3.001   -7.359  1.00 103.38 ? 19  DG  B "C4'"  1 
ATOM   402 O  "O4'"  . DG  B 2 9  ? -15.782 1.734   -6.710  1.00 95.72  ? 19  DG  B "O4'"  1 
ATOM   403 C  "C3'"  . DG  B 2 9  ? -17.450 3.432   -6.983  1.00 102.62 ? 19  DG  B "C3'"  1 
ATOM   404 O  "O3'"  . DG  B 2 9  ? -18.179 3.827   -8.144  1.00 106.44 ? 19  DG  B "O3'"  1 
ATOM   405 C  "C2'"  . DG  B 2 9  ? -18.088 2.207   -6.324  1.00 100.07 ? 19  DG  B "C2'"  1 
ATOM   406 C  "C1'"  . DG  B 2 9  ? -16.992 1.138   -6.314  1.00 98.20  ? 19  DG  B "C1'"  1 
ATOM   407 N  N9     . DG  B 2 9  ? -16.797 0.566   -4.989  1.00 98.35  ? 19  DG  B N9     1 
ATOM   408 C  C8     . DG  B 2 9  ? -16.237 1.183   -3.889  1.00 94.28  ? 19  DG  B C8     1 
ATOM   409 N  N7     . DG  B 2 9  ? -16.203 0.425   -2.832  1.00 90.77  ? 19  DG  B N7     1 
ATOM   410 C  C5     . DG  B 2 9  ? -16.785 -0.770  -3.255  1.00 96.50  ? 19  DG  B C5     1 
ATOM   411 C  C6     . DG  B 2 9  ? -17.022 -1.975  -2.546  1.00 95.43  ? 19  DG  B C6     1 
ATOM   412 O  O6     . DG  B 2 9  ? -16.756 -2.237  -1.358  1.00 91.82  ? 19  DG  B O6     1 
ATOM   413 N  N1     . DG  B 2 9  ? -17.631 -2.934  -3.358  1.00 93.67  ? 19  DG  B N1     1 
ATOM   414 C  C2     . DG  B 2 9  ? -17.963 -2.749  -4.684  1.00 95.98  ? 19  DG  B C2     1 
ATOM   415 N  N2     . DG  B 2 9  ? -18.539 -3.787  -5.306  1.00 98.70  ? 19  DG  B N2     1 
ATOM   416 N  N3     . DG  B 2 9  ? -17.743 -1.632  -5.356  1.00 94.69  ? 19  DG  B N3     1 
ATOM   417 C  C4     . DG  B 2 9  ? -17.156 -0.690  -4.581  1.00 97.73  ? 19  DG  B C4     1 
ATOM   418 O  "O5'"  . C   C 1 1  ? 17.797  5.323   1.750   1.00 98.29  ? 1   C   D "O5'"  1 
ATOM   419 C  "C5'"  . C   C 1 1  ? 18.600  4.292   2.311   1.00 107.98 ? 1   C   D "C5'"  1 
ATOM   420 C  "C4'"  . C   C 1 1  ? 19.229  4.717   3.617   1.00 105.04 ? 1   C   D "C4'"  1 
ATOM   421 O  "O4'"  . C   C 1 1  ? 20.166  5.799   3.368   1.00 105.07 ? 1   C   D "O4'"  1 
ATOM   422 C  "C3'"  . C   C 1 1  ? 18.269  5.287   4.650   1.00 104.33 ? 1   C   D "C3'"  1 
ATOM   423 O  "O3'"  . C   C 1 1  ? 17.590  4.299   5.398   1.00 101.87 ? 1   C   D "O3'"  1 
ATOM   424 C  "C2'"  . C   C 1 1  ? 19.169  6.188   5.486   1.00 110.87 ? 1   C   D "C2'"  1 
ATOM   425 O  "O2'"  . C   C 1 1  ? 19.928  5.435   6.420   1.00 109.78 ? 1   C   D "O2'"  1 
ATOM   426 C  "C1'"  . C   C 1 1  ? 20.108  6.742   4.416   1.00 107.39 ? 1   C   D "C1'"  1 
ATOM   427 N  N1     . C   C 1 1  ? 19.589  8.014   3.860   1.00 105.45 ? 1   C   D N1     1 
ATOM   428 C  C2     . C   C 1 1  ? 19.867  9.188   4.554   1.00 99.42  ? 1   C   D C2     1 
ATOM   429 O  O2     . C   C 1 1  ? 20.543  9.105   5.595   1.00 100.62 ? 1   C   D O2     1 
ATOM   430 N  N3     . C   C 1 1  ? 19.392  10.360  4.066   1.00 95.29  ? 1   C   D N3     1 
ATOM   431 C  C4     . C   C 1 1  ? 18.667  10.383  2.943   1.00 95.64  ? 1   C   D C4     1 
ATOM   432 N  N4     . C   C 1 1  ? 18.224  11.562  2.503   1.00 92.27  ? 1   C   D N4     1 
ATOM   433 C  C5     . C   C 1 1  ? 18.363  9.200   2.214   1.00 99.49  ? 1   C   D C5     1 
ATOM   434 C  C6     . C   C 1 1  ? 18.840  8.052   2.709   1.00 101.62 ? 1   C   D C6     1 
ATOM   435 P  P      . A   C 1 2  ? 16.041  4.505   5.778   1.00 112.54 ? 2   A   D P      1 
ATOM   436 O  OP1    . A   C 1 2  ? 15.595  3.211   6.358   1.00 118.03 ? 2   A   D OP1    1 
ATOM   437 O  OP2    . A   C 1 2  ? 15.284  5.026   4.601   1.00 90.48  ? 2   A   D OP2    1 
ATOM   438 O  "O5'"  . A   C 1 2  ? 16.091  5.549   6.986   1.00 106.00 ? 2   A   D "O5'"  1 
ATOM   439 C  "C5'"  . A   C 1 2  ? 16.876  5.261   8.139   1.00 109.17 ? 2   A   D "C5'"  1 
ATOM   440 C  "C4'"  . A   C 1 2  ? 17.056  6.462   9.038   1.00 107.63 ? 2   A   D "C4'"  1 
ATOM   441 O  "O4'"  . A   C 1 2  ? 17.897  7.447   8.387   1.00 108.57 ? 2   A   D "O4'"  1 
ATOM   442 C  "C3'"  . A   C 1 2  ? 15.796  7.237   9.393   1.00 102.55 ? 2   A   D "C3'"  1 
ATOM   443 O  "O3'"  . A   C 1 2  ? 15.038  6.649   10.430  1.00 102.14 ? 2   A   D "O3'"  1 
ATOM   444 C  "C2'"  . A   C 1 2  ? 16.352  8.593   9.773   1.00 103.17 ? 2   A   D "C2'"  1 
ATOM   445 O  "O2'"  . A   C 1 2  ? 16.929  8.526   11.067  1.00 107.71 ? 2   A   D "O2'"  1 
ATOM   446 C  "C1'"  . A   C 1 2  ? 17.479  8.744   8.755   1.00 104.98 ? 2   A   D "C1'"  1 
ATOM   447 N  N9     . A   C 1 2  ? 16.997  9.449   7.550   1.00 98.71  ? 2   A   D N9     1 
ATOM   448 C  C8     . A   C 1 2  ? 16.583  8.925   6.354   1.00 98.85  ? 2   A   D C8     1 
ATOM   449 N  N7     . A   C 1 2  ? 16.190  9.829   5.488   1.00 97.92  ? 2   A   D N7     1 
ATOM   450 C  C5     . A   C 1 2  ? 16.362  11.030  6.165   1.00 94.94  ? 2   A   D C5     1 
ATOM   451 C  C6     . A   C 1 2  ? 16.138  12.368  5.809   1.00 89.54  ? 2   A   D C6     1 
ATOM   452 N  N6     . A   C 1 2  ? 15.669  12.765  4.626   1.00 85.99  ? 2   A   D N6     1 
ATOM   453 N  N1     . A   C 1 2  ? 16.411  13.313  6.725   1.00 90.18  ? 2   A   D N1     1 
ATOM   454 C  C2     . A   C 1 2  ? 16.878  12.950  7.913   1.00 86.90  ? 2   A   D C2     1 
ATOM   455 N  N3     . A   C 1 2  ? 17.134  11.734  8.366   1.00 94.31  ? 2   A   D N3     1 
ATOM   456 C  C4     . A   C 1 2  ? 16.857  10.809  7.431   1.00 96.06  ? 2   A   D C4     1 
ATOM   457 P  P      . A   C 1 3  ? 13.439  6.591   10.308  1.00 106.40 ? 3   A   D P      1 
ATOM   458 O  OP1    . A   C 1 3  ? 12.952  5.667   11.366  1.00 108.60 ? 3   A   D OP1    1 
ATOM   459 O  OP2    . A   C 1 3  ? 13.070  6.353   8.890   1.00 98.51  ? 3   A   D OP2    1 
ATOM   460 O  "O5'"  . A   C 1 3  ? 12.973  8.064   10.684  1.00 106.37 ? 3   A   D "O5'"  1 
ATOM   461 C  "C5'"  . A   C 1 3  ? 13.245  8.583   11.974  1.00 105.46 ? 3   A   D "C5'"  1 
ATOM   462 C  "C4'"  . A   C 1 3  ? 13.222  10.090  12.004  1.00 102.14 ? 3   A   D "C4'"  1 
ATOM   463 O  "O4'"  . A   C 1 3  ? 14.173  10.645  11.048  1.00 100.96 ? 3   A   D "O4'"  1 
ATOM   464 C  "C3'"  . A   C 1 3  ? 11.916  10.768  11.638  1.00 99.92  ? 3   A   D "C3'"  1 
ATOM   465 O  "O3'"  . A   C 1 3  ? 10.945  10.723  12.667  1.00 96.92  ? 3   A   D "O3'"  1 
ATOM   466 C  "C2'"  . A   C 1 3  ? 12.381  12.178  11.309  1.00 97.34  ? 3   A   D "C2'"  1 
ATOM   467 O  "O2'"  . A   C 1 3  ? 12.674  12.889  12.503  1.00 102.18 ? 3   A   D "O2'"  1 
ATOM   468 C  "C1'"  . A   C 1 3  ? 13.697  11.891  10.585  1.00 97.24  ? 3   A   D "C1'"  1 
ATOM   469 N  N9     . A   C 1 3  ? 13.500  11.857  9.122   1.00 93.82  ? 3   A   D N9     1 
ATOM   470 C  C8     . A   C 1 3  ? 13.398  10.805  8.254   1.00 92.50  ? 3   A   D C8     1 
ATOM   471 N  N7     . A   C 1 3  ? 13.205  11.179  7.008   1.00 89.01  ? 3   A   D N7     1 
ATOM   472 C  C5     . A   C 1 3  ? 13.169  12.566  7.059   1.00 90.73  ? 3   A   D C5     1 
ATOM   473 C  C6     . A   C 1 3  ? 12.999  13.580  6.087   1.00 84.67  ? 3   A   D C6     1 
ATOM   474 N  N6     . A   C 1 3  ? 12.807  13.382  4.785   1.00 79.97  ? 3   A   D N6     1 
ATOM   475 N  N1     . A   C 1 3  ? 13.025  14.863  6.496   1.00 85.19  ? 3   A   D N1     1 
ATOM   476 C  C2     . A   C 1 3  ? 13.215  15.116  7.794   1.00 87.61  ? 3   A   D C2     1 
ATOM   477 N  N3     . A   C 1 3  ? 13.389  14.259  8.797   1.00 87.03  ? 3   A   D N3     1 
ATOM   478 C  C4     . A   C 1 3  ? 13.359  12.989  8.358   1.00 91.53  ? 3   A   D C4     1 
ATOM   479 P  P      . A   C 1 4  ? 9.348   10.665  12.342  1.00 97.33  ? 4   A   D P      1 
ATOM   480 O  OP1    . A   C 1 4  ? 8.633   10.514  13.628  1.00 109.43 ? 4   A   D OP1    1 
ATOM   481 O  OP2    . A   C 1 4  ? 9.094   9.687   11.249  1.00 96.82  ? 4   A   D OP2    1 
ATOM   482 O  "O5'"  . A   C 1 4  ? 9.015   12.131  11.813  1.00 95.02  ? 4   A   D "O5'"  1 
ATOM   483 C  "C5'"  . A   C 1 4  ? 8.935   13.227  12.736  1.00 96.51  ? 4   A   D "C5'"  1 
ATOM   484 C  "C4'"  . A   C 1 4  ? 9.099   14.539  12.013  1.00 92.27  ? 4   A   D "C4'"  1 
ATOM   485 O  "O4'"  . A   C 1 4  ? 10.153  14.443  11.020  1.00 97.38  ? 4   A   D "O4'"  1 
ATOM   486 C  "C3'"  . A   C 1 4  ? 7.909   14.986  11.178  1.00 85.36  ? 4   A   D "C3'"  1 
ATOM   487 O  "O3'"  . A   C 1 4  ? 6.809   15.465  11.950  1.00 87.48  ? 4   A   D "O3'"  1 
ATOM   488 C  "C2'"  . A   C 1 4  ? 8.559   16.030  10.284  1.00 90.91  ? 4   A   D "C2'"  1 
ATOM   489 O  "O2'"  . A   C 1 4  ? 8.807   17.250  10.947  1.00 96.26  ? 4   A   D "O2'"  1 
ATOM   490 C  "C1'"  . A   C 1 4  ? 9.883   15.343  9.956   1.00 89.15  ? 4   A   D "C1'"  1 
ATOM   491 N  N9     . A   C 1 4  ? 9.807   14.583  8.711   1.00 89.52  ? 4   A   D N9     1 
ATOM   492 C  C8     . A   C 1 4  ? 9.743   13.222  8.537   1.00 88.91  ? 4   A   D C8     1 
ATOM   493 N  N7     . A   C 1 4  ? 9.665   12.853  7.283   1.00 79.49  ? 4   A   D N7     1 
ATOM   494 C  C5     . A   C 1 4  ? 9.667   14.051  6.583   1.00 85.92  ? 4   A   D C5     1 
ATOM   495 C  C6     . A   C 1 4  ? 9.610   14.345  5.210   1.00 86.53  ? 4   A   D C6     1 
ATOM   496 N  N6     . A   C 1 4  ? 9.530   13.417  4.257   1.00 84.92  ? 4   A   D N6     1 
ATOM   497 N  N1     . A   C 1 4  ? 9.643   15.645  4.846   1.00 88.81  ? 4   A   D N1     1 
ATOM   498 C  C2     . A   C 1 4  ? 9.722   16.576  5.801   1.00 85.11  ? 4   A   D C2     1 
ATOM   499 N  N3     . A   C 1 4  ? 9.786   16.426  7.121   1.00 84.92  ? 4   A   D N3     1 
ATOM   500 C  C4     . A   C 1 4  ? 9.750   15.124  7.451   1.00 89.07  ? 4   A   D C4     1 
ATOM   501 P  P      . G   C 1 5  ? 5.285   15.389  11.384  1.00 90.23  ? 5   G   D P      1 
ATOM   502 O  OP1    . G   C 1 5  ? 4.362   15.626  12.531  1.00 92.58  ? 5   G   D OP1    1 
ATOM   503 O  OP2    . G   C 1 5  ? 5.138   14.158  10.566  1.00 103.14 ? 5   G   D OP2    1 
ATOM   504 O  "O5'"  . G   C 1 5  ? 5.155   16.661  10.427  1.00 96.97  ? 5   G   D "O5'"  1 
ATOM   505 C  "C5'"  . G   C 1 5  ? 5.409   17.977  10.907  1.00 95.05  ? 5   G   D "C5'"  1 
ATOM   506 C  "C4'"  . G   C 1 5  ? 5.122   19.014  9.851   1.00 94.84  ? 5   G   D "C4'"  1 
ATOM   507 O  "O4'"  . G   C 1 5  ? 6.200   19.053  8.879   1.00 97.60  ? 5   G   D "O4'"  1 
ATOM   508 C  "C3'"  . G   C 1 5  ? 3.883   18.757  9.010   1.00 97.59  ? 5   G   D "C3'"  1 
ATOM   509 O  "O3'"  . G   C 1 5  ? 2.692   19.165  9.640   1.00 97.23  ? 5   G   D "O3'"  1 
ATOM   510 C  "C2'"  . G   C 1 5  ? 4.186   19.516  7.726   1.00 95.86  ? 5   G   D "C2'"  1 
ATOM   511 O  "O2'"  . G   C 1 5  ? 4.000   20.912  7.914   1.00 98.63  ? 5   G   D "O2'"  1 
ATOM   512 C  "C1'"  . G   C 1 5  ? 5.678   19.258  7.581   1.00 93.48  ? 5   G   D "C1'"  1 
ATOM   513 N  N9     . G   C 1 5  ? 5.943   18.037  6.805   1.00 94.94  ? 5   G   D N9     1 
ATOM   514 C  C8     . G   C 1 5  ? 6.301   16.826  7.336   1.00 92.47  ? 5   G   D C8     1 
ATOM   515 N  N7     . G   C 1 5  ? 6.485   15.917  6.425   1.00 91.40  ? 5   G   D N7     1 
ATOM   516 C  C5     . G   C 1 5  ? 6.236   16.559  5.227   1.00 85.58  ? 5   G   D C5     1 
ATOM   517 C  C6     . G   C 1 5  ? 6.295   16.063  3.902   1.00 84.77  ? 5   G   D C6     1 
ATOM   518 O  O6     . G   C 1 5  ? 6.594   14.910  3.541   1.00 85.97  ? 5   G   D O6     1 
ATOM   519 N  N1     . G   C 1 5  ? 5.958   17.057  2.975   1.00 86.53  ? 5   G   D N1     1 
ATOM   520 C  C2     . G   C 1 5  ? 5.630   18.354  3.298   1.00 85.60  ? 5   G   D C2     1 
ATOM   521 N  N2     . G   C 1 5  ? 5.347   19.187  2.291   1.00 85.60  ? 5   G   D N2     1 
ATOM   522 N  N3     . G   C 1 5  ? 5.585   18.823  4.535   1.00 89.81  ? 5   G   D N3     1 
ATOM   523 C  C4     . G   C 1 5  ? 5.894   17.873  5.442   1.00 90.37  ? 5   G   D C4     1 
ATOM   524 P  P      . A   C 1 6  ? 1.355   18.321  9.406   1.00 109.90 ? 6   A   D P      1 
ATOM   525 O  OP1    . A   C 1 6  ? 0.243   19.186  9.893   1.00 109.44 ? 6   A   D OP1    1 
ATOM   526 O  OP2    . A   C 1 6  ? 1.564   16.946  9.924   1.00 107.00 ? 6   A   D OP2    1 
ATOM   527 O  "O5'"  . A   C 1 6  ? 1.239   18.198  7.822   1.00 101.57 ? 6   A   D "O5'"  1 
ATOM   528 C  "C5'"  . A   C 1 6  ? 0.033   18.536  7.163   1.00 95.73  ? 6   A   D "C5'"  1 
ATOM   529 C  "C4'"  . A   C 1 6  ? 0.229   18.693  5.678   1.00 101.23 ? 6   A   D "C4'"  1 
ATOM   530 O  "O4'"  . A   C 1 6  ? 1.624   18.535  5.307   1.00 99.77  ? 6   A   D "O4'"  1 
ATOM   531 C  "C3'"  . A   C 1 6  ? -0.479  17.686  4.797   1.00 98.90  ? 6   A   D "C3'"  1 
ATOM   532 O  "O3'"  . A   C 1 6  ? -1.864  17.937  4.678   1.00 104.18 ? 6   A   D "O3'"  1 
ATOM   533 C  "C2'"  . A   C 1 6  ? 0.281   17.822  3.485   1.00 93.48  ? 6   A   D "C2'"  1 
ATOM   534 O  "O2'"  . A   C 1 6  ? -0.107  19.002  2.802   1.00 94.43  ? 6   A   D "O2'"  1 
ATOM   535 C  "C1'"  . A   C 1 6  ? 1.706   18.000  3.995   1.00 92.58  ? 6   A   D "C1'"  1 
ATOM   536 N  N9     . A   C 1 6  ? 2.388   16.704  4.042   1.00 87.03  ? 6   A   D N9     1 
ATOM   537 C  C8     . A   C 1 6  ? 2.770   15.979  5.137   1.00 91.06  ? 6   A   D C8     1 
ATOM   538 N  N7     . A   C 1 6  ? 3.334   14.835  4.823   1.00 89.94  ? 6   A   D N7     1 
ATOM   539 C  C5     . A   C 1 6  ? 3.307   14.816  3.435   1.00 86.62  ? 6   A   D C5     1 
ATOM   540 C  C6     . A   C 1 6  ? 3.764   13.871  2.503   1.00 83.96  ? 6   A   D C6     1 
ATOM   541 N  N6     . A   C 1 6  ? 4.349   12.742  2.868   1.00 84.13  ? 6   A   D N6     1 
ATOM   542 N  N1     . A   C 1 6  ? 3.603   14.136  1.189   1.00 86.37  ? 6   A   D N1     1 
ATOM   543 C  C2     . A   C 1 6  ? 3.006   15.300  0.872   1.00 89.34  ? 6   A   D C2     1 
ATOM   544 N  N3     . A   C 1 6  ? 2.530   16.277  1.652   1.00 84.47  ? 6   A   D N3     1 
ATOM   545 C  C4     . A   C 1 6  ? 2.716   15.961  2.943   1.00 84.46  ? 6   A   D C4     1 
ATOM   546 P  P      . A   C 1 7  ? -2.878  16.701  4.582   1.00 107.37 ? 7   A   D P      1 
ATOM   547 O  OP1    . A   C 1 7  ? -4.243  17.298  4.584   1.00 108.07 ? 7   A   D OP1    1 
ATOM   548 O  OP2    . A   C 1 7  ? -2.460  15.679  5.580   1.00 93.68  ? 7   A   D OP2    1 
ATOM   549 O  "O5'"  . A   C 1 7  ? -2.626  16.131  3.115   1.00 93.79  ? 7   A   D "O5'"  1 
ATOM   550 C  "C5'"  . A   C 1 7  ? -2.663  17.019  2.018   1.00 89.95  ? 7   A   D "C5'"  1 
ATOM   551 C  "C4'"  . A   C 1 7  ? -2.262  16.355  0.732   1.00 92.57  ? 7   A   D "C4'"  1 
ATOM   552 O  "O4'"  . A   C 1 7  ? -0.861  15.989  0.771   1.00 96.89  ? 7   A   D "O4'"  1 
ATOM   553 C  "C3'"  . A   C 1 7  ? -2.948  15.057  0.384   1.00 97.28  ? 7   A   D "C3'"  1 
ATOM   554 O  "O3'"  . A   C 1 7  ? -4.270  15.238  -0.079  1.00 101.81 ? 7   A   D "O3'"  1 
ATOM   555 C  "C2'"  . A   C 1 7  ? -1.996  14.472  -0.657  1.00 95.99  ? 7   A   D "C2'"  1 
ATOM   556 O  "O2'"  . A   C 1 7  ? -2.141  15.145  -1.904  1.00 95.74  ? 7   A   D "O2'"  1 
ATOM   557 C  "C1'"  . A   C 1 7  ? -0.644  14.869  -0.066  1.00 93.02  ? 7   A   D "C1'"  1 
ATOM   558 N  N9     . A   C 1 7  ? -0.038  13.774  0.714   1.00 88.99  ? 7   A   D N9     1 
ATOM   559 C  C8     . A   C 1 7  ? 0.012   13.604  2.073   1.00 89.23  ? 7   A   D C8     1 
ATOM   560 N  N7     . A   C 1 7  ? 0.630   12.499  2.448   1.00 87.30  ? 7   A   D N7     1 
ATOM   561 C  C5     . A   C 1 7  ? 1.007   11.915  1.254   1.00 85.45  ? 7   A   D C5     1 
ATOM   562 C  C6     . A   C 1 7  ? 1.696   10.735  0.972   1.00 85.82  ? 7   A   D C6     1 
ATOM   563 N  N6     . A   C 1 7  ? 2.134   9.918   1.926   1.00 86.40  ? 7   A   D N6     1 
ATOM   564 N  N1     . A   C 1 7  ? 1.914   10.420  -0.326  1.00 87.31  ? 7   A   D N1     1 
ATOM   565 C  C2     . A   C 1 7  ? 1.456   11.261  -1.260  1.00 85.04  ? 7   A   D C2     1 
ATOM   566 N  N3     . A   C 1 7  ? 0.792   12.407  -1.123  1.00 84.45  ? 7   A   D N3     1 
ATOM   567 C  C4     . A   C 1 7  ? 0.599   12.680  0.178   1.00 88.97  ? 7   A   D C4     1 
ATOM   568 P  P      . A   C 1 8  ? -5.318  14.023  -0.004  1.00 100.45 ? 8   A   D P      1 
ATOM   569 O  OP1    . A   C 1 8  ? -6.649  14.606  -0.322  1.00 96.36  ? 8   A   D OP1    1 
ATOM   570 O  OP2    . A   C 1 8  ? -5.131  13.284  1.275   1.00 94.96  ? 8   A   D OP2    1 
ATOM   571 O  "O5'"  . A   C 1 8  ? -4.871  13.095  -1.218  1.00 83.38  ? 8   A   D "O5'"  1 
ATOM   572 C  "C5'"  . A   C 1 8  ? -4.851  13.620  -2.533  1.00 86.14  ? 8   A   D "C5'"  1 
ATOM   573 C  "C4'"  . A   C 1 8  ? -4.152  12.690  -3.481  1.00 89.47  ? 8   A   D "C4'"  1 
ATOM   574 O  "O4'"  . A   C 1 8  ? -2.803  12.450  -3.028  1.00 86.26  ? 8   A   D "O4'"  1 
ATOM   575 C  "C3'"  . A   C 1 8  ? -4.745  11.300  -3.583  1.00 89.12  ? 8   A   D "C3'"  1 
ATOM   576 O  "O3'"  . A   C 1 8  ? -5.893  11.255  -4.405  1.00 95.49  ? 8   A   D "O3'"  1 
ATOM   577 C  "C2'"  . A   C 1 8  ? -3.573  10.479  -4.106  1.00 85.44  ? 8   A   D "C2'"  1 
ATOM   578 O  "O2'"  . A   C 1 8  ? -3.387  10.662  -5.500  1.00 78.15  ? 8   A   D "O2'"  1 
ATOM   579 C  "C1'"  . A   C 1 8  ? -2.408  11.137  -3.381  1.00 87.20  ? 8   A   D "C1'"  1 
ATOM   580 N  N9     . A   C 1 8  ? -2.036  10.405  -2.159  1.00 84.87  ? 8   A   D N9     1 
ATOM   581 C  C8     . A   C 1 8  ? -2.348  10.727  -0.867  1.00 84.05  ? 8   A   D C8     1 
ATOM   582 N  N7     . A   C 1 8  ? -1.851  9.876   -0.005  1.00 88.63  ? 8   A   D N7     1 
ATOM   583 C  C5     . A   C 1 8  ? -1.164  8.944   -0.780  1.00 83.57  ? 8   A   D C5     1 
ATOM   584 C  C6     . A   C 1 8  ? -0.414  7.805   -0.444  1.00 83.86  ? 8   A   D C6     1 
ATOM   585 N  N6     . A   C 1 8  ? -0.239  7.402   0.819   1.00 82.53  ? 8   A   D N6     1 
ATOM   586 N  N1     . A   C 1 8  ? 0.134   7.093   -1.457  1.00 85.94  ? 8   A   D N1     1 
ATOM   587 C  C2     . A   C 1 8  ? -0.056  7.531   -2.707  1.00 83.91  ? 8   A   D C2     1 
ATOM   588 N  N3     . A   C 1 8  ? -0.728  8.601   -3.149  1.00 81.22  ? 8   A   D N3     1 
ATOM   589 C  C4     . A   C 1 8  ? -1.272  9.263   -2.115  1.00 80.32  ? 8   A   D C4     1 
ATOM   590 P  P      . A   C 1 9  ? -7.020  10.147  -4.132  1.00 94.16  ? 9   A   D P      1 
ATOM   591 O  OP1    . A   C 1 9  ? -8.168  10.433  -5.044  1.00 93.34  ? 9   A   D OP1    1 
ATOM   592 O  OP2    . A   C 1 9  ? -7.210  10.116  -2.657  1.00 87.77  ? 9   A   D OP2    1 
ATOM   593 O  "O5'"  . A   C 1 9  ? -6.348  8.797   -4.657  1.00 83.20  ? 9   A   D "O5'"  1 
ATOM   594 C  "C5'"  . A   C 1 9  ? -5.978  8.689   -6.020  1.00 80.63  ? 9   A   D "C5'"  1 
ATOM   595 C  "C4'"  . A   C 1 9  ? -5.286  7.386   -6.323  1.00 87.57  ? 9   A   D "C4'"  1 
ATOM   596 O  "O4'"  . A   C 1 9  ? -3.972  7.366   -5.713  1.00 84.78  ? 9   A   D "O4'"  1 
ATOM   597 C  "C3'"  . A   C 1 9  ? -5.947  6.122   -5.799  1.00 85.52  ? 9   A   D "C3'"  1 
ATOM   598 O  "O3'"  . A   C 1 9  ? -7.035  5.686   -6.596  1.00 78.66  ? 9   A   D "O3'"  1 
ATOM   599 C  "C2'"  . A   C 1 9  ? -4.781  5.137   -5.765  1.00 84.35  ? 9   A   D "C2'"  1 
ATOM   600 O  "O2'"  . A   C 1 9  ? -4.484  4.650   -7.065  1.00 85.37  ? 9   A   D "O2'"  1 
ATOM   601 C  "C1'"  . A   C 1 9  ? -3.640  6.047   -5.328  1.00 81.81  ? 9   A   D "C1'"  1 
ATOM   602 N  N9     . A   C 1 9  ? -3.480  6.028   -3.872  1.00 83.31  ? 9   A   D N9     1 
ATOM   603 C  C8     . A   C 1 9  ? -3.946  6.945   -2.962  1.00 83.36  ? 9   A   D C8     1 
ATOM   604 N  N7     . A   C 1 9  ? -3.635  6.644   -1.720  1.00 83.10  ? 9   A   D N7     1 
ATOM   605 C  C5     . A   C 1 9  ? -2.927  5.455   -1.841  1.00 80.61  ? 9   A   D C5     1 
ATOM   606 C  C6     . A   C 1 9  ? -2.323  4.625   -0.886  1.00 82.93  ? 9   A   D C6     1 
ATOM   607 N  N6     . A   C 1 9  ? -2.355  4.900   0.420   1.00 82.50  ? 9   A   D N6     1 
ATOM   608 N  N1     . A   C 1 9  ? -1.700  3.506   -1.330  1.00 83.80  ? 9   A   D N1     1 
ATOM   609 C  C2     . A   C 1 9  ? -1.686  3.267   -2.654  1.00 85.45  ? 9   A   D C2     1 
ATOM   610 N  N3     . A   C 1 9  ? -2.225  3.974   -3.657  1.00 81.51  ? 9   A   D N3     1 
ATOM   611 C  C4     . A   C 1 9  ? -2.834  5.062   -3.166  1.00 80.98  ? 9   A   D C4     1 
ATOM   612 P  P      . G   C 1 10 ? -8.281  4.937   -5.911  1.00 90.25  ? 10  G   D P      1 
ATOM   613 O  OP1    . G   C 1 10 ? -9.270  4.647   -6.981  1.00 94.23  ? 10  G   D OP1    1 
ATOM   614 O  OP2    . G   C 1 10 ? -8.708  5.665   -4.686  1.00 78.00  ? 10  G   D OP2    1 
ATOM   615 O  "O5'"  . G   C 1 10 ? -7.673  3.528   -5.492  1.00 85.43  ? 10  G   D "O5'"  1 
ATOM   616 C  "C5'"  . G   C 1 10 ? -7.075  2.687   -6.458  1.00 75.81  ? 10  G   D "C5'"  1 
ATOM   617 C  "C4'"  . G   C 1 10 ? -6.375  1.529   -5.803  1.00 83.12  ? 10  G   D "C4'"  1 
ATOM   618 O  "O4'"  . G   C 1 10 ? -5.285  1.992   -4.964  1.00 85.47  ? 10  G   D "O4'"  1 
ATOM   619 C  "C3'"  . G   C 1 10 ? -7.211  0.681   -4.861  1.00 81.74  ? 10  G   D "C3'"  1 
ATOM   620 O  "O3'"  . G   C 1 10 ? -8.071  -0.207  -5.537  1.00 83.01  ? 10  G   D "O3'"  1 
ATOM   621 C  "C2'"  . G   C 1 10 ? -6.148  -0.024  -4.028  1.00 86.79  ? 10  G   D "C2'"  1 
ATOM   622 O  "O2'"  . G   C 1 10 ? -5.607  -1.123  -4.738  1.00 87.97  ? 10  G   D "O2'"  1 
ATOM   623 C  "C1'"  . G   C 1 10 ? -5.071  1.062   -3.916  1.00 84.07  ? 10  G   D "C1'"  1 
ATOM   624 N  N9     . G   C 1 10 ? -5.143  1.735   -2.610  1.00 76.27  ? 10  G   D N9     1 
ATOM   625 C  C8     . G   C 1 10 ? -5.725  2.932   -2.290  1.00 77.67  ? 10  G   D C8     1 
ATOM   626 N  N7     . G   C 1 10 ? -5.633  3.201   -1.014  1.00 80.91  ? 10  G   D N7     1 
ATOM   627 C  C5     . G   C 1 10 ? -4.965  2.115   -0.470  1.00 80.51  ? 10  G   D C5     1 
ATOM   628 C  C6     . G   C 1 10 ? -4.588  1.840   0.868   1.00 76.90  ? 10  G   D C6     1 
ATOM   629 O  O6     . G   C 1 10 ? -4.763  2.529   1.872   1.00 72.76  ? 10  G   D O6     1 
ATOM   630 N  N1     . G   C 1 10 ? -3.936  0.612   0.976   1.00 80.21  ? 10  G   D N1     1 
ATOM   631 C  C2     . G   C 1 10 ? -3.680  -0.238  -0.073  1.00 81.71  ? 10  G   D C2     1 
ATOM   632 N  N2     . G   C 1 10 ? -3.028  -1.371  0.239   1.00 80.05  ? 10  G   D N2     1 
ATOM   633 N  N3     . G   C 1 10 ? -4.036  0.006   -1.330  1.00 80.53  ? 10  G   D N3     1 
ATOM   634 C  C4     . G   C 1 10 ? -4.660  1.196   -1.447  1.00 79.93  ? 10  G   D C4     1 
ATOM   635 O  "O5'"  . DC  D 2 1  ? -0.762  -2.084  8.311   1.00 82.48  ? 11  DC  E "O5'"  1 
ATOM   636 C  "C5'"  . DC  D 2 1  ? -0.453  -3.454  8.131   1.00 78.99  ? 11  DC  E "C5'"  1 
ATOM   637 C  "C4'"  . DC  D 2 1  ? -0.651  -3.890  6.688   1.00 74.16  ? 11  DC  E "C4'"  1 
ATOM   638 O  "O4'"  . DC  D 2 1  ? -2.034  -3.655  6.309   1.00 80.30  ? 11  DC  E "O4'"  1 
ATOM   639 C  "C3'"  . DC  D 2 1  ? 0.147   -3.138  5.640   1.00 77.81  ? 11  DC  E "C3'"  1 
ATOM   640 O  "O3'"  . DC  D 2 1  ? 1.444   -3.697  5.504   1.00 82.38  ? 11  DC  E "O3'"  1 
ATOM   641 C  "C2'"  . DC  D 2 1  ? -0.686  -3.371  4.384   1.00 71.81  ? 11  DC  E "C2'"  1 
ATOM   642 C  "C1'"  . DC  D 2 1  ? -2.099  -3.242  4.948   1.00 78.33  ? 11  DC  E "C1'"  1 
ATOM   643 N  N1     . DC  D 2 1  ? -2.614  -1.853  4.894   1.00 75.64  ? 11  DC  E N1     1 
ATOM   644 C  C2     . DC  D 2 1  ? -2.911  -1.285  3.651   1.00 79.46  ? 11  DC  E C2     1 
ATOM   645 O  O2     . DC  D 2 1  ? -2.758  -1.963  2.630   1.00 78.93  ? 11  DC  E O2     1 
ATOM   646 N  N3     . DC  D 2 1  ? -3.369  -0.005  3.599   1.00 81.74  ? 11  DC  E N3     1 
ATOM   647 C  C4     . DC  D 2 1  ? -3.525  0.693   4.723   1.00 75.86  ? 11  DC  E C4     1 
ATOM   648 N  N4     . DC  D 2 1  ? -3.983  1.938   4.617   1.00 69.99  ? 11  DC  E N4     1 
ATOM   649 C  C5     . DC  D 2 1  ? -3.213  0.137   6.003   1.00 74.61  ? 11  DC  E C5     1 
ATOM   650 C  C6     . DC  D 2 1  ? -2.760  -1.127  6.041   1.00 71.62  ? 11  DC  E C6     1 
ATOM   651 P  P      . DT  D 2 2  ? 2.655   -2.769  4.988   1.00 88.68  ? 12  DT  E P      1 
ATOM   652 O  OP1    . DT  D 2 2  ? 3.900   -3.560  5.032   1.00 77.00  ? 12  DT  E OP1    1 
ATOM   653 O  OP2    . DT  D 2 2  ? 2.589   -1.481  5.730   1.00 80.55  ? 12  DT  E OP2    1 
ATOM   654 O  "O5'"  . DT  D 2 2  ? 2.319   -2.553  3.439   1.00 80.42  ? 12  DT  E "O5'"  1 
ATOM   655 C  "C5'"  . DT  D 2 2  ? 2.494   -3.644  2.538   1.00 79.43  ? 12  DT  E "C5'"  1 
ATOM   656 C  "C4'"  . DT  D 2 2  ? 2.033   -3.287  1.138   1.00 84.49  ? 12  DT  E "C4'"  1 
ATOM   657 O  "O4'"  . DT  D 2 2  ? 0.684   -2.780  1.181   1.00 91.68  ? 12  DT  E "O4'"  1 
ATOM   658 C  "C3'"  . DT  D 2 2  ? 2.816   -2.178  0.464   1.00 88.64  ? 12  DT  E "C3'"  1 
ATOM   659 O  "O3'"  . DT  D 2 2  ? 3.978   -2.712  -0.131  1.00 96.65  ? 12  DT  E "O3'"  1 
ATOM   660 C  "C2'"  . DT  D 2 2  ? 1.831   -1.717  -0.598  1.00 92.07  ? 12  DT  E "C2'"  1 
ATOM   661 C  "C1'"  . DT  D 2 2  ? 0.503   -1.837  0.131   1.00 87.15  ? 12  DT  E "C1'"  1 
ATOM   662 N  N1     . DT  D 2 2  ? 0.029   -0.558  0.694   1.00 82.83  ? 12  DT  E N1     1 
ATOM   663 C  C2     . DT  D 2 2  ? -0.506  0.386   -0.156  1.00 83.41  ? 12  DT  E C2     1 
ATOM   664 O  O2     . DT  D 2 2  ? -0.621  0.213   -1.361  1.00 85.58  ? 12  DT  E O2     1 
ATOM   665 N  N3     . DT  D 2 2  ? -0.922  1.535   0.456   1.00 80.76  ? 12  DT  E N3     1 
ATOM   666 C  C4     . DT  D 2 2  ? -0.847  1.826   1.802   1.00 79.21  ? 12  DT  E C4     1 
ATOM   667 O  O4     . DT  D 2 2  ? -1.250  2.883   2.262   1.00 80.93  ? 12  DT  E O4     1 
ATOM   668 C  C5     . DT  D 2 2  ? -0.263  0.795   2.629   1.00 74.18  ? 12  DT  E C5     1 
ATOM   669 C  C7     . DT  D 2 2  ? -0.133  1.000   4.098   1.00 66.92  ? 12  DT  E C7     1 
ATOM   670 C  C6     . DT  D 2 2  ? 0.142   -0.330  2.041   1.00 76.76  ? 12  DT  E C6     1 
HETATM 671 C  C4     . 05A D 2 3  ? 3.720   0.118   -4.808  1.00 95.61  ? 13  05A E C4     1 
HETATM 672 C  "C1'"  . 05A D 2 3  ? 4.289   6.427   -4.473  1.00 92.62  ? 13  05A E "C1'"  1 
HETATM 673 C  C7     . 05A D 2 3  ? 5.466   5.864   -6.881  1.00 79.29  ? 13  05A E C7     1 
HETATM 674 C  C2     . 05A D 2 3  ? 3.404   7.799   -2.566  1.00 87.25  ? 13  05A E C2     1 
HETATM 675 C  "C2'"  . 05A D 2 3  ? 5.083   7.460   -5.261  1.00 87.08  ? 13  05A E "C2'"  1 
HETATM 676 C  C21    . 05A D 2 3  ? 1.702   3.913   -1.990  1.00 88.21  ? 13  05A E C21    1 
HETATM 677 C  C11    . 05A D 2 3  ? 6.122   1.323   -4.107  1.00 88.61  ? 13  05A E C11    1 
HETATM 678 C  "C3'"  . 05A D 2 3  ? 6.485   6.949   -5.090  1.00 93.54  ? 13  05A E "C3'"  1 
HETATM 679 C  C41    . 05A D 2 3  ? 1.813   4.277   0.292   1.00 83.81  ? 13  05A E C41    1 
HETATM 680 C  "C4'"  . 05A D 2 3  ? 6.120   5.576   -5.546  1.00 92.96  ? 13  05A E "C4'"  1 
HETATM 681 C  C8     . 05A D 2 3  ? 3.890   7.291   -0.357  1.00 83.28  ? 13  05A E C8     1 
HETATM 682 C  C51    . 05A D 2 3  ? 2.469   2.968   0.453   1.00 84.62  ? 13  05A E C51    1 
HETATM 683 C  "C5'"  . 05A D 2 3  ? 7.286   4.603   -5.540  1.00 92.05  ? 13  05A E "C5'"  1 
HETATM 684 C  C5     . 05A D 2 3  ? 4.701   6.148   -0.815  1.00 80.62  ? 13  05A E C5     1 
HETATM 685 C  C6     . 05A D 2 3  ? 4.794   5.908   -2.170  1.00 90.69  ? 13  05A E C6     1 
HETATM 686 C  C61    . 05A D 2 3  ? 2.691   2.202   -0.670  1.00 86.49  ? 13  05A E C61    1 
HETATM 687 C  C5A    . 05A D 2 3  ? 2.890   2.475   1.807   1.00 83.33  ? 13  05A E C5A    1 
HETATM 688 C  C5M    . 05A D 2 3  ? 5.407   5.261   0.171   1.00 80.75  ? 13  05A E C5M    1 
HETATM 689 C  C1     . 05A D 2 3  ? 6.790   2.669   -4.164  1.00 97.04  ? 13  05A E C1     1 
HETATM 690 N  N1     . 05A D 2 3  ? 4.175   6.715   -3.039  1.00 85.04  ? 13  05A E N1     1 
HETATM 691 N  N11    . 05A D 2 3  ? 2.330   2.657   -1.872  1.00 87.12  ? 13  05A E N11    1 
HETATM 692 N  "N5'"  . 05A D 2 3  ? 6.792   3.258   -5.353  1.00 91.56  ? 13  05A E "N5'"  1 
HETATM 693 N  N3     . 05A D 2 3  ? 3.288   8.051   -1.263  1.00 85.06  ? 13  05A E N3     1 
HETATM 694 N  N31    . 05A D 2 3  ? 1.467   4.673   -0.924  1.00 82.81  ? 13  05A E N31    1 
HETATM 695 O  O2     . 05A D 2 3  ? 2.809   8.559   -3.354  1.00 91.75  ? 13  05A E O2     1 
HETATM 696 O  O21    . 05A D 2 3  ? 1.351   4.338   -3.105  1.00 87.41  ? 13  05A E O21    1 
HETATM 697 O  "O2'"  . 05A D 2 3  ? 3.580   1.514   -5.104  1.00 94.63  ? 13  05A E "O2'"  1 
HETATM 698 O  "O3'"  . 05A D 2 3  ? 7.422   7.596   -5.979  1.00 97.35  ? 13  05A E "O3'"  1 
HETATM 699 O  O31    . 05A D 2 3  ? 4.831   7.123   -6.626  1.00 91.98  ? 13  05A E O31    1 
HETATM 700 O  O41    . 05A D 2 3  ? 1.595   5.001   1.278   1.00 87.77  ? 13  05A E O41    1 
HETATM 701 O  "O4'"  . 05A D 2 3  ? 5.063   5.242   -4.651  1.00 94.67  ? 13  05A E "O4'"  1 
HETATM 702 O  O4     . 05A D 2 3  ? 3.776   7.547   0.855   1.00 87.83  ? 13  05A E O4     1 
HETATM 703 O  O1     . 05A D 2 3  ? 7.281   3.164   -3.165  1.00 98.41  ? 13  05A E O1     1 
HETATM 704 O  "O5'"  . 05A D 2 3  ? 4.977   -0.717  -1.369  1.00 89.57  ? 13  05A E "O5'"  1 
HETATM 705 O  OP1    . 05A D 2 3  ? 6.412   -2.746  -0.826  1.00 103.41 ? 13  05A E OP1    1 
HETATM 706 O  OP2    . 05A D 2 3  ? 5.726   -1.263  1.059   1.00 82.30  ? 13  05A E OP2    1 
HETATM 707 P  P      . 05A D 2 3  ? 5.341   -1.845  -0.283  1.00 91.33  ? 13  05A E P      1 
HETATM 708 C  "C1'1" . 05A D 2 3  ? 2.558   1.833   -3.060  1.00 91.69  ? 13  05A E "C1'1" 1 
HETATM 709 C  "C2'1" . 05A D 2 3  ? 3.776   2.230   -3.883  1.00 91.24  ? 13  05A E "C2'1" 1 
HETATM 710 C  "C3'1" . 05A D 2 3  ? 4.875   1.418   -3.257  1.00 91.55  ? 13  05A E "C3'1" 1 
HETATM 711 C  "C4'1" . 05A D 2 3  ? 4.071   0.160   -3.336  1.00 93.30  ? 13  05A E "C4'1" 1 
HETATM 712 C  "C5'1" . 05A D 2 3  ? 4.774   -1.042  -2.739  1.00 87.73  ? 13  05A E "C5'1" 1 
HETATM 713 O  "O4'1" . 05A D 2 3  ? 2.869   0.503   -2.661  1.00 92.07  ? 13  05A E "O4'1" 1 
ATOM   714 P  P      . DT  D 2 4  ? 8.255   8.915   -5.515  1.00 98.59  ? 14  DT  E P      1 
ATOM   715 O  OP1    . DT  D 2 4  ? 9.204   9.261   -6.603  1.00 97.25  ? 14  DT  E OP1    1 
ATOM   716 O  OP2    . DT  D 2 4  ? 8.740   8.689   -4.126  1.00 91.38  ? 14  DT  E OP2    1 
ATOM   717 O  "O5'"  . DT  D 2 4  ? 7.164   10.068  -5.503  1.00 87.46  ? 14  DT  E "O5'"  1 
ATOM   718 C  "C5'"  . DT  D 2 4  ? 6.626   10.529  -6.706  1.00 84.56  ? 14  DT  E "C5'"  1 
ATOM   719 C  "C4'"  . DT  D 2 4  ? 5.768   11.739  -6.440  1.00 90.25  ? 14  DT  E "C4'"  1 
ATOM   720 O  "O4'"  . DT  D 2 4  ? 4.723   11.377  -5.512  1.00 91.93  ? 14  DT  E "O4'"  1 
ATOM   721 C  "C3'"  . DT  D 2 4  ? 6.483   12.884  -5.747  1.00 93.48  ? 14  DT  E "C3'"  1 
ATOM   722 O  "O3'"  . DT  D 2 4  ? 7.174   13.671  -6.680  1.00 94.01  ? 14  DT  E "O3'"  1 
ATOM   723 C  "C2'"  . DT  D 2 4  ? 5.310   13.639  -5.144  1.00 89.38  ? 14  DT  E "C2'"  1 
ATOM   724 C  "C1'"  . DT  D 2 4  ? 4.436   12.482  -4.669  1.00 93.21  ? 14  DT  E "C1'"  1 
ATOM   725 N  N1     . DT  D 2 4  ? 4.690   12.091  -3.249  1.00 89.34  ? 14  DT  E N1     1 
ATOM   726 C  C2     . DT  D 2 4  ? 4.146   12.856  -2.240  1.00 89.87  ? 14  DT  E C2     1 
ATOM   727 O  O2     . DT  D 2 4  ? 3.456   13.849  -2.451  1.00 90.20  ? 14  DT  E O2     1 
ATOM   728 N  N3     . DT  D 2 4  ? 4.434   12.423  -0.972  1.00 85.40  ? 14  DT  E N3     1 
ATOM   729 C  C4     . DT  D 2 4  ? 5.193   11.323  -0.624  1.00 87.16  ? 14  DT  E C4     1 
ATOM   730 O  O4     . DT  D 2 4  ? 5.391   11.012  0.542   1.00 86.77  ? 14  DT  E O4     1 
ATOM   731 C  C5     . DT  D 2 4  ? 5.738   10.565  -1.731  1.00 88.49  ? 14  DT  E C5     1 
ATOM   732 C  C7     . DT  D 2 4  ? 6.581   9.347   -1.470  1.00 84.36  ? 14  DT  E C7     1 
ATOM   733 C  C6     . DT  D 2 4  ? 5.460   10.979  -2.976  1.00 83.97  ? 14  DT  E C6     1 
ATOM   734 P  P      . DC  D 2 5  ? 8.550   14.386  -6.268  1.00 100.45 ? 15  DC  E P      1 
ATOM   735 O  OP1    . DC  D 2 5  ? 9.178   14.797  -7.548  1.00 105.65 ? 15  DC  E OP1    1 
ATOM   736 O  OP2    . DC  D 2 5  ? 9.289   13.508  -5.330  1.00 96.92  ? 15  DC  E OP2    1 
ATOM   737 O  "O5'"  . DC  D 2 5  ? 8.073   15.678  -5.444  1.00 97.13  ? 15  DC  E "O5'"  1 
ATOM   738 C  "C5'"  . DC  D 2 5  ? 7.239   16.653  -6.066  1.00 95.24  ? 15  DC  E "C5'"  1 
ATOM   739 C  "C4'"  . DC  D 2 5  ? 6.821   17.718  -5.071  1.00 93.68  ? 15  DC  E "C4'"  1 
ATOM   740 O  "O4'"  . DC  D 2 5  ? 5.804   17.188  -4.175  1.00 97.15  ? 15  DC  E "O4'"  1 
ATOM   741 C  "C3'"  . DC  D 2 5  ? 7.923   18.181  -4.148  1.00 93.58  ? 15  DC  E "C3'"  1 
ATOM   742 O  "O3'"  . DC  D 2 5  ? 8.722   19.163  -4.789  1.00 82.48  ? 15  DC  E "O3'"  1 
ATOM   743 C  "C2'"  . DC  D 2 5  ? 7.115   18.748  -2.981  1.00 91.13  ? 15  DC  E "C2'"  1 
ATOM   744 C  "C1'"  . DC  D 2 5  ? 6.000   17.706  -2.864  1.00 91.58  ? 15  DC  E "C1'"  1 
ATOM   745 N  N1     . DC  D 2 5  ? 6.339   16.551  -1.918  1.00 94.00  ? 15  DC  E N1     1 
ATOM   746 C  C2     . DC  D 2 5  ? 6.074   16.669  -0.538  1.00 89.58  ? 15  DC  E C2     1 
ATOM   747 O  O2     . DC  D 2 5  ? 5.554   17.706  -0.105  1.00 85.05  ? 15  DC  E O2     1 
ATOM   748 N  N3     . DC  D 2 5  ? 6.400   15.637  0.284   1.00 85.48  ? 15  DC  E N3     1 
ATOM   749 C  C4     . DC  D 2 5  ? 6.968   14.529  -0.212  1.00 87.76  ? 15  DC  E C4     1 
ATOM   750 N  N4     . DC  D 2 5  ? 7.264   13.535  0.642   1.00 86.62  ? 15  DC  E N4     1 
ATOM   751 C  C5     . DC  D 2 5  ? 7.250   14.389  -1.604  1.00 90.06  ? 15  DC  E C5     1 
ATOM   752 C  C6     . DC  D 2 5  ? 6.926   15.413  -2.410  1.00 92.37  ? 15  DC  E C6     1 
ATOM   753 P  P      . DT  D 2 6  ? 10.284  19.277  -4.429  1.00 92.12  ? 16  DT  E P      1 
ATOM   754 O  OP1    . DT  D 2 6  ? 10.866  20.281  -5.354  1.00 103.54 ? 16  DT  E OP1    1 
ATOM   755 O  OP2    . DT  D 2 6  ? 10.870  17.923  -4.362  1.00 90.56  ? 16  DT  E OP2    1 
ATOM   756 O  "O5'"  . DT  D 2 6  ? 10.298  19.810  -2.914  1.00 89.45  ? 16  DT  E "O5'"  1 
ATOM   757 C  "C5'"  . DT  D 2 6  ? 9.794   21.097  -2.606  1.00 83.54  ? 16  DT  E "C5'"  1 
ATOM   758 C  "C4'"  . DT  D 2 6  ? 9.707   21.297  -1.108  1.00 84.22  ? 16  DT  E "C4'"  1 
ATOM   759 O  "O4'"  . DT  D 2 6  ? 8.798   20.327  -0.536  1.00 86.72  ? 16  DT  E "O4'"  1 
ATOM   760 C  "C3'"  . DT  D 2 6  ? 11.001  21.085  -0.346  1.00 88.58  ? 16  DT  E "C3'"  1 
ATOM   761 O  "O3'"  . DT  D 2 6  ? 11.807  22.260  -0.409  1.00 85.37  ? 16  DT  E "O3'"  1 
ATOM   762 C  "C2'"  . DT  D 2 6  ? 10.472  20.840  1.067   1.00 84.62  ? 16  DT  E "C2'"  1 
ATOM   763 C  "C1'"  . DT  D 2 6  ? 9.213   20.018  0.792   1.00 87.69  ? 16  DT  E "C1'"  1 
ATOM   764 N  N1     . DT  D 2 6  ? 9.455   18.559  0.902   1.00 90.25  ? 16  DT  E N1     1 
ATOM   765 C  C2     . DT  D 2 6  ? 9.362   17.947  2.139   1.00 90.42  ? 16  DT  E C2     1 
ATOM   766 O  O2     . DT  D 2 6  ? 9.060   18.534  3.158   1.00 84.32  ? 16  DT  E O2     1 
ATOM   767 N  N3     . DT  D 2 6  ? 9.641   16.609  2.138   1.00 92.49  ? 16  DT  E N3     1 
ATOM   768 C  C4     . DT  D 2 6  ? 9.986   15.831  1.056   1.00 85.46  ? 16  DT  E C4     1 
ATOM   769 O  O4     . DT  D 2 6  ? 10.199  14.638  1.169   1.00 86.44  ? 16  DT  E O4     1 
ATOM   770 C  C5     . DT  D 2 6  ? 10.069  16.530  -0.215  1.00 87.35  ? 16  DT  E C5     1 
ATOM   771 C  C7     . DT  D 2 6  ? 10.440  15.799  -1.469  1.00 83.25  ? 16  DT  E C7     1 
ATOM   772 C  C6     . DT  D 2 6  ? 9.805   17.845  -0.227  1.00 89.59  ? 16  DT  E C6     1 
ATOM   773 P  P      . DT  D 2 7  ? 13.371  22.201  -0.047  1.00 80.50  ? 17  DT  E P      1 
ATOM   774 O  OP1    . DT  D 2 7  ? 13.940  23.507  -0.430  1.00 94.17  ? 17  DT  E OP1    1 
ATOM   775 O  OP2    . DT  D 2 7  ? 13.952  20.959  -0.605  1.00 82.96  ? 17  DT  E OP2    1 
ATOM   776 O  "O5'"  . DT  D 2 7  ? 13.417  22.028  1.544   1.00 77.94  ? 17  DT  E "O5'"  1 
ATOM   777 C  "C5'"  . DT  D 2 7  ? 12.996  23.071  2.388   1.00 80.14  ? 17  DT  E "C5'"  1 
ATOM   778 C  "C4'"  . DT  D 2 7  ? 12.920  22.589  3.831   1.00 80.79  ? 17  DT  E "C4'"  1 
ATOM   779 O  "O4'"  . DT  D 2 7  ? 12.035  21.449  3.923   1.00 81.81  ? 17  DT  E "O4'"  1 
ATOM   780 C  "C3'"  . DT  D 2 7  ? 14.229  22.103  4.408   1.00 83.03  ? 17  DT  E "C3'"  1 
ATOM   781 O  "O3'"  . DT  D 2 7  ? 14.929  23.182  4.966   1.00 87.58  ? 17  DT  E "O3'"  1 
ATOM   782 C  "C2'"  . DT  D 2 7  ? 13.777  21.142  5.493   1.00 81.74  ? 17  DT  E "C2'"  1 
ATOM   783 C  "C1'"  . DT  D 2 7  ? 12.504  20.558  4.915   1.00 82.04  ? 17  DT  E "C1'"  1 
ATOM   784 N  N1     . DT  D 2 7  ? 12.709  19.213  4.298   1.00 85.04  ? 17  DT  E N1     1 
ATOM   785 C  C2     . DT  D 2 7  ? 12.765  18.108  5.117   1.00 81.66  ? 17  DT  E C2     1 
ATOM   786 O  O2     . DT  D 2 7  ? 12.680  18.177  6.329   1.00 83.20  ? 17  DT  E O2     1 
ATOM   787 N  N3     . DT  D 2 7  ? 12.949  16.919  4.470   1.00 81.60  ? 17  DT  E N3     1 
ATOM   788 C  C4     . DT  D 2 7  ? 13.054  16.719  3.106   1.00 86.87  ? 17  DT  E C4     1 
ATOM   789 O  O4     . DT  D 2 7  ? 13.209  15.609  2.622   1.00 81.35  ? 17  DT  E O4     1 
ATOM   790 C  C5     . DT  D 2 7  ? 12.978  17.917  2.293   1.00 94.36  ? 17  DT  E C5     1 
ATOM   791 C  C7     . DT  D 2 7  ? 13.090  17.825  0.792   1.00 82.31  ? 17  DT  E C7     1 
ATOM   792 C  C6     . DT  D 2 7  ? 12.809  19.098  2.925   1.00 86.76  ? 17  DT  E C6     1 
ATOM   793 P  P      . DT  D 2 8  ? 16.547  23.157  5.176   1.00 81.70  ? 18  DT  E P      1 
ATOM   794 O  OP1    . DT  D 2 8  ? 16.943  24.456  5.761   1.00 91.52  ? 18  DT  E OP1    1 
ATOM   795 O  OP2    . DT  D 2 8  ? 17.199  22.696  3.922   1.00 89.58  ? 18  DT  E OP2    1 
ATOM   796 O  "O5'"  . DT  D 2 8  ? 16.781  22.071  6.317   1.00 77.27  ? 18  DT  E "O5'"  1 
ATOM   797 C  "C5'"  . DT  D 2 8  ? 16.610  22.399  7.707   1.00 85.02  ? 18  DT  E "C5'"  1 
ATOM   798 C  "C4'"  . DT  D 2 8  ? 16.412  21.137  8.512   1.00 84.39  ? 18  DT  E "C4'"  1 
ATOM   799 O  "O4'"  . DT  D 2 8  ? 15.691  20.183  7.711   1.00 92.94  ? 18  DT  E "O4'"  1 
ATOM   800 C  "C3'"  . DT  D 2 8  ? 17.704  20.427  8.889   1.00 79.91  ? 18  DT  E "C3'"  1 
ATOM   801 O  "O3'"  . DT  D 2 8  ? 18.152  20.842  10.188  1.00 93.26  ? 18  DT  E "O3'"  1 
ATOM   802 C  "C2'"  . DT  D 2 8  ? 17.307  18.963  8.932   1.00 88.63  ? 18  DT  E "C2'"  1 
ATOM   803 C  "C1'"  . DT  D 2 8  ? 16.053  18.862  8.079   1.00 91.94  ? 18  DT  E "C1'"  1 
ATOM   804 N  N1     . DT  D 2 8  ? 16.219  18.080  6.844   1.00 86.51  ? 18  DT  E N1     1 
ATOM   805 C  C2     . DT  D 2 8  ? 16.259  16.710  6.947   1.00 82.78  ? 18  DT  E C2     1 
ATOM   806 O  O2     . DT  D 2 8  ? 16.179  16.121  8.012   1.00 83.65  ? 18  DT  E O2     1 
ATOM   807 N  N3     . DT  D 2 8  ? 16.405  16.051  5.754   1.00 76.37  ? 18  DT  E N3     1 
ATOM   808 C  C4     . DT  D 2 8  ? 16.511  16.614  4.498   1.00 83.65  ? 18  DT  E C4     1 
ATOM   809 O  O4     . DT  D 2 8  ? 16.639  15.891  3.513   1.00 91.87  ? 18  DT  E O4     1 
ATOM   810 C  C5     . DT  D 2 8  ? 16.460  18.056  4.463   1.00 84.70  ? 18  DT  E C5     1 
ATOM   811 C  C7     . DT  D 2 8  ? 16.571  18.755  3.146   1.00 77.53  ? 18  DT  E C7     1 
ATOM   812 C  C6     . DT  D 2 8  ? 16.322  18.707  5.623   1.00 86.82  ? 18  DT  E C6     1 
ATOM   813 P  P      . DG  D 2 9  ? 19.725  20.801  10.598  1.00 100.41 ? 19  DG  E P      1 
ATOM   814 O  OP1    . DG  D 2 9  ? 19.832  21.381  11.958  1.00 106.63 ? 19  DG  E OP1    1 
ATOM   815 O  OP2    . DG  D 2 9  ? 20.481  21.388  9.466   1.00 89.22  ? 19  DG  E OP2    1 
ATOM   816 O  "O5'"  . DG  D 2 9  ? 20.061  19.245  10.626  1.00 88.87  ? 19  DG  E "O5'"  1 
ATOM   817 C  "C5'"  . DG  D 2 9  ? 19.514  18.422  11.649  1.00 89.62  ? 19  DG  E "C5'"  1 
ATOM   818 C  "C4'"  . DG  D 2 9  ? 20.170  17.053  11.626  1.00 94.18  ? 19  DG  E "C4'"  1 
ATOM   819 O  "O4'"  . DG  D 2 9  ? 19.559  16.263  10.598  1.00 98.19  ? 19  DG  E "O4'"  1 
ATOM   820 C  "C3'"  . DG  D 2 9  ? 21.670  17.075  11.343  1.00 91.28  ? 19  DG  E "C3'"  1 
ATOM   821 O  "O3'"  . DG  D 2 9  ? 22.387  16.732  12.529  1.00 99.71  ? 19  DG  E "O3'"  1 
ATOM   822 C  "C2'"  . DG  D 2 9  ? 21.904  16.055  10.227  1.00 90.51  ? 19  DG  E "C2'"  1 
ATOM   823 C  "C1'"  . DG  D 2 9  ? 20.519  15.475  9.935   1.00 97.89  ? 19  DG  E "C1'"  1 
ATOM   824 N  N9     . DG  D 2 9  ? 20.172  15.459  8.522   1.00 92.52  ? 19  DG  E N9     1 
ATOM   825 C  C8     . DG  D 2 9  ? 19.874  16.539  7.739   1.00 88.43  ? 19  DG  E C8     1 
ATOM   826 N  N7     . DG  D 2 9  ? 19.574  16.224  6.515   1.00 86.23  ? 19  DG  E N7     1 
ATOM   827 C  C5     . DG  D 2 9  ? 19.676  14.848  6.486   1.00 92.61  ? 19  DG  E C5     1 
ATOM   828 C  C6     . DG  D 2 9  ? 19.467  13.950  5.419   1.00 92.82  ? 19  DG  E C6     1 
ATOM   829 O  O6     . DG  D 2 9  ? 19.142  14.214  4.250   1.00 90.56  ? 19  DG  E O6     1 
ATOM   830 N  N1     . DG  D 2 9  ? 19.660  12.621  5.818   1.00 92.20  ? 19  DG  E N1     1 
ATOM   831 C  C2     . DG  D 2 9  ? 20.026  12.226  7.089   1.00 94.26  ? 19  DG  E C2     1 
ATOM   832 N  N2     . DG  D 2 9  ? 20.179  10.908  7.285   1.00 94.15  ? 19  DG  E N2     1 
ATOM   833 N  N3     . DG  D 2 9  ? 20.232  13.067  8.099   1.00 95.70  ? 19  DG  E N3     1 
ATOM   834 C  C4     . DG  D 2 9  ? 20.037  14.357  7.721   1.00 94.68  ? 19  DG  E C4     1 
HETATM 835 MG MG     . MG  E 3 .  ? -5.835  -19.280 5.258   0.44 85.99  ? 101 MG  B MG     1 
HETATM 836 MG MG     . MG  F 3 .  ? -6.646  6.659   1.285   1.00 98.14  ? 101 MG  D MG     1 
HETATM 837 O  O      . HOH G 4 .  ? 13.677  27.111  5.991   1.00 86.87  ? 101 HOH E O      1 
# 
